data_1DM3
#
_entry.id   1DM3
#
_cell.length_a   84.384
_cell.length_b   78.846
_cell.length_c   149.729
_cell.angle_alpha   90.00
_cell.angle_beta   93.51
_cell.angle_gamma   90.00
#
_symmetry.space_group_name_H-M   'P 1 21 1'
#
loop_
_entity.id
_entity.type
_entity.pdbx_description
1 polymer 'BIOSYNTHETIC THIOLASE ACETYLATED AT CYS89'
2 non-polymer 'SULFATE ION'
3 non-polymer 'ACETYL COENZYME *A'
4 water water
#
_entity_poly.entity_id   1
_entity_poly.type   'polypeptide(L)'
_entity_poly.pdbx_seq_one_letter_code
;SIVIASAARTAVGSFNGAFANTPAHELGATVISAVLERAGVAAGEVNEVILGQVLPAGEGQNPARQAAMKAGVPQEATAW
GMNQL(SCY)GSGLRAVALGMQQIATGDASIIVAGGMESMSMAPHCAHLRGGVKMGDFKMIDTMIKDGLTDAFYGYHMGT
TAENVAKQWQLSRDEQDAFAVASQNKAEAAQKDGRFKDEIVPFIVKGRKGDITVDADEYIRHGATLDSMAKLRPAFDKEG
TVTAGNASGLNDGAAAALLMSEAEASRRGIQPLGRIVSWATVGVDPKVMGTGPIPASRKALERAGWKIGDLDLVEANEAF
AAQACAVNKDLGWDPSIVNVNGGAIAIGHPIGASGARILNTLLFEMKRRGARKGLATLCIGGGMGVAMCIESL
;
_entity_poly.pdbx_strand_id   A,B,C,D
#
loop_
_chem_comp.id
_chem_comp.type
_chem_comp.name
_chem_comp.formula
ACO non-polymer 'ACETYL COENZYME *A' 'C23 H38 N7 O17 P3 S'
SO4 non-polymer 'SULFATE ION' 'O4 S -2'
#
# COMPACT_ATOMS: atom_id res chain seq x y z
N SER A 1 -40.66 -25.85 19.00
CA SER A 1 -40.12 -26.48 17.78
C SER A 1 -38.62 -26.36 17.58
N ILE A 2 -37.89 -25.27 17.58
CA ILE A 2 -36.42 -25.36 17.37
C ILE A 2 -35.61 -25.02 18.63
N VAL A 3 -34.68 -25.89 19.02
CA VAL A 3 -33.95 -25.55 20.25
C VAL A 3 -32.47 -25.28 19.98
N ILE A 4 -31.80 -24.71 20.99
CA ILE A 4 -30.39 -24.49 20.97
C ILE A 4 -29.89 -25.69 21.79
N ALA A 5 -29.30 -26.66 21.10
CA ALA A 5 -28.82 -27.82 21.91
C ALA A 5 -27.66 -27.54 22.82
N SER A 6 -26.74 -26.70 22.34
CA SER A 6 -25.50 -26.31 23.01
C SER A 6 -24.96 -25.05 22.33
N ALA A 7 -24.04 -24.46 23.07
CA ALA A 7 -23.38 -23.28 22.52
C ALA A 7 -22.00 -23.13 23.09
N ALA A 8 -21.15 -22.35 22.41
CA ALA A 8 -19.83 -22.03 22.93
C ALA A 8 -19.32 -20.68 22.35
N ARG A 9 -18.40 -20.08 23.10
CA ARG A 9 -17.75 -18.90 22.52
C ARG A 9 -16.29 -18.89 22.92
N THR A 10 -15.48 -18.14 22.09
CA THR A 10 -14.13 -17.97 22.55
C THR A 10 -14.14 -16.82 23.57
N ALA A 11 -13.09 -16.72 24.38
CA ALA A 11 -12.87 -15.53 25.17
C ALA A 11 -12.83 -14.41 24.09
N VAL A 12 -13.20 -13.20 24.53
CA VAL A 12 -13.14 -12.01 23.66
C VAL A 12 -11.78 -11.39 23.79
N GLY A 13 -11.08 -11.21 22.66
CA GLY A 13 -9.74 -10.60 22.71
C GLY A 13 -9.76 -9.09 22.59
N SER A 14 -8.77 -8.37 23.10
CA SER A 14 -8.50 -6.98 23.00
C SER A 14 -7.99 -6.69 21.56
N PHE A 15 -8.11 -5.45 21.14
CA PHE A 15 -7.73 -5.07 19.77
C PHE A 15 -6.29 -5.30 19.59
N ASN A 16 -5.80 -5.99 18.60
CA ASN A 16 -4.37 -6.28 18.41
C ASN A 16 -3.77 -6.90 19.70
N GLY A 17 -4.56 -7.69 20.40
CA GLY A 17 -4.37 -8.38 21.64
C GLY A 17 -3.98 -9.84 21.44
N ALA A 18 -4.63 -10.68 22.23
CA ALA A 18 -4.26 -12.12 22.17
C ALA A 18 -4.54 -12.78 20.82
N PHE A 19 -5.45 -12.19 20.05
CA PHE A 19 -5.78 -12.77 18.74
C PHE A 19 -5.40 -11.79 17.65
N ALA A 20 -4.40 -10.93 17.94
CA ALA A 20 -3.86 -9.95 17.03
C ALA A 20 -3.64 -10.47 15.62
N ASN A 21 -3.14 -11.69 15.49
CA ASN A 21 -2.87 -12.26 14.20
C ASN A 21 -3.58 -13.59 13.98
N THR A 22 -4.77 -13.71 14.51
CA THR A 22 -5.56 -14.93 14.33
C THR A 22 -6.77 -14.69 13.41
N PRO A 23 -6.78 -15.28 12.23
CA PRO A 23 -7.86 -15.08 11.29
C PRO A 23 -9.15 -15.46 11.95
N ALA A 24 -10.25 -14.79 11.71
CA ALA A 24 -11.55 -15.20 12.37
C ALA A 24 -12.04 -16.59 12.29
N HIS A 25 -11.82 -17.23 11.10
CA HIS A 25 -12.19 -18.58 10.78
C HIS A 25 -11.42 -19.53 11.72
N GLU A 26 -10.21 -19.23 12.20
CA GLU A 26 -9.64 -20.17 13.18
C GLU A 26 -10.41 -20.19 14.52
N LEU A 27 -10.90 -19.02 14.92
CA LEU A 27 -11.66 -18.87 16.17
C LEU A 27 -13.02 -19.53 15.95
N GLY A 28 -13.61 -19.35 14.74
CA GLY A 28 -14.89 -19.99 14.46
C GLY A 28 -14.75 -21.51 14.44
N ALA A 29 -13.68 -22.06 13.85
CA ALA A 29 -13.60 -23.56 13.85
C ALA A 29 -13.56 -24.09 15.29
N THR A 30 -12.87 -23.39 16.22
CA THR A 30 -12.80 -23.95 17.60
C THR A 30 -14.16 -23.89 18.20
N VAL A 31 -14.98 -22.83 17.95
CA VAL A 31 -16.34 -22.79 18.44
C VAL A 31 -17.18 -23.83 17.77
N ILE A 32 -17.06 -24.11 16.47
CA ILE A 32 -17.85 -25.20 15.84
C ILE A 32 -17.51 -26.53 16.54
N SER A 33 -16.24 -26.77 16.73
CA SER A 33 -15.87 -28.06 17.41
C SER A 33 -16.40 -28.12 18.81
N ALA A 34 -16.42 -26.96 19.52
CA ALA A 34 -16.95 -26.99 20.88
C ALA A 34 -18.46 -27.23 20.94
N VAL A 35 -19.31 -26.67 20.06
CA VAL A 35 -20.77 -26.86 20.13
C VAL A 35 -21.16 -28.31 19.87
N LEU A 36 -20.41 -28.92 19.02
CA LEU A 36 -20.57 -30.34 18.63
C LEU A 36 -20.21 -31.23 19.81
N GLU A 37 -19.03 -31.05 20.35
CA GLU A 37 -18.54 -31.74 21.51
C GLU A 37 -19.54 -31.61 22.67
N ARG A 38 -20.00 -30.34 22.87
CA ARG A 38 -20.90 -30.09 24.01
C ARG A 38 -22.25 -30.76 23.90
N ALA A 39 -22.74 -30.85 22.64
CA ALA A 39 -24.02 -31.53 22.43
C ALA A 39 -23.92 -33.02 22.21
N GLY A 40 -22.76 -33.65 22.05
CA GLY A 40 -22.66 -35.09 21.75
C GLY A 40 -23.00 -35.26 20.24
N VAL A 41 -22.83 -34.18 19.44
CA VAL A 41 -23.16 -34.24 17.99
C VAL A 41 -21.87 -34.37 17.23
N ALA A 42 -21.80 -35.21 16.19
CA ALA A 42 -20.54 -35.37 15.46
C ALA A 42 -20.51 -34.38 14.28
N ALA A 43 -19.32 -33.95 13.84
CA ALA A 43 -19.23 -33.00 12.73
C ALA A 43 -19.88 -33.61 11.48
N GLY A 44 -19.81 -34.90 11.19
CA GLY A 44 -20.51 -35.49 10.02
C GLY A 44 -22.02 -35.34 10.02
N GLU A 45 -22.67 -34.89 11.08
CA GLU A 45 -24.13 -34.75 11.10
C GLU A 45 -24.55 -33.31 10.79
N VAL A 46 -23.65 -32.36 10.70
CA VAL A 46 -24.06 -30.94 10.50
C VAL A 46 -24.45 -30.72 9.02
N ASN A 47 -25.58 -30.07 8.77
CA ASN A 47 -26.03 -29.83 7.41
C ASN A 47 -25.44 -28.50 6.84
N GLU A 48 -25.37 -27.53 7.69
CA GLU A 48 -24.95 -26.17 7.34
C GLU A 48 -24.45 -25.29 8.49
N VAL A 49 -23.40 -24.55 8.11
CA VAL A 49 -22.73 -23.63 9.03
C VAL A 49 -23.02 -22.19 8.57
N ILE A 50 -23.62 -21.39 9.43
CA ILE A 50 -23.96 -20.01 9.11
C ILE A 50 -23.22 -19.04 10.02
N LEU A 51 -22.23 -18.25 9.49
CA LEU A 51 -21.46 -17.39 10.44
C LEU A 51 -21.51 -15.89 10.07
N GLY A 52 -22.16 -15.08 10.95
CA GLY A 52 -22.19 -13.64 10.72
C GLY A 52 -20.69 -13.18 10.78
N GLN A 53 -20.37 -12.20 9.92
CA GLN A 53 -19.01 -11.69 9.88
C GLN A 53 -18.95 -10.41 9.02
N VAL A 54 -18.56 -9.32 9.64
CA VAL A 54 -18.62 -8.03 8.96
C VAL A 54 -17.35 -7.68 8.20
N LEU A 55 -16.25 -8.21 8.75
CA LEU A 55 -14.96 -7.78 8.10
C LEU A 55 -14.10 -8.94 7.66
N PRO A 56 -14.47 -9.59 6.57
CA PRO A 56 -13.74 -10.75 6.09
C PRO A 56 -12.68 -10.38 5.05
N ALA A 57 -12.60 -9.11 4.66
CA ALA A 57 -11.64 -8.73 3.64
C ALA A 57 -10.24 -9.31 3.89
N GLY A 58 -9.75 -9.94 2.85
CA GLY A 58 -8.46 -10.59 2.75
C GLY A 58 -8.33 -11.94 3.33
N GLU A 59 -9.42 -12.45 3.94
CA GLU A 59 -9.29 -13.80 4.57
C GLU A 59 -9.47 -14.91 3.59
N GLY A 60 -9.92 -14.59 2.34
CA GLY A 60 -10.06 -15.61 1.36
C GLY A 60 -11.51 -16.07 1.24
N GLN A 61 -11.76 -16.92 0.23
CA GLN A 61 -13.08 -17.34 -0.09
C GLN A 61 -13.94 -17.77 1.10
N ASN A 62 -15.10 -17.11 1.22
CA ASN A 62 -16.00 -17.58 2.29
C ASN A 62 -15.47 -18.23 3.58
N PRO A 63 -14.94 -17.45 4.53
CA PRO A 63 -14.45 -17.87 5.83
C PRO A 63 -15.40 -18.79 6.58
N ALA A 64 -16.74 -18.66 6.53
CA ALA A 64 -17.63 -19.64 7.21
C ALA A 64 -17.29 -21.07 6.76
N ARG A 65 -17.06 -21.37 5.47
CA ARG A 65 -16.71 -22.65 4.91
C ARG A 65 -15.31 -23.02 5.37
N GLN A 66 -14.35 -22.05 5.42
CA GLN A 66 -13.05 -22.29 5.95
C GLN A 66 -13.20 -22.75 7.43
N ALA A 67 -13.99 -22.08 8.27
CA ALA A 67 -14.14 -22.55 9.66
C ALA A 67 -14.78 -23.93 9.73
N ALA A 68 -15.75 -24.21 8.91
CA ALA A 68 -16.52 -25.47 8.86
C ALA A 68 -15.59 -26.61 8.42
N MET A 69 -14.84 -26.42 7.37
CA MET A 69 -13.84 -27.40 6.90
C MET A 69 -12.76 -27.67 7.93
N LYS A 70 -12.26 -26.65 8.58
CA LYS A 70 -11.25 -26.79 9.64
C LYS A 70 -11.78 -27.61 10.79
N ALA A 71 -13.02 -27.44 11.23
CA ALA A 71 -13.68 -28.19 12.26
C ALA A 71 -14.01 -29.64 11.90
N GLY A 72 -13.83 -30.02 10.62
CA GLY A 72 -14.12 -31.37 10.14
C GLY A 72 -15.53 -31.58 9.65
N VAL A 73 -16.33 -30.52 9.53
CA VAL A 73 -17.67 -30.60 8.99
C VAL A 73 -17.45 -31.16 7.60
N PRO A 74 -18.19 -32.16 7.15
CA PRO A 74 -18.00 -32.77 5.86
C PRO A 74 -18.09 -31.80 4.71
N GLN A 75 -17.40 -32.21 3.66
CA GLN A 75 -17.49 -31.38 2.38
C GLN A 75 -18.87 -31.40 1.77
N GLU A 76 -19.72 -32.37 2.07
CA GLU A 76 -21.08 -32.52 1.62
C GLU A 76 -21.98 -31.49 2.32
N ALA A 77 -21.70 -30.87 3.50
CA ALA A 77 -22.52 -29.88 4.09
C ALA A 77 -22.20 -28.56 3.38
N THR A 78 -22.86 -27.47 3.81
CA THR A 78 -22.65 -26.18 3.17
C THR A 78 -22.33 -25.14 4.26
N ALA A 79 -22.03 -23.90 3.86
CA ALA A 79 -21.70 -22.88 4.83
C ALA A 79 -21.77 -21.53 4.12
N TRP A 80 -22.09 -20.53 4.86
CA TRP A 80 -22.12 -19.15 4.25
C TRP A 80 -21.99 -18.09 5.34
N GLY A 81 -21.58 -16.91 4.91
CA GLY A 81 -21.43 -15.79 5.82
C GLY A 81 -22.55 -14.78 5.55
N MET A 82 -22.88 -14.02 6.64
CA MET A 82 -23.88 -12.96 6.36
C MET A 82 -23.45 -11.74 7.17
N ASN A 83 -24.10 -10.62 6.87
CA ASN A 83 -23.75 -9.38 7.47
C ASN A 83 -24.93 -8.45 7.69
N GLN A 84 -25.39 -8.41 8.92
CA GLN A 84 -26.40 -7.44 9.32
C GLN A 84 -25.71 -6.62 10.43
N LEU A 85 -24.42 -6.33 10.23
CA LEU A 85 -23.47 -5.57 11.03
C LEU A 85 -23.38 -6.03 12.47
N SCY A 86 -23.61 -5.29 13.52
CA SCY A 86 -23.59 -5.82 14.89
CB SCY A 86 -23.93 -4.75 15.94
SG SCY A 86 -22.49 -3.74 15.80
CD SCY A 86 -23.30 -2.61 14.77
OCD SCY A 86 -24.22 -2.11 15.30
CE SCY A 86 -23.09 -2.16 13.37
C SCY A 86 -24.69 -6.84 15.20
O SCY A 86 -24.46 -7.46 16.22
N GLY A 87 -25.79 -6.92 14.47
CA GLY A 87 -26.82 -7.92 14.87
C GLY A 87 -26.48 -9.29 14.22
N SER A 88 -25.47 -9.40 13.39
CA SER A 88 -25.11 -10.54 12.65
C SER A 88 -25.02 -11.89 13.38
N GLY A 89 -24.29 -11.85 14.52
CA GLY A 89 -24.07 -13.13 15.24
C GLY A 89 -25.41 -13.64 15.73
N LEU A 90 -26.32 -12.73 16.10
CA LEU A 90 -27.65 -13.11 16.59
C LEU A 90 -28.57 -13.43 15.42
N ARG A 91 -28.59 -12.69 14.32
CA ARG A 91 -29.45 -12.92 13.17
C ARG A 91 -29.10 -14.27 12.52
N ALA A 92 -27.84 -14.68 12.55
CA ALA A 92 -27.47 -16.02 11.95
C ALA A 92 -28.21 -17.13 12.68
N VAL A 93 -28.30 -17.03 14.03
CA VAL A 93 -29.03 -17.99 14.83
C VAL A 93 -30.50 -18.03 14.41
N ALA A 94 -31.18 -16.89 14.20
CA ALA A 94 -32.47 -16.77 13.69
C ALA A 94 -32.59 -17.44 12.31
N LEU A 95 -31.63 -17.14 11.47
CA LEU A 95 -31.57 -17.70 10.11
C LEU A 95 -31.28 -19.22 10.11
N GLY A 96 -30.50 -19.72 11.06
CA GLY A 96 -30.22 -21.18 11.22
C GLY A 96 -31.54 -21.83 11.63
N MET A 97 -32.23 -21.12 12.57
CA MET A 97 -33.57 -21.66 13.03
C MET A 97 -34.51 -21.88 11.87
N GLN A 98 -34.59 -20.92 10.95
CA GLN A 98 -35.41 -20.91 9.78
C GLN A 98 -35.11 -22.06 8.81
N GLN A 99 -33.84 -22.47 8.70
CA GLN A 99 -33.53 -23.57 7.83
C GLN A 99 -34.27 -24.83 8.31
N ILE A 100 -34.31 -25.07 9.66
CA ILE A 100 -34.94 -26.22 10.22
C ILE A 100 -36.41 -26.11 10.21
N ALA A 101 -36.98 -24.94 10.48
CA ALA A 101 -38.37 -24.63 10.52
C ALA A 101 -38.97 -24.89 9.13
N THR A 102 -38.29 -24.66 8.00
CA THR A 102 -38.78 -24.91 6.68
C THR A 102 -38.42 -26.32 6.19
N GLY A 103 -37.84 -27.16 7.02
CA GLY A 103 -37.51 -28.51 6.59
C GLY A 103 -36.32 -28.67 5.70
N ASP A 104 -35.55 -27.57 5.42
CA ASP A 104 -34.40 -27.74 4.59
C ASP A 104 -33.11 -28.22 5.21
N ALA A 105 -33.02 -28.32 6.52
CA ALA A 105 -31.88 -28.82 7.27
C ALA A 105 -32.42 -29.42 8.60
N SER A 106 -31.59 -30.28 9.18
CA SER A 106 -32.00 -30.88 10.48
C SER A 106 -31.06 -30.32 11.54
N ILE A 107 -29.76 -30.19 11.19
CA ILE A 107 -28.77 -29.74 12.16
C ILE A 107 -27.93 -28.55 11.68
N ILE A 108 -27.98 -27.43 12.40
CA ILE A 108 -27.26 -26.24 11.97
C ILE A 108 -26.30 -25.72 13.03
N VAL A 109 -25.18 -25.18 12.58
CA VAL A 109 -24.28 -24.52 13.50
C VAL A 109 -24.41 -23.02 13.15
N ALA A 110 -24.89 -22.14 14.02
CA ALA A 110 -24.98 -20.77 13.57
C ALA A 110 -24.43 -19.85 14.68
N GLY A 111 -23.90 -18.72 14.23
CA GLY A 111 -23.38 -17.70 15.17
C GLY A 111 -22.60 -16.60 14.46
N GLY A 112 -21.47 -16.16 15.02
CA GLY A 112 -20.65 -15.20 14.29
C GLY A 112 -19.21 -15.32 14.69
N MET A 113 -18.37 -14.62 13.90
CA MET A 113 -16.99 -14.54 14.14
C MET A 113 -16.50 -13.19 13.62
N GLU A 114 -15.44 -12.69 14.30
CA GLU A 114 -14.83 -11.48 13.81
C GLU A 114 -13.41 -11.29 14.30
N SER A 115 -12.59 -10.83 13.31
CA SER A 115 -11.22 -10.49 13.69
C SER A 115 -11.07 -9.02 13.32
N MET A 116 -11.40 -8.08 14.20
CA MET A 116 -11.26 -6.66 13.85
C MET A 116 -9.76 -6.33 13.70
N SER A 117 -8.95 -7.00 14.54
CA SER A 117 -7.50 -6.85 14.49
C SER A 117 -6.93 -7.19 13.10
N MET A 118 -7.42 -8.25 12.50
CA MET A 118 -6.99 -8.72 11.19
C MET A 118 -7.60 -7.97 10.02
N ALA A 119 -8.55 -7.05 10.24
CA ALA A 119 -9.07 -6.31 9.08
C ALA A 119 -7.97 -5.46 8.46
N PRO A 120 -7.96 -5.37 7.12
CA PRO A 120 -6.90 -4.65 6.44
C PRO A 120 -7.21 -3.25 6.00
N HIS A 121 -6.16 -2.60 5.44
CA HIS A 121 -6.27 -1.25 4.91
C HIS A 121 -6.48 -1.42 3.40
N CYS A 122 -7.23 -0.65 2.64
CA CYS A 122 -7.38 -1.02 1.22
C CYS A 122 -7.48 0.23 0.40
N ALA A 123 -7.34 0.01 -0.92
CA ALA A 123 -7.54 1.12 -1.81
C ALA A 123 -8.00 0.57 -3.17
N HIS A 124 -8.95 1.22 -3.81
CA HIS A 124 -9.28 0.83 -5.21
C HIS A 124 -8.23 1.47 -6.16
N LEU A 125 -7.42 0.57 -6.74
CA LEU A 125 -6.29 0.95 -7.59
C LEU A 125 -6.30 0.50 -9.04
N ARG A 126 -7.39 -0.18 -9.48
CA ARG A 126 -7.51 -0.68 -10.80
C ARG A 126 -7.42 0.38 -11.88
N GLY A 127 -8.08 1.51 -11.63
CA GLY A 127 -8.05 2.62 -12.56
C GLY A 127 -6.69 3.31 -12.59
N GLY A 128 -5.93 3.23 -11.51
CA GLY A 128 -4.62 3.85 -11.40
C GLY A 128 -4.76 5.28 -10.89
N VAL A 129 -3.72 5.72 -10.18
CA VAL A 129 -3.76 7.09 -9.62
C VAL A 129 -2.70 7.81 -10.46
N LYS A 130 -3.10 8.62 -11.44
CA LYS A 130 -2.10 9.27 -12.29
C LYS A 130 -1.04 10.02 -11.47
N MET A 131 -1.47 10.70 -10.42
CA MET A 131 -0.54 11.49 -9.63
C MET A 131 -1.28 12.03 -8.42
N GLY A 132 -0.51 12.12 -7.33
CA GLY A 132 -1.11 12.67 -6.11
C GLY A 132 -1.09 11.53 -5.09
N ASP A 133 -1.31 11.94 -3.88
CA ASP A 133 -1.37 11.03 -2.73
C ASP A 133 -2.75 10.38 -2.83
N PHE A 134 -2.98 9.22 -2.24
CA PHE A 134 -4.30 8.59 -2.21
C PHE A 134 -4.37 7.88 -0.81
N LYS A 135 -5.58 7.66 -0.39
CA LYS A 135 -5.84 7.05 0.90
C LYS A 135 -5.86 5.54 0.89
N MET A 136 -5.27 4.96 1.92
CA MET A 136 -5.26 3.54 2.26
C MET A 136 -6.29 3.60 3.43
N ILE A 137 -7.38 2.92 3.19
CA ILE A 137 -8.56 3.01 4.04
C ILE A 137 -8.62 1.85 5.03
N ASP A 138 -8.81 2.10 6.29
CA ASP A 138 -8.94 1.09 7.33
C ASP A 138 -10.32 0.44 7.13
N THR A 139 -10.37 -0.81 6.71
CA THR A 139 -11.70 -1.39 6.44
C THR A 139 -12.56 -1.56 7.68
N MET A 140 -11.93 -1.72 8.86
CA MET A 140 -12.64 -1.86 10.09
C MET A 140 -13.42 -0.59 10.34
N ILE A 141 -12.78 0.58 10.16
CA ILE A 141 -13.56 1.81 10.40
C ILE A 141 -14.63 1.97 9.32
N LYS A 142 -14.20 2.03 8.05
CA LYS A 142 -15.07 2.31 6.88
C LYS A 142 -16.19 1.35 6.70
N ASP A 143 -15.89 0.03 6.75
CA ASP A 143 -16.98 -0.94 6.54
C ASP A 143 -17.68 -1.41 7.81
N GLY A 144 -17.01 -1.26 8.95
CA GLY A 144 -17.72 -1.72 10.16
C GLY A 144 -18.33 -0.66 11.03
N LEU A 145 -17.71 0.53 11.15
CA LEU A 145 -18.09 1.51 12.12
C LEU A 145 -18.45 2.91 11.67
N THR A 146 -18.50 3.11 10.36
CA THR A 146 -18.87 4.45 9.89
C THR A 146 -20.26 4.36 9.32
N ASP A 147 -21.16 5.33 9.62
CA ASP A 147 -22.48 5.28 9.07
C ASP A 147 -22.29 5.64 7.58
N ALA A 148 -23.02 4.92 6.73
CA ALA A 148 -22.83 5.19 5.27
C ALA A 148 -23.70 6.34 4.84
N PHE A 149 -24.70 6.78 5.58
CA PHE A 149 -25.57 7.86 5.18
C PHE A 149 -25.02 9.24 5.67
N TYR A 150 -24.60 9.24 6.94
CA TYR A 150 -24.11 10.48 7.52
C TYR A 150 -22.62 10.65 7.56
N GLY A 151 -21.85 9.63 7.22
CA GLY A 151 -20.43 9.72 7.18
C GLY A 151 -19.70 9.80 8.50
N TYR A 152 -20.37 9.77 9.67
CA TYR A 152 -19.66 9.82 10.93
C TYR A 152 -19.67 8.49 11.64
N HIS A 153 -18.91 8.35 12.70
CA HIS A 153 -18.70 7.09 13.41
C HIS A 153 -19.93 6.72 14.17
N MET A 154 -20.04 5.44 14.55
CA MET A 154 -21.12 4.96 15.40
C MET A 154 -21.14 5.80 16.68
N GLY A 155 -19.95 6.28 17.10
CA GLY A 155 -19.76 7.09 18.31
C GLY A 155 -20.59 8.38 18.27
N THR A 156 -20.69 8.98 17.09
CA THR A 156 -21.49 10.18 16.91
C THR A 156 -22.96 9.81 16.99
N THR A 157 -23.41 8.61 16.54
CA THR A 157 -24.82 8.29 16.66
C THR A 157 -25.12 8.16 18.18
N ALA A 158 -24.09 7.72 18.96
CA ALA A 158 -24.29 7.61 20.38
C ALA A 158 -24.44 9.02 20.98
N GLU A 159 -23.72 10.01 20.48
CA GLU A 159 -23.83 11.36 21.03
C GLU A 159 -25.22 11.88 20.75
N ASN A 160 -25.75 11.55 19.53
CA ASN A 160 -27.09 11.94 19.17
C ASN A 160 -28.09 11.36 20.18
N VAL A 161 -27.94 10.10 20.53
CA VAL A 161 -28.81 9.43 21.50
C VAL A 161 -28.59 10.08 22.89
N ALA A 162 -27.36 10.41 23.27
CA ALA A 162 -27.15 11.05 24.57
C ALA A 162 -27.89 12.40 24.64
N LYS A 163 -27.88 13.17 23.55
CA LYS A 163 -28.51 14.49 23.63
C LYS A 163 -30.00 14.39 23.78
N GLN A 164 -30.56 13.61 22.88
CA GLN A 164 -31.98 13.36 22.73
C GLN A 164 -32.54 12.69 23.97
N TRP A 165 -31.77 11.87 24.69
CA TRP A 165 -32.45 11.29 25.88
C TRP A 165 -31.92 12.09 27.06
N GLN A 166 -31.06 13.11 26.88
CA GLN A 166 -30.49 13.90 27.97
C GLN A 166 -29.73 13.03 28.95
N LEU A 167 -28.80 12.25 28.42
CA LEU A 167 -28.04 11.35 29.29
C LEU A 167 -26.75 12.04 29.66
N SER A 168 -26.55 12.34 30.97
CA SER A 168 -25.27 13.05 31.18
C SER A 168 -24.05 12.16 31.17
N ARG A 169 -22.89 12.79 31.12
CA ARG A 169 -21.61 12.15 31.18
C ARG A 169 -21.61 11.29 32.46
N ASP A 170 -22.08 11.90 33.54
CA ASP A 170 -22.05 11.14 34.80
C ASP A 170 -22.82 9.82 34.80
N GLU A 171 -24.01 9.85 34.25
CA GLU A 171 -24.85 8.64 34.18
C GLU A 171 -24.18 7.59 33.29
N GLN A 172 -23.68 7.97 32.13
CA GLN A 172 -22.96 7.07 31.25
C GLN A 172 -21.74 6.49 31.93
N ASP A 173 -20.91 7.26 32.63
CA ASP A 173 -19.73 6.71 33.26
C ASP A 173 -20.09 5.73 34.37
N ALA A 174 -21.09 6.04 35.15
CA ALA A 174 -21.56 5.13 36.20
C ALA A 174 -22.00 3.82 35.53
N PHE A 175 -22.72 3.86 34.41
CA PHE A 175 -23.14 2.62 33.73
C PHE A 175 -21.94 1.83 33.28
N ALA A 176 -20.95 2.55 32.71
CA ALA A 176 -19.72 1.97 32.23
C ALA A 176 -18.98 1.28 33.36
N VAL A 177 -18.82 2.04 34.45
CA VAL A 177 -18.10 1.41 35.58
C VAL A 177 -18.82 0.22 36.12
N ALA A 178 -20.15 0.24 36.21
CA ALA A 178 -20.90 -0.93 36.74
C ALA A 178 -20.76 -2.10 35.80
N SER A 179 -20.67 -1.80 34.45
CA SER A 179 -20.45 -2.81 33.47
C SER A 179 -19.14 -3.51 33.76
N GLN A 180 -18.03 -2.80 33.99
CA GLN A 180 -16.74 -3.37 34.31
C GLN A 180 -16.78 -4.16 35.63
N ASN A 181 -17.37 -3.61 36.68
CA ASN A 181 -17.37 -4.28 38.01
C ASN A 181 -18.24 -5.56 37.99
N LYS A 182 -19.32 -5.56 37.28
CA LYS A 182 -20.14 -6.78 37.14
C LYS A 182 -19.36 -7.88 36.36
N ALA A 183 -18.70 -7.48 35.25
CA ALA A 183 -17.92 -8.41 34.43
C ALA A 183 -16.78 -9.01 35.22
N GLU A 184 -16.01 -8.15 35.93
CA GLU A 184 -14.96 -8.57 36.75
C GLU A 184 -15.40 -9.58 37.79
N ALA A 185 -16.48 -9.28 38.47
CA ALA A 185 -16.97 -10.21 39.51
C ALA A 185 -17.44 -11.55 38.91
N ALA A 186 -18.05 -11.49 37.71
CA ALA A 186 -18.55 -12.79 37.17
C ALA A 186 -17.30 -13.46 36.60
N GLN A 187 -16.28 -12.77 36.16
CA GLN A 187 -15.10 -13.46 35.67
C GLN A 187 -14.40 -14.14 36.86
N LYS A 188 -14.14 -13.33 37.89
CA LYS A 188 -13.49 -13.90 39.10
C LYS A 188 -14.26 -15.06 39.70
N ASP A 189 -15.58 -15.01 39.71
CA ASP A 189 -16.43 -16.09 40.22
C ASP A 189 -16.53 -17.33 39.32
N GLY A 190 -16.08 -17.33 38.09
CA GLY A 190 -16.03 -18.36 37.11
C GLY A 190 -17.31 -18.46 36.30
N ARG A 191 -18.15 -17.40 36.27
CA ARG A 191 -19.39 -17.52 35.54
C ARG A 191 -19.20 -17.47 33.98
N PHE A 192 -18.04 -17.14 33.45
CA PHE A 192 -17.75 -17.18 32.05
C PHE A 192 -17.07 -18.50 31.68
N LYS A 193 -16.68 -19.40 32.55
CA LYS A 193 -16.04 -20.66 32.17
C LYS A 193 -16.91 -21.61 31.38
N ASP A 194 -18.18 -21.79 31.65
CA ASP A 194 -19.09 -22.70 31.00
C ASP A 194 -19.20 -22.34 29.50
N GLU A 195 -19.48 -21.07 29.25
CA GLU A 195 -19.65 -20.56 27.90
C GLU A 195 -18.38 -20.55 27.06
N ILE A 196 -17.23 -20.15 27.59
CA ILE A 196 -15.98 -20.05 26.86
C ILE A 196 -15.35 -21.45 26.67
N VAL A 197 -14.86 -21.60 25.47
CA VAL A 197 -14.02 -22.71 25.04
C VAL A 197 -12.68 -22.08 24.87
N PRO A 198 -11.61 -22.59 25.52
CA PRO A 198 -10.26 -22.14 25.34
C PRO A 198 -9.84 -22.20 23.84
N PHE A 199 -9.06 -21.20 23.47
CA PHE A 199 -8.53 -21.05 22.14
C PHE A 199 -7.03 -21.16 22.22
N ILE A 200 -6.51 -22.03 21.39
CA ILE A 200 -5.02 -22.17 21.36
C ILE A 200 -4.40 -21.29 20.31
N VAL A 201 -3.65 -20.26 20.68
CA VAL A 201 -3.01 -19.38 19.71
C VAL A 201 -1.67 -20.04 19.34
N LYS A 202 -1.57 -20.55 18.11
CA LYS A 202 -0.40 -21.32 17.74
C LYS A 202 0.79 -20.42 17.61
N GLY A 203 1.75 -20.81 18.42
CA GLY A 203 2.99 -20.07 18.47
C GLY A 203 3.97 -20.79 17.52
N ARG A 204 5.18 -20.32 17.73
CA ARG A 204 6.39 -20.75 17.03
C ARG A 204 7.34 -20.96 18.22
N LYS A 205 7.24 -19.92 19.06
CA LYS A 205 8.00 -19.88 20.29
C LYS A 205 7.07 -20.07 21.47
N GLY A 206 6.12 -21.00 21.30
CA GLY A 206 5.18 -21.35 22.34
C GLY A 206 3.69 -21.16 22.05
N ASP A 207 2.91 -22.22 22.31
CA ASP A 207 1.47 -22.16 22.11
C ASP A 207 0.93 -21.47 23.37
N ILE A 208 -0.05 -20.61 23.17
CA ILE A 208 -0.68 -19.88 24.25
C ILE A 208 -2.17 -20.23 24.30
N THR A 209 -2.61 -20.67 25.46
CA THR A 209 -4.04 -20.99 25.63
C THR A 209 -4.72 -19.74 26.14
N VAL A 210 -5.76 -19.32 25.43
CA VAL A 210 -6.49 -18.11 25.82
C VAL A 210 -7.86 -18.54 26.33
N ASP A 211 -8.13 -18.32 27.66
CA ASP A 211 -9.46 -18.77 28.11
C ASP A 211 -10.20 -17.77 28.98
N ALA A 212 -9.66 -16.55 28.98
CA ALA A 212 -10.19 -15.46 29.72
C ALA A 212 -10.41 -14.15 28.90
N ASP A 213 -11.54 -13.52 29.12
CA ASP A 213 -11.86 -12.25 28.44
C ASP A 213 -10.86 -11.18 28.89
N GLU A 214 -10.01 -10.77 27.96
CA GLU A 214 -8.90 -9.91 28.31
C GLU A 214 -9.19 -8.41 28.25
N TYR A 215 -10.28 -8.01 27.67
CA TYR A 215 -10.59 -6.56 27.63
C TYR A 215 -11.19 -6.10 28.96
N ILE A 216 -11.74 -6.95 29.80
CA ILE A 216 -12.36 -6.59 31.06
C ILE A 216 -11.31 -5.92 31.95
N ARG A 217 -11.64 -4.70 32.39
CA ARG A 217 -10.67 -4.09 33.30
C ARG A 217 -10.97 -4.37 34.76
N HIS A 218 -9.90 -4.73 35.43
CA HIS A 218 -9.95 -5.04 36.86
C HIS A 218 -9.75 -3.76 37.67
N GLY A 219 -10.64 -3.50 38.58
CA GLY A 219 -10.69 -2.38 39.49
C GLY A 219 -10.91 -1.03 38.81
N ALA A 220 -11.86 -1.03 37.87
CA ALA A 220 -12.13 0.18 37.08
C ALA A 220 -12.59 1.31 37.98
N THR A 221 -12.12 2.55 37.85
CA THR A 221 -12.58 3.53 38.82
C THR A 221 -13.40 4.54 38.07
N LEU A 222 -14.32 5.09 38.86
CA LEU A 222 -15.12 6.22 38.37
C LEU A 222 -14.18 7.35 37.92
N ASP A 223 -13.25 7.74 38.76
CA ASP A 223 -12.29 8.81 38.55
C ASP A 223 -11.55 8.74 37.22
N SER A 224 -11.00 7.58 36.87
CA SER A 224 -10.22 7.51 35.62
C SER A 224 -11.10 7.56 34.37
N MET A 225 -12.32 7.12 34.52
CA MET A 225 -13.36 7.21 33.50
C MET A 225 -13.80 8.69 33.33
N ALA A 226 -13.98 9.41 34.46
CA ALA A 226 -14.37 10.79 34.50
C ALA A 226 -13.33 11.69 33.86
N LYS A 227 -12.09 11.28 33.93
CA LYS A 227 -11.00 12.10 33.38
C LYS A 227 -10.80 11.99 31.89
N LEU A 228 -11.48 11.03 31.24
CA LEU A 228 -11.24 10.79 29.82
C LEU A 228 -11.82 11.88 28.98
N ARG A 229 -11.23 12.19 27.84
CA ARG A 229 -11.71 13.18 26.90
C ARG A 229 -12.70 12.45 25.97
N PRO A 230 -13.71 13.16 25.50
CA PRO A 230 -14.67 12.67 24.50
C PRO A 230 -13.84 12.20 23.29
N ALA A 231 -14.35 11.18 22.62
CA ALA A 231 -13.57 10.60 21.53
C ALA A 231 -14.10 10.90 20.15
N PHE A 232 -15.35 11.30 20.03
CA PHE A 232 -16.00 11.50 18.72
C PHE A 232 -16.45 12.92 18.49
N ASP A 233 -16.96 13.53 19.55
CA ASP A 233 -17.37 14.91 19.52
C ASP A 233 -16.42 15.68 20.43
N LYS A 234 -15.48 16.45 19.88
CA LYS A 234 -14.55 17.19 20.74
C LYS A 234 -15.22 17.75 21.99
N GLU A 235 -16.47 18.19 22.03
CA GLU A 235 -17.05 18.59 23.31
C GLU A 235 -18.31 17.78 23.63
N GLY A 236 -18.21 16.45 23.42
CA GLY A 236 -19.33 15.58 23.73
C GLY A 236 -19.45 14.94 25.10
N THR A 237 -19.87 13.66 25.04
CA THR A 237 -20.08 12.84 26.24
C THR A 237 -19.70 11.39 26.20
N VAL A 238 -19.54 10.85 25.02
CA VAL A 238 -19.07 9.50 24.79
C VAL A 238 -17.55 9.53 24.72
N THR A 239 -16.93 8.56 25.45
CA THR A 239 -15.48 8.54 25.52
C THR A 239 -15.10 7.09 25.26
N ALA A 240 -13.80 6.79 25.23
CA ALA A 240 -13.34 5.44 25.06
C ALA A 240 -13.78 4.59 26.24
N GLY A 241 -13.91 5.22 27.41
CA GLY A 241 -14.34 4.49 28.59
C GLY A 241 -15.79 4.05 28.56
N ASN A 242 -16.71 4.91 28.14
CA ASN A 242 -18.11 4.53 28.16
C ASN A 242 -18.67 3.98 26.84
N ALA A 243 -17.85 3.60 25.88
CA ALA A 243 -18.15 3.02 24.61
C ALA A 243 -17.49 1.59 24.68
N SER A 244 -17.94 0.69 23.86
CA SER A 244 -17.47 -0.69 23.74
C SER A 244 -16.11 -0.59 23.04
N GLY A 245 -15.30 -1.69 22.99
CA GLY A 245 -14.08 -1.44 22.24
C GLY A 245 -14.12 -2.02 20.82
N LEU A 246 -12.92 -2.33 20.33
CA LEU A 246 -12.64 -2.96 19.08
C LEU A 246 -12.11 -4.32 19.47
N ASN A 247 -12.69 -5.42 19.08
CA ASN A 247 -12.31 -6.73 19.64
C ASN A 247 -12.37 -7.90 18.71
N ASP A 248 -11.91 -9.06 19.18
CA ASP A 248 -11.80 -10.25 18.32
C ASP A 248 -12.48 -11.40 19.10
N GLY A 249 -13.23 -12.22 18.41
CA GLY A 249 -13.84 -13.37 19.01
C GLY A 249 -14.76 -14.15 18.07
N ALA A 250 -15.31 -15.24 18.49
CA ALA A 250 -16.29 -16.00 17.79
C ALA A 250 -17.27 -16.63 18.78
N ALA A 251 -18.45 -16.95 18.28
CA ALA A 251 -19.49 -17.46 19.19
C ALA A 251 -20.57 -18.17 18.37
N ALA A 252 -20.98 -19.34 18.92
CA ALA A 252 -22.00 -20.04 18.16
C ALA A 252 -22.96 -20.91 18.96
N ALA A 253 -23.89 -21.49 18.15
CA ALA A 253 -24.88 -22.30 18.78
C ALA A 253 -25.14 -23.52 17.87
N LEU A 254 -25.47 -24.65 18.55
CA LEU A 254 -25.83 -25.77 17.65
C LEU A 254 -27.35 -25.88 17.74
N LEU A 255 -28.06 -25.93 16.61
CA LEU A 255 -29.49 -26.02 16.57
C LEU A 255 -30.09 -27.26 15.95
N MET A 256 -31.29 -27.60 16.41
CA MET A 256 -32.00 -28.79 15.89
C MET A 256 -33.39 -28.69 16.48
N SER A 257 -34.32 -29.49 15.93
CA SER A 257 -35.66 -29.49 16.42
C SER A 257 -35.71 -29.98 17.86
N GLU A 258 -36.73 -29.54 18.62
CA GLU A 258 -36.90 -30.03 19.97
C GLU A 258 -37.06 -31.56 19.93
N ALA A 259 -37.79 -32.06 18.91
CA ALA A 259 -38.07 -33.51 18.80
C ALA A 259 -36.77 -34.26 18.57
N GLU A 260 -35.92 -33.60 17.78
CA GLU A 260 -34.63 -34.25 17.49
C GLU A 260 -33.75 -34.32 18.74
N ALA A 261 -33.66 -33.22 19.45
CA ALA A 261 -32.85 -33.16 20.71
C ALA A 261 -33.49 -34.22 21.65
N SER A 262 -34.79 -34.32 21.72
CA SER A 262 -35.45 -35.39 22.51
C SER A 262 -35.00 -36.80 22.09
N ARG A 263 -34.96 -37.18 20.83
CA ARG A 263 -34.48 -38.48 20.37
C ARG A 263 -33.07 -38.76 20.78
N ARG A 264 -32.22 -37.72 20.82
CA ARG A 264 -30.85 -37.87 21.21
C ARG A 264 -30.69 -37.76 22.75
N GLY A 265 -31.71 -37.39 23.48
CA GLY A 265 -31.47 -37.33 24.97
C GLY A 265 -30.68 -36.06 25.36
N ILE A 266 -30.76 -35.02 24.51
CA ILE A 266 -30.06 -33.78 24.72
C ILE A 266 -30.89 -32.86 25.62
N GLN A 267 -30.32 -32.23 26.62
CA GLN A 267 -30.99 -31.30 27.49
C GLN A 267 -30.55 -29.90 26.95
N PRO A 268 -31.40 -29.35 26.12
CA PRO A 268 -31.07 -28.10 25.43
C PRO A 268 -30.98 -26.91 26.35
N LEU A 269 -30.20 -25.94 25.85
CA LEU A 269 -30.03 -24.69 26.59
C LEU A 269 -31.30 -23.85 26.47
N GLY A 270 -32.21 -24.15 25.51
CA GLY A 270 -33.41 -23.34 25.45
C GLY A 270 -34.17 -23.54 24.14
N ARG A 271 -35.37 -23.06 24.05
CA ARG A 271 -36.23 -23.08 22.92
C ARG A 271 -36.29 -21.69 22.32
N ILE A 272 -36.16 -21.62 20.94
CA ILE A 272 -36.23 -20.26 20.37
C ILE A 272 -37.70 -19.98 20.15
N VAL A 273 -38.23 -19.15 20.99
CA VAL A 273 -39.63 -18.78 20.90
C VAL A 273 -39.96 -17.76 19.86
N SER A 274 -39.10 -16.71 19.68
CA SER A 274 -39.42 -15.78 18.63
C SER A 274 -38.11 -14.96 18.39
N TRP A 275 -38.20 -14.23 17.29
CA TRP A 275 -37.05 -13.29 17.06
C TRP A 275 -37.71 -12.13 16.25
N ALA A 276 -37.10 -10.95 16.18
CA ALA A 276 -37.57 -9.89 15.35
C ALA A 276 -36.38 -8.97 14.95
N THR A 277 -36.59 -8.30 13.80
CA THR A 277 -35.56 -7.34 13.37
C THR A 277 -36.40 -6.16 12.82
N VAL A 278 -36.05 -4.94 13.25
CA VAL A 278 -36.84 -3.72 12.81
C VAL A 278 -35.83 -2.60 12.60
N GLY A 279 -36.11 -1.61 11.78
CA GLY A 279 -35.18 -0.55 11.47
C GLY A 279 -35.61 0.75 12.27
N VAL A 280 -34.61 1.65 12.34
CA VAL A 280 -34.83 2.93 13.00
C VAL A 280 -33.97 3.94 12.24
N ASP A 281 -34.12 5.20 12.56
CA ASP A 281 -33.28 6.22 11.89
C ASP A 281 -31.78 5.92 12.12
N PRO A 282 -30.99 5.82 11.10
CA PRO A 282 -29.54 5.64 11.17
C PRO A 282 -28.89 6.65 12.10
N LYS A 283 -29.45 7.88 12.28
CA LYS A 283 -28.80 8.78 13.21
C LYS A 283 -28.90 8.29 14.65
N VAL A 284 -29.96 7.54 15.01
CA VAL A 284 -30.02 7.11 16.43
C VAL A 284 -30.13 5.58 16.41
N MET A 285 -29.20 4.93 15.73
CA MET A 285 -29.22 3.47 15.50
C MET A 285 -29.14 2.69 16.81
N GLY A 286 -28.58 3.30 17.86
CA GLY A 286 -28.46 2.69 19.18
C GLY A 286 -29.83 2.42 19.77
N THR A 287 -30.90 2.96 19.22
CA THR A 287 -32.26 2.76 19.68
C THR A 287 -32.97 1.53 19.10
N GLY A 288 -32.23 0.85 18.24
CA GLY A 288 -32.74 -0.32 17.52
C GLY A 288 -33.35 -1.36 18.42
N PRO A 289 -32.65 -1.69 19.50
CA PRO A 289 -33.18 -2.69 20.43
C PRO A 289 -34.58 -2.41 20.90
N ILE A 290 -35.12 -1.17 20.99
CA ILE A 290 -36.45 -0.85 21.42
C ILE A 290 -37.53 -1.48 20.58
N PRO A 291 -37.77 -1.08 19.31
CA PRO A 291 -38.75 -1.70 18.49
C PRO A 291 -38.43 -3.22 18.27
N ALA A 292 -37.17 -3.62 18.08
CA ALA A 292 -36.93 -5.06 17.86
C ALA A 292 -37.30 -5.89 19.11
N SER A 293 -36.95 -5.48 20.32
CA SER A 293 -37.38 -6.32 21.49
C SER A 293 -38.87 -6.34 21.68
N ARG A 294 -39.57 -5.16 21.54
CA ARG A 294 -41.02 -5.11 21.64
C ARG A 294 -41.66 -6.05 20.62
N LYS A 295 -41.10 -6.05 19.37
CA LYS A 295 -41.67 -7.00 18.40
C LYS A 295 -41.38 -8.47 18.70
N ALA A 296 -40.16 -8.77 19.21
CA ALA A 296 -39.91 -10.20 19.57
C ALA A 296 -40.82 -10.60 20.73
N LEU A 297 -41.05 -9.69 21.70
CA LEU A 297 -41.93 -10.02 22.82
C LEU A 297 -43.33 -10.24 22.32
N GLU A 298 -43.79 -9.34 21.44
CA GLU A 298 -45.15 -9.52 20.89
C GLU A 298 -45.32 -10.85 20.16
N ARG A 299 -44.37 -11.24 19.34
CA ARG A 299 -44.41 -12.51 18.63
C ARG A 299 -44.30 -13.67 19.61
N ALA A 300 -43.66 -13.49 20.77
CA ALA A 300 -43.62 -14.61 21.72
C ALA A 300 -44.93 -14.70 22.55
N GLY A 301 -45.68 -13.59 22.59
CA GLY A 301 -46.88 -13.53 23.44
C GLY A 301 -46.45 -13.12 24.85
N TRP A 302 -45.28 -12.52 24.98
CA TRP A 302 -44.81 -12.12 26.26
C TRP A 302 -44.85 -10.60 26.54
N LYS A 303 -45.02 -10.33 27.82
CA LYS A 303 -44.96 -8.94 28.32
C LYS A 303 -43.50 -8.74 28.71
N ILE A 304 -43.01 -7.54 28.69
CA ILE A 304 -41.67 -7.17 29.08
C ILE A 304 -41.38 -7.76 30.48
N GLY A 305 -42.41 -7.69 31.33
CA GLY A 305 -42.37 -8.12 32.71
C GLY A 305 -42.29 -9.64 32.84
N ASP A 306 -42.57 -10.42 31.79
CA ASP A 306 -42.41 -11.85 31.93
C ASP A 306 -40.93 -12.29 31.84
N LEU A 307 -40.04 -11.41 31.28
CA LEU A 307 -38.65 -11.82 31.18
C LEU A 307 -37.97 -12.00 32.54
N ASP A 308 -37.12 -13.01 32.66
CA ASP A 308 -36.33 -13.31 33.86
C ASP A 308 -34.90 -12.84 33.73
N LEU A 309 -34.38 -12.75 32.45
CA LEU A 309 -33.04 -12.28 32.29
C LEU A 309 -32.89 -11.57 30.93
N VAL A 310 -32.01 -10.61 30.79
CA VAL A 310 -31.93 -9.91 29.48
C VAL A 310 -30.50 -9.66 29.21
N GLU A 311 -30.09 -9.72 27.95
CA GLU A 311 -28.76 -9.40 27.52
C GLU A 311 -29.04 -8.34 26.39
N ALA A 312 -28.78 -7.10 26.68
CA ALA A 312 -28.97 -5.94 25.81
C ALA A 312 -27.57 -5.42 25.54
N ASN A 313 -26.97 -5.68 24.38
CA ASN A 313 -25.60 -5.35 24.10
C ASN A 313 -25.23 -3.87 24.27
N GLU A 314 -24.06 -3.71 24.87
CA GLU A 314 -23.53 -2.42 25.22
C GLU A 314 -22.63 -1.83 24.12
N ALA A 315 -23.31 -1.34 23.10
CA ALA A 315 -22.43 -0.65 22.07
C ALA A 315 -21.85 0.54 22.78
N PHE A 316 -22.77 1.39 23.34
CA PHE A 316 -22.31 2.61 24.06
C PHE A 316 -23.13 2.79 25.31
N ALA A 317 -22.59 3.24 26.46
CA ALA A 317 -23.51 3.45 27.58
C ALA A 317 -24.63 4.40 27.20
N ALA A 318 -24.38 5.43 26.33
CA ALA A 318 -25.55 6.28 26.02
C ALA A 318 -26.76 5.50 25.51
N GLN A 319 -26.57 4.61 24.53
CA GLN A 319 -27.68 3.89 23.94
C GLN A 319 -28.21 2.81 24.87
N ALA A 320 -27.28 2.14 25.58
CA ALA A 320 -27.79 1.09 26.52
C ALA A 320 -28.71 1.76 27.51
N CYS A 321 -28.32 2.89 28.12
CA CYS A 321 -29.19 3.59 29.07
C CYS A 321 -30.53 3.96 28.47
N ALA A 322 -30.51 4.48 27.20
CA ALA A 322 -31.73 4.83 26.52
C ALA A 322 -32.66 3.64 26.38
N VAL A 323 -32.11 2.50 25.93
CA VAL A 323 -32.83 1.29 25.67
C VAL A 323 -33.45 0.88 27.01
N ASN A 324 -32.64 0.85 28.07
CA ASN A 324 -33.17 0.46 29.35
C ASN A 324 -34.24 1.46 29.82
N LYS A 325 -34.05 2.74 29.55
CA LYS A 325 -35.03 3.75 30.03
C LYS A 325 -36.34 3.47 29.33
N ASP A 326 -36.35 3.29 28.01
CA ASP A 326 -37.57 3.08 27.30
C ASP A 326 -38.29 1.78 27.54
N LEU A 327 -37.62 0.63 27.49
CA LEU A 327 -38.20 -0.68 27.70
C LEU A 327 -38.73 -0.79 29.11
N GLY A 328 -37.95 -0.23 30.05
CA GLY A 328 -38.38 -0.18 31.45
C GLY A 328 -38.22 -1.51 32.13
N TRP A 329 -37.41 -2.42 31.58
CA TRP A 329 -37.20 -3.65 32.34
C TRP A 329 -36.36 -3.36 33.57
N ASP A 330 -36.56 -4.29 34.51
CA ASP A 330 -35.72 -4.10 35.77
C ASP A 330 -34.27 -4.19 35.40
N PRO A 331 -33.46 -3.20 35.69
CA PRO A 331 -32.07 -3.18 35.34
C PRO A 331 -31.27 -4.30 35.96
N SER A 332 -31.69 -4.77 37.14
CA SER A 332 -30.98 -5.81 37.88
C SER A 332 -31.00 -7.11 37.10
N ILE A 333 -31.85 -7.41 36.14
CA ILE A 333 -31.84 -8.65 35.36
C ILE A 333 -31.23 -8.43 33.96
N VAL A 334 -30.65 -7.24 33.76
CA VAL A 334 -30.04 -6.99 32.43
C VAL A 334 -28.51 -7.06 32.51
N ASN A 335 -27.85 -7.84 31.64
CA ASN A 335 -26.39 -7.97 31.62
C ASN A 335 -25.90 -8.12 33.06
N VAL A 336 -26.39 -9.14 33.74
CA VAL A 336 -26.09 -9.43 35.18
C VAL A 336 -24.63 -9.81 35.29
N ASN A 337 -23.95 -10.25 34.26
CA ASN A 337 -22.51 -10.53 34.32
C ASN A 337 -21.61 -9.49 33.58
N GLY A 338 -22.16 -8.32 33.39
CA GLY A 338 -21.45 -7.24 32.74
C GLY A 338 -21.87 -7.25 31.23
N GLY A 339 -21.30 -6.31 30.49
CA GLY A 339 -21.67 -6.22 29.07
C GLY A 339 -20.48 -5.80 28.17
N ALA A 340 -20.78 -5.50 26.89
CA ALA A 340 -19.74 -5.18 25.97
C ALA A 340 -18.83 -4.04 26.35
N ILE A 341 -19.19 -2.99 27.07
CA ILE A 341 -18.17 -1.96 27.46
C ILE A 341 -17.01 -2.65 28.15
N ALA A 342 -17.26 -3.70 28.98
CA ALA A 342 -16.26 -4.43 29.67
C ALA A 342 -15.74 -5.63 28.85
N ILE A 343 -16.66 -6.37 28.26
CA ILE A 343 -16.26 -7.62 27.59
C ILE A 343 -15.73 -7.44 26.16
N GLY A 344 -16.22 -6.37 25.56
CA GLY A 344 -15.74 -6.09 24.18
C GLY A 344 -16.79 -6.33 23.12
N HIS A 345 -16.46 -5.88 21.88
CA HIS A 345 -17.50 -5.96 20.84
C HIS A 345 -17.04 -6.41 19.46
N PRO A 346 -16.67 -7.65 19.28
CA PRO A 346 -16.21 -8.23 18.06
C PRO A 346 -17.47 -8.29 17.20
N ILE A 347 -17.66 -7.19 16.43
CA ILE A 347 -18.83 -6.95 15.68
C ILE A 347 -19.66 -8.10 15.13
N GLY A 348 -19.30 -8.90 14.16
CA GLY A 348 -20.13 -10.01 13.67
C GLY A 348 -20.35 -11.14 14.69
N ALA A 349 -19.54 -11.17 15.70
CA ALA A 349 -19.77 -12.28 16.67
C ALA A 349 -20.64 -11.88 17.82
N SER A 350 -20.59 -10.61 18.22
CA SER A 350 -21.29 -10.08 19.33
C SER A 350 -22.68 -10.66 19.62
N GLY A 351 -23.61 -10.67 18.69
CA GLY A 351 -24.94 -11.19 18.95
C GLY A 351 -24.85 -12.63 19.40
N ALA A 352 -23.93 -13.47 18.84
CA ALA A 352 -23.95 -14.86 19.42
C ALA A 352 -23.17 -14.84 20.72
N ARG A 353 -22.16 -13.90 20.88
CA ARG A 353 -21.47 -13.85 22.17
C ARG A 353 -22.48 -13.54 23.26
N ILE A 354 -23.31 -12.48 23.15
CA ILE A 354 -24.29 -12.19 24.22
C ILE A 354 -25.32 -13.31 24.31
N LEU A 355 -25.67 -14.04 23.26
CA LEU A 355 -26.61 -15.15 23.38
C LEU A 355 -26.01 -16.23 24.27
N ASN A 356 -24.72 -16.48 24.13
CA ASN A 356 -24.04 -17.53 24.90
C ASN A 356 -24.14 -17.09 26.38
N THR A 357 -23.77 -15.83 26.56
CA THR A 357 -23.82 -15.28 27.92
C THR A 357 -25.21 -15.44 28.50
N LEU A 358 -26.25 -15.05 27.76
CA LEU A 358 -27.62 -15.24 28.24
C LEU A 358 -27.98 -16.68 28.60
N LEU A 359 -27.63 -17.58 27.64
CA LEU A 359 -27.91 -18.98 27.77
C LEU A 359 -27.30 -19.65 29.03
N PHE A 360 -26.06 -19.35 29.23
CA PHE A 360 -25.34 -20.03 30.34
C PHE A 360 -25.76 -19.47 31.68
N GLU A 361 -26.25 -18.22 31.72
CA GLU A 361 -26.67 -17.60 32.95
C GLU A 361 -28.10 -18.09 33.19
N MET A 362 -28.93 -18.31 32.19
CA MET A 362 -30.31 -18.78 32.36
C MET A 362 -30.24 -20.16 32.98
N LYS A 363 -29.34 -21.03 32.47
CA LYS A 363 -29.15 -22.36 32.99
C LYS A 363 -28.64 -22.26 34.43
N ARG A 364 -27.60 -21.48 34.70
CA ARG A 364 -27.11 -21.36 36.08
C ARG A 364 -28.12 -20.87 37.13
N ARG A 365 -28.92 -19.84 36.94
CA ARG A 365 -29.87 -19.37 37.97
C ARG A 365 -31.27 -19.97 37.78
N GLY A 366 -31.48 -20.72 36.73
CA GLY A 366 -32.78 -21.34 36.45
C GLY A 366 -33.83 -20.33 35.96
N ALA A 367 -33.35 -19.40 35.14
CA ALA A 367 -34.20 -18.35 34.56
C ALA A 367 -34.99 -19.04 33.45
N ARG A 368 -36.27 -18.76 33.40
CA ARG A 368 -37.08 -19.45 32.39
C ARG A 368 -37.24 -18.67 31.10
N LYS A 369 -37.41 -17.36 31.14
CA LYS A 369 -37.61 -16.55 29.95
C LYS A 369 -36.48 -15.51 29.77
N GLY A 370 -35.91 -15.53 28.55
CA GLY A 370 -34.80 -14.52 28.40
C GLY A 370 -34.91 -13.87 27.00
N LEU A 371 -34.13 -12.82 26.87
CA LEU A 371 -34.11 -12.12 25.59
C LEU A 371 -32.70 -11.49 25.46
N ALA A 372 -32.31 -11.52 24.21
CA ALA A 372 -31.03 -10.97 23.80
C ALA A 372 -31.36 -9.97 22.69
N THR A 373 -30.70 -8.80 22.78
CA THR A 373 -31.00 -7.83 21.79
C THR A 373 -29.82 -6.95 21.42
N LEU A 374 -29.64 -6.57 20.13
CA LEU A 374 -28.53 -5.67 19.88
C LEU A 374 -28.96 -4.46 19.01
N CYS A 375 -28.26 -3.34 19.10
CA CYS A 375 -28.44 -2.17 18.21
C CYS A 375 -27.59 -2.42 16.98
N ILE A 376 -27.80 -1.87 15.77
CA ILE A 376 -27.09 -2.17 14.54
C ILE A 376 -26.85 -0.87 13.70
N GLY A 377 -25.59 -0.65 13.34
CA GLY A 377 -25.19 0.50 12.53
C GLY A 377 -26.03 0.60 11.27
N GLY A 378 -26.49 1.82 10.85
CA GLY A 378 -27.34 1.68 9.63
C GLY A 378 -28.78 1.90 10.13
N GLY A 379 -29.01 1.75 11.49
CA GLY A 379 -30.34 2.03 11.99
C GLY A 379 -31.22 0.80 12.02
N MET A 380 -30.81 -0.19 12.80
CA MET A 380 -31.57 -1.40 12.96
C MET A 380 -31.31 -1.90 14.35
N GLY A 381 -32.16 -2.86 14.74
CA GLY A 381 -32.22 -3.72 15.88
C GLY A 381 -32.58 -5.18 15.52
N VAL A 382 -32.21 -6.12 16.39
CA VAL A 382 -32.54 -7.53 16.31
C VAL A 382 -32.75 -8.01 17.77
N ALA A 383 -33.70 -8.92 17.97
CA ALA A 383 -33.94 -9.40 19.34
C ALA A 383 -34.32 -10.85 19.27
N MET A 384 -34.14 -11.64 20.33
CA MET A 384 -34.58 -13.04 20.19
C MET A 384 -35.13 -13.50 21.55
N CYS A 385 -36.28 -14.17 21.54
CA CYS A 385 -36.74 -14.61 22.87
C CYS A 385 -36.34 -16.07 23.05
N ILE A 386 -36.07 -16.47 24.25
CA ILE A 386 -35.59 -17.86 24.50
C ILE A 386 -36.28 -18.38 25.77
N GLU A 387 -36.79 -19.61 25.67
CA GLU A 387 -37.40 -20.14 26.89
C GLU A 387 -36.70 -21.42 27.31
N SER A 388 -36.50 -21.64 28.64
CA SER A 388 -35.81 -22.86 29.01
C SER A 388 -36.74 -24.04 29.02
N LEU A 389 -36.26 -25.24 28.77
CA LEU A 389 -36.94 -26.51 28.76
C LEU A 389 -36.76 -27.17 30.15
N SER B 1 -48.48 -20.51 -1.57
CA SER B 1 -47.32 -20.27 -0.68
C SER B 1 -46.38 -19.19 -1.17
N ILE B 2 -45.12 -19.31 -1.62
CA ILE B 2 -44.38 -18.09 -1.93
C ILE B 2 -44.12 -17.84 -3.43
N VAL B 3 -44.44 -16.65 -3.86
CA VAL B 3 -44.22 -16.35 -5.28
C VAL B 3 -43.18 -15.23 -5.49
N ILE B 4 -42.73 -15.21 -6.77
CA ILE B 4 -41.83 -14.17 -7.23
C ILE B 4 -42.75 -13.19 -8.02
N ALA B 5 -43.15 -12.12 -7.37
CA ALA B 5 -44.10 -11.19 -8.00
C ALA B 5 -43.50 -10.47 -9.20
N SER B 6 -42.22 -10.14 -9.08
CA SER B 6 -41.54 -9.41 -10.16
C SER B 6 -40.07 -9.58 -10.03
N ALA B 7 -39.32 -9.19 -11.12
CA ALA B 7 -37.86 -9.32 -11.06
C ALA B 7 -37.21 -8.38 -12.07
N ALA B 8 -35.98 -8.00 -11.75
CA ALA B 8 -35.25 -7.12 -12.65
C ALA B 8 -33.73 -7.32 -12.41
N ARG B 9 -33.02 -6.92 -13.51
CA ARG B 9 -31.56 -6.99 -13.38
C ARG B 9 -30.98 -5.83 -14.18
N THR B 10 -29.78 -5.42 -13.82
CA THR B 10 -29.13 -4.43 -14.65
C THR B 10 -28.43 -5.27 -15.73
N ALA B 11 -28.11 -4.59 -16.85
CA ALA B 11 -27.23 -5.30 -17.80
C ALA B 11 -25.92 -5.63 -17.01
N VAL B 12 -25.20 -6.64 -17.46
CA VAL B 12 -23.93 -7.10 -16.94
C VAL B 12 -22.81 -6.33 -17.69
N GLY B 13 -22.06 -5.64 -16.85
CA GLY B 13 -20.96 -4.77 -17.23
C GLY B 13 -19.71 -5.60 -17.42
N SER B 14 -18.75 -5.20 -18.23
CA SER B 14 -17.46 -5.84 -18.47
C SER B 14 -16.51 -5.37 -17.38
N PHE B 15 -15.44 -6.05 -17.05
CA PHE B 15 -14.48 -5.70 -16.00
C PHE B 15 -13.85 -4.34 -16.31
N ASN B 16 -13.90 -3.39 -15.40
CA ASN B 16 -13.39 -2.08 -15.65
C ASN B 16 -14.03 -1.50 -16.90
N GLY B 17 -15.33 -1.75 -17.15
CA GLY B 17 -16.12 -1.38 -18.29
C GLY B 17 -17.13 -0.27 -17.98
N ALA B 18 -18.36 -0.48 -18.42
CA ALA B 18 -19.39 0.53 -18.19
C ALA B 18 -19.59 0.89 -16.74
N PHE B 19 -19.44 -0.06 -15.81
CA PHE B 19 -19.62 0.15 -14.38
C PHE B 19 -18.35 0.17 -13.58
N ALA B 20 -17.24 0.47 -14.26
CA ALA B 20 -15.89 0.53 -13.71
C ALA B 20 -15.78 1.28 -12.41
N ASN B 21 -16.57 2.35 -12.20
CA ASN B 21 -16.43 3.05 -10.90
C ASN B 21 -17.79 3.17 -10.28
N THR B 22 -18.67 2.18 -10.48
CA THR B 22 -20.03 2.28 -9.92
C THR B 22 -20.07 1.30 -8.74
N PRO B 23 -20.19 1.85 -7.55
CA PRO B 23 -20.29 0.96 -6.35
C PRO B 23 -21.46 0.03 -6.55
N ALA B 24 -21.47 -1.20 -6.09
CA ALA B 24 -22.51 -2.16 -6.26
C ALA B 24 -23.85 -1.72 -5.73
N HIS B 25 -23.87 -0.99 -4.62
CA HIS B 25 -25.17 -0.61 -4.03
C HIS B 25 -25.94 0.33 -4.96
N GLU B 26 -25.29 1.08 -5.85
CA GLU B 26 -26.01 1.92 -6.77
C GLU B 26 -26.74 1.04 -7.84
N LEU B 27 -26.09 0.01 -8.31
CA LEU B 27 -26.71 -0.95 -9.23
C LEU B 27 -27.86 -1.65 -8.50
N GLY B 28 -27.63 -2.11 -7.27
CA GLY B 28 -28.71 -2.72 -6.46
C GLY B 28 -29.89 -1.77 -6.26
N ALA B 29 -29.65 -0.49 -5.93
CA ALA B 29 -30.76 0.46 -5.76
C ALA B 29 -31.64 0.58 -7.00
N THR B 30 -31.11 0.57 -8.19
CA THR B 30 -31.94 0.69 -9.42
C THR B 30 -32.70 -0.64 -9.52
N VAL B 31 -32.10 -1.79 -9.22
CA VAL B 31 -32.87 -3.02 -9.36
C VAL B 31 -33.89 -3.05 -8.25
N ILE B 32 -33.66 -2.55 -7.02
CA ILE B 32 -34.83 -2.64 -6.07
C ILE B 32 -36.03 -1.79 -6.53
N SER B 33 -35.69 -0.58 -7.06
CA SER B 33 -36.75 0.30 -7.58
C SER B 33 -37.43 -0.31 -8.79
N ALA B 34 -36.69 -1.12 -9.59
CA ALA B 34 -37.32 -1.71 -10.78
C ALA B 34 -38.36 -2.77 -10.39
N VAL B 35 -37.96 -3.61 -9.41
CA VAL B 35 -38.85 -4.66 -8.94
C VAL B 35 -40.14 -4.17 -8.33
N LEU B 36 -40.02 -3.05 -7.62
CA LEU B 36 -41.20 -2.41 -6.99
C LEU B 36 -42.20 -1.91 -8.03
N GLU B 37 -41.62 -1.15 -8.96
CA GLU B 37 -42.36 -0.58 -10.05
C GLU B 37 -43.00 -1.67 -10.87
N ARG B 38 -42.26 -2.71 -11.12
CA ARG B 38 -42.70 -3.83 -11.93
C ARG B 38 -43.87 -4.51 -11.28
N ALA B 39 -43.88 -4.59 -9.95
CA ALA B 39 -44.97 -5.28 -9.27
C ALA B 39 -46.12 -4.36 -8.80
N GLY B 40 -46.00 -3.04 -9.03
CA GLY B 40 -47.04 -2.15 -8.54
C GLY B 40 -46.92 -2.13 -6.98
N VAL B 41 -45.74 -2.38 -6.42
CA VAL B 41 -45.48 -2.40 -4.99
C VAL B 41 -44.66 -1.18 -4.61
N ALA B 42 -45.16 -0.52 -3.53
CA ALA B 42 -44.38 0.68 -3.17
C ALA B 42 -43.23 0.33 -2.23
N ALA B 43 -42.14 1.17 -2.24
CA ALA B 43 -41.07 0.89 -1.32
C ALA B 43 -41.45 0.94 0.16
N GLY B 44 -42.47 1.72 0.56
CA GLY B 44 -42.90 1.72 1.97
C GLY B 44 -43.41 0.37 2.44
N GLU B 45 -43.74 -0.57 1.51
CA GLU B 45 -44.27 -1.85 1.91
C GLU B 45 -43.22 -2.96 2.03
N VAL B 46 -41.99 -2.64 1.68
CA VAL B 46 -40.96 -3.71 1.77
C VAL B 46 -40.58 -3.97 3.22
N ASN B 47 -40.44 -5.21 3.62
CA ASN B 47 -40.09 -5.42 5.03
C ASN B 47 -38.57 -5.51 5.14
N GLU B 48 -38.00 -6.25 4.18
CA GLU B 48 -36.55 -6.45 4.26
C GLU B 48 -35.90 -6.66 2.88
N VAL B 49 -34.65 -6.21 2.80
CA VAL B 49 -33.85 -6.29 1.61
C VAL B 49 -32.69 -7.27 1.83
N ILE B 50 -32.55 -8.31 1.12
CA ILE B 50 -31.52 -9.35 1.21
C ILE B 50 -30.64 -9.38 -0.02
N LEU B 51 -29.38 -8.91 0.11
CA LEU B 51 -28.51 -8.93 -1.08
C LEU B 51 -27.21 -9.72 -0.99
N GLY B 52 -27.06 -10.76 -1.74
CA GLY B 52 -25.88 -11.58 -1.94
C GLY B 52 -24.78 -10.57 -2.44
N GLN B 53 -23.60 -10.65 -1.93
CA GLN B 53 -22.44 -9.79 -2.29
C GLN B 53 -21.13 -10.35 -1.75
N VAL B 54 -20.20 -10.72 -2.64
CA VAL B 54 -18.99 -11.39 -2.12
C VAL B 54 -17.87 -10.42 -1.84
N LEU B 55 -17.90 -9.24 -2.56
CA LEU B 55 -16.74 -8.31 -2.41
C LEU B 55 -17.15 -6.87 -2.14
N PRO B 56 -17.57 -6.61 -0.92
CA PRO B 56 -18.06 -5.30 -0.51
C PRO B 56 -16.92 -4.49 0.15
N ALA B 57 -15.70 -4.98 0.17
CA ALA B 57 -14.64 -4.24 0.88
C ALA B 57 -14.51 -2.80 0.39
N GLY B 58 -14.46 -1.91 1.38
CA GLY B 58 -14.35 -0.49 1.15
C GLY B 58 -15.57 0.27 0.71
N GLU B 59 -16.73 -0.39 0.56
CA GLU B 59 -17.97 0.28 0.17
C GLU B 59 -18.74 0.87 1.35
N GLY B 60 -18.26 0.63 2.58
CA GLY B 60 -18.87 1.15 3.76
C GLY B 60 -19.87 0.16 4.42
N GLN B 61 -20.45 0.57 5.52
CA GLN B 61 -21.38 -0.28 6.30
C GLN B 61 -22.48 -0.93 5.51
N ASN B 62 -22.57 -2.25 5.63
CA ASN B 62 -23.65 -2.98 4.93
C ASN B 62 -24.28 -2.39 3.67
N PRO B 63 -23.65 -2.47 2.50
CA PRO B 63 -24.13 -2.02 1.21
C PRO B 63 -25.55 -2.45 1.00
N ALA B 64 -26.05 -3.64 1.40
CA ALA B 64 -27.46 -4.01 1.24
C ALA B 64 -28.37 -2.90 1.76
N ARG B 65 -28.10 -2.39 2.99
CA ARG B 65 -28.87 -1.29 3.53
C ARG B 65 -28.67 -0.04 2.72
N GLN B 66 -27.53 0.29 2.19
CA GLN B 66 -27.25 1.45 1.40
C GLN B 66 -28.14 1.38 0.15
N ALA B 67 -28.19 0.24 -0.49
CA ALA B 67 -29.05 0.08 -1.69
C ALA B 67 -30.52 0.33 -1.38
N ALA B 68 -30.96 -0.30 -0.27
CA ALA B 68 -32.36 -0.22 0.19
C ALA B 68 -32.71 1.25 0.49
N MET B 69 -31.90 1.97 1.20
CA MET B 69 -32.17 3.37 1.49
C MET B 69 -32.22 4.25 0.27
N LYS B 70 -31.28 4.07 -0.64
CA LYS B 70 -31.16 4.84 -1.86
C LYS B 70 -32.42 4.63 -2.68
N ALA B 71 -32.98 3.39 -2.66
CA ALA B 71 -34.20 3.12 -3.42
C ALA B 71 -35.46 3.61 -2.74
N GLY B 72 -35.35 4.23 -1.57
CA GLY B 72 -36.51 4.77 -0.83
C GLY B 72 -37.13 3.80 0.13
N VAL B 73 -36.61 2.61 0.33
CA VAL B 73 -37.20 1.64 1.24
C VAL B 73 -37.11 2.35 2.58
N PRO B 74 -38.14 2.38 3.36
CA PRO B 74 -38.12 3.17 4.62
C PRO B 74 -37.12 2.74 5.66
N GLN B 75 -36.63 3.62 6.51
CA GLN B 75 -35.67 3.27 7.56
C GLN B 75 -36.23 2.25 8.57
N GLU B 76 -37.52 2.01 8.61
CA GLU B 76 -38.17 1.04 9.49
C GLU B 76 -38.00 -0.35 8.94
N ALA B 77 -37.73 -0.53 7.64
CA ALA B 77 -37.45 -1.84 7.02
C ALA B 77 -36.03 -2.29 7.39
N THR B 78 -35.52 -3.47 7.13
CA THR B 78 -34.20 -3.92 7.52
C THR B 78 -33.47 -4.35 6.29
N ALA B 79 -32.18 -4.70 6.32
CA ALA B 79 -31.48 -5.13 5.13
C ALA B 79 -30.17 -5.79 5.61
N TRP B 80 -29.77 -6.75 4.84
CA TRP B 80 -28.50 -7.46 5.14
C TRP B 80 -27.82 -8.06 3.91
N GLY B 81 -26.48 -8.31 3.99
CA GLY B 81 -25.93 -8.94 2.81
C GLY B 81 -25.51 -10.36 3.23
N MET B 82 -25.23 -11.17 2.21
CA MET B 82 -24.85 -12.54 2.60
C MET B 82 -23.85 -13.00 1.53
N ASN B 83 -23.20 -14.08 1.90
CA ASN B 83 -22.15 -14.56 1.01
C ASN B 83 -21.96 -16.10 1.02
N GLN B 84 -22.52 -16.71 -0.02
CA GLN B 84 -22.28 -18.11 -0.31
C GLN B 84 -21.66 -18.07 -1.75
N LEU B 85 -20.66 -17.22 -1.87
CA LEU B 85 -19.91 -16.97 -3.11
C LEU B 85 -20.75 -16.86 -4.36
N SCY B 86 -20.49 -17.73 -5.37
CA SCY B 86 -21.28 -17.69 -6.58
CB SCY B 86 -20.93 -18.67 -7.77
SG SCY B 86 -19.36 -18.04 -8.33
CD SCY B 86 -18.47 -18.98 -7.20
OCD SCY B 86 -19.23 -19.91 -7.08
CE SCY B 86 -17.27 -19.10 -6.33
C SCY B 86 -22.74 -18.03 -6.41
O SCY B 86 -23.52 -17.71 -7.31
N GLY B 87 -23.07 -18.74 -5.32
CA GLY B 87 -24.46 -19.07 -5.13
C GLY B 87 -25.26 -17.92 -4.48
N SER B 88 -24.58 -16.85 -4.07
CA SER B 88 -25.23 -15.83 -3.31
C SER B 88 -26.50 -15.20 -3.78
N GLY B 89 -26.48 -14.77 -5.09
CA GLY B 89 -27.71 -14.04 -5.60
C GLY B 89 -28.91 -15.00 -5.65
N LEU B 90 -28.65 -16.31 -5.86
CA LEU B 90 -29.80 -17.26 -5.82
C LEU B 90 -30.18 -17.59 -4.35
N ARG B 91 -29.18 -17.91 -3.52
CA ARG B 91 -29.46 -18.18 -2.07
C ARG B 91 -30.25 -17.11 -1.44
N ALA B 92 -29.97 -15.83 -1.71
CA ALA B 92 -30.71 -14.67 -1.14
C ALA B 92 -32.21 -14.86 -1.36
N VAL B 93 -32.64 -15.33 -2.56
CA VAL B 93 -34.04 -15.51 -2.88
C VAL B 93 -34.65 -16.62 -2.01
N ALA B 94 -33.94 -17.74 -1.87
CA ALA B 94 -34.39 -18.81 -0.99
C ALA B 94 -34.48 -18.30 0.46
N LEU B 95 -33.51 -17.49 0.88
CA LEU B 95 -33.62 -16.96 2.24
C LEU B 95 -34.76 -15.97 2.40
N GLY B 96 -34.96 -15.15 1.35
CA GLY B 96 -36.10 -14.22 1.48
C GLY B 96 -37.40 -15.03 1.50
N MET B 97 -37.48 -16.10 0.62
CA MET B 97 -38.69 -16.91 0.66
C MET B 97 -38.94 -17.36 2.15
N GLN B 98 -37.94 -17.83 2.80
CA GLN B 98 -37.98 -18.37 4.20
C GLN B 98 -38.47 -17.31 5.16
N GLN B 99 -38.14 -16.03 4.91
CA GLN B 99 -38.65 -15.00 5.81
C GLN B 99 -40.16 -15.02 5.87
N ILE B 100 -40.83 -15.11 4.71
CA ILE B 100 -42.19 -15.13 4.49
C ILE B 100 -42.77 -16.50 4.94
N ALA B 101 -42.08 -17.61 4.65
CA ALA B 101 -42.62 -18.93 5.00
C ALA B 101 -42.78 -19.06 6.52
N THR B 102 -41.85 -18.45 7.25
CA THR B 102 -41.94 -18.52 8.69
C THR B 102 -42.77 -17.38 9.23
N GLY B 103 -43.38 -16.52 8.42
CA GLY B 103 -44.20 -15.46 8.96
C GLY B 103 -43.53 -14.26 9.59
N ASP B 104 -42.23 -14.07 9.31
CA ASP B 104 -41.55 -12.94 9.91
C ASP B 104 -41.54 -11.70 9.03
N ALA B 105 -41.93 -11.91 7.76
CA ALA B 105 -42.01 -10.86 6.76
C ALA B 105 -43.11 -11.21 5.78
N SER B 106 -43.62 -10.16 5.14
CA SER B 106 -44.65 -10.31 4.13
C SER B 106 -44.09 -10.03 2.73
N ILE B 107 -43.27 -8.96 2.67
CA ILE B 107 -42.69 -8.54 1.40
C ILE B 107 -41.19 -8.41 1.45
N ILE B 108 -40.50 -9.20 0.61
CA ILE B 108 -39.03 -9.15 0.60
C ILE B 108 -38.54 -8.88 -0.82
N VAL B 109 -37.44 -8.15 -0.86
CA VAL B 109 -36.71 -7.91 -2.12
C VAL B 109 -35.40 -8.65 -1.93
N ALA B 110 -35.08 -9.67 -2.78
CA ALA B 110 -33.86 -10.39 -2.45
C ALA B 110 -33.13 -10.61 -3.75
N GLY B 111 -31.80 -10.73 -3.82
CA GLY B 111 -31.07 -11.04 -5.05
C GLY B 111 -29.60 -10.88 -4.74
N GLY B 112 -28.82 -10.26 -5.67
CA GLY B 112 -27.46 -10.01 -5.40
C GLY B 112 -26.89 -8.79 -6.16
N MET B 113 -25.74 -8.37 -5.74
CA MET B 113 -25.07 -7.24 -6.42
C MET B 113 -23.57 -7.47 -6.26
N GLU B 114 -22.84 -6.95 -7.29
CA GLU B 114 -21.41 -7.11 -7.23
C GLU B 114 -20.71 -6.15 -8.16
N SER B 115 -19.64 -5.59 -7.62
CA SER B 115 -18.85 -4.67 -8.49
C SER B 115 -17.52 -5.30 -8.39
N MET B 116 -17.13 -6.20 -9.28
CA MET B 116 -15.78 -6.78 -9.18
C MET B 116 -14.77 -5.67 -9.54
N SER B 117 -15.15 -4.78 -10.49
CA SER B 117 -14.32 -3.64 -10.85
C SER B 117 -13.94 -2.79 -9.64
N MET B 118 -14.85 -2.50 -8.70
CA MET B 118 -14.50 -1.67 -7.56
C MET B 118 -13.87 -2.38 -6.42
N ALA B 119 -13.70 -3.71 -6.56
CA ALA B 119 -13.04 -4.38 -5.40
C ALA B 119 -11.63 -3.87 -5.27
N PRO B 120 -11.15 -3.59 -4.02
CA PRO B 120 -9.87 -3.01 -3.76
C PRO B 120 -8.71 -3.96 -3.51
N HIS B 121 -7.53 -3.33 -3.38
CA HIS B 121 -6.33 -4.09 -3.07
C HIS B 121 -6.13 -3.87 -1.56
N CYS B 122 -5.72 -4.85 -0.77
CA CYS B 122 -5.58 -4.58 0.67
C CYS B 122 -4.35 -5.24 1.29
N ALA B 123 -4.03 -4.82 2.53
CA ALA B 123 -2.95 -5.46 3.29
C ALA B 123 -3.22 -5.22 4.77
N HIS B 124 -2.96 -6.18 5.61
CA HIS B 124 -3.07 -6.17 7.05
C HIS B 124 -1.78 -5.50 7.56
N LEU B 125 -1.87 -4.25 7.97
CA LEU B 125 -0.81 -3.38 8.36
C LEU B 125 -0.80 -2.82 9.76
N ARG B 126 -1.69 -3.34 10.59
CA ARG B 126 -1.79 -2.95 11.98
C ARG B 126 -0.53 -3.28 12.76
N GLY B 127 0.10 -4.42 12.50
CA GLY B 127 1.28 -4.75 13.30
C GLY B 127 2.51 -4.15 12.63
N GLY B 128 2.42 -3.57 11.44
CA GLY B 128 3.59 -3.03 10.78
C GLY B 128 4.43 -4.12 10.12
N VAL B 129 5.26 -3.72 9.16
CA VAL B 129 6.20 -4.63 8.48
C VAL B 129 7.57 -4.13 8.93
N LYS B 130 8.28 -4.78 9.84
CA LYS B 130 9.54 -4.19 10.31
C LYS B 130 10.52 -4.12 9.13
N MET B 131 10.50 -5.14 8.25
CA MET B 131 11.34 -5.07 7.07
C MET B 131 10.97 -6.10 6.02
N GLY B 132 11.28 -5.84 4.77
CA GLY B 132 10.99 -6.83 3.73
C GLY B 132 9.72 -6.32 3.05
N ASP B 133 9.55 -6.65 1.80
CA ASP B 133 8.41 -6.28 1.00
C ASP B 133 7.18 -6.96 1.57
N PHE B 134 6.01 -6.44 1.23
CA PHE B 134 4.75 -7.10 1.58
C PHE B 134 3.85 -7.03 0.31
N LYS B 135 2.88 -7.92 0.25
CA LYS B 135 1.97 -7.90 -0.91
C LYS B 135 0.71 -7.06 -0.59
N MET B 136 0.21 -6.40 -1.59
CA MET B 136 -0.98 -5.62 -1.71
C MET B 136 -1.83 -6.67 -2.49
N ILE B 137 -2.82 -7.17 -1.75
CA ILE B 137 -3.60 -8.28 -2.24
C ILE B 137 -4.85 -7.86 -3.00
N ASP B 138 -5.08 -8.47 -4.14
CA ASP B 138 -6.25 -8.18 -4.91
C ASP B 138 -7.45 -8.93 -4.31
N THR B 139 -8.31 -8.16 -3.64
CA THR B 139 -9.43 -8.80 -2.89
C THR B 139 -10.35 -9.59 -3.81
N MET B 140 -10.59 -9.17 -5.06
CA MET B 140 -11.36 -9.90 -6.02
C MET B 140 -10.77 -11.29 -6.20
N ILE B 141 -9.48 -11.39 -6.47
CA ILE B 141 -8.86 -12.70 -6.62
C ILE B 141 -8.85 -13.45 -5.29
N LYS B 142 -8.31 -12.78 -4.23
CA LYS B 142 -8.18 -13.54 -2.95
C LYS B 142 -9.49 -14.03 -2.33
N ASP B 143 -10.42 -13.04 -2.24
CA ASP B 143 -11.70 -13.39 -1.58
C ASP B 143 -12.80 -13.90 -2.46
N GLY B 144 -12.67 -13.70 -3.77
CA GLY B 144 -13.74 -14.20 -4.61
C GLY B 144 -13.31 -15.35 -5.49
N LEU B 145 -12.06 -15.46 -5.94
CA LEU B 145 -11.75 -16.50 -6.92
C LEU B 145 -10.68 -17.49 -6.61
N THR B 146 -10.17 -17.44 -5.38
CA THR B 146 -9.08 -18.37 -5.06
C THR B 146 -9.60 -19.44 -4.08
N ASP B 147 -9.37 -20.72 -4.33
CA ASP B 147 -9.86 -21.70 -3.35
C ASP B 147 -8.98 -21.58 -2.08
N ALA B 148 -9.66 -21.54 -0.96
CA ALA B 148 -8.97 -21.38 0.31
C ALA B 148 -8.29 -22.65 0.81
N PHE B 149 -8.70 -23.81 0.33
CA PHE B 149 -8.10 -25.05 0.77
C PHE B 149 -6.90 -25.45 -0.07
N TYR B 150 -6.93 -25.29 -1.39
CA TYR B 150 -5.78 -25.72 -2.22
C TYR B 150 -4.93 -24.56 -2.70
N GLY B 151 -5.33 -23.31 -2.49
CA GLY B 151 -4.54 -22.17 -2.90
C GLY B 151 -4.64 -21.70 -4.32
N TYR B 152 -5.30 -22.50 -5.16
CA TYR B 152 -5.41 -22.19 -6.57
C TYR B 152 -6.73 -21.58 -7.02
N HIS B 153 -6.72 -21.03 -8.22
CA HIS B 153 -7.87 -20.32 -8.78
C HIS B 153 -9.02 -21.23 -9.14
N MET B 154 -10.20 -20.65 -9.29
CA MET B 154 -11.41 -21.44 -9.65
C MET B 154 -11.10 -22.16 -10.97
N GLY B 155 -10.36 -21.56 -11.91
CA GLY B 155 -9.97 -22.14 -13.20
C GLY B 155 -9.23 -23.48 -13.04
N THR B 156 -8.50 -23.66 -11.95
CA THR B 156 -7.80 -24.95 -11.74
C THR B 156 -8.84 -25.97 -11.35
N THR B 157 -9.88 -25.50 -10.62
CA THR B 157 -10.90 -26.52 -10.27
C THR B 157 -11.53 -26.96 -11.56
N ALA B 158 -11.67 -26.03 -12.56
CA ALA B 158 -12.25 -26.38 -13.85
C ALA B 158 -11.30 -27.36 -14.58
N GLU B 159 -10.01 -27.20 -14.46
CA GLU B 159 -9.04 -28.14 -15.10
C GLU B 159 -9.29 -29.49 -14.43
N ASN B 160 -9.35 -29.54 -13.09
CA ASN B 160 -9.66 -30.81 -12.43
C ASN B 160 -10.88 -31.43 -13.02
N VAL B 161 -11.97 -30.68 -13.22
CA VAL B 161 -13.18 -31.24 -13.78
C VAL B 161 -13.05 -31.64 -15.25
N ALA B 162 -12.20 -30.92 -16.00
CA ALA B 162 -12.09 -31.30 -17.43
C ALA B 162 -11.35 -32.63 -17.47
N LYS B 163 -10.27 -32.73 -16.66
CA LYS B 163 -9.45 -33.96 -16.68
C LYS B 163 -10.32 -35.14 -16.33
N GLN B 164 -10.98 -35.07 -15.17
CA GLN B 164 -11.85 -36.10 -14.64
C GLN B 164 -12.99 -36.55 -15.53
N TRP B 165 -13.63 -35.64 -16.26
CA TRP B 165 -14.70 -35.99 -17.19
C TRP B 165 -14.18 -36.15 -18.59
N GLN B 166 -12.94 -36.04 -18.92
CA GLN B 166 -12.30 -36.11 -20.21
C GLN B 166 -12.97 -35.20 -21.23
N LEU B 167 -12.98 -33.91 -20.87
CA LEU B 167 -13.59 -32.94 -21.83
C LEU B 167 -12.46 -32.31 -22.61
N SER B 168 -12.53 -32.47 -23.94
CA SER B 168 -11.44 -31.90 -24.69
C SER B 168 -11.53 -30.40 -24.83
N ARG B 169 -10.44 -29.81 -25.28
CA ARG B 169 -10.36 -28.39 -25.53
C ARG B 169 -11.50 -28.06 -26.52
N ASP B 170 -11.55 -28.85 -27.60
CA ASP B 170 -12.49 -28.67 -28.67
C ASP B 170 -13.97 -28.59 -28.25
N GLU B 171 -14.36 -29.54 -27.40
CA GLU B 171 -15.73 -29.54 -26.90
C GLU B 171 -15.99 -28.36 -26.00
N GLN B 172 -15.05 -27.93 -25.15
CA GLN B 172 -15.24 -26.75 -24.31
C GLN B 172 -15.35 -25.53 -25.21
N ASP B 173 -14.49 -25.49 -26.26
CA ASP B 173 -14.53 -24.33 -27.13
C ASP B 173 -15.85 -24.24 -27.88
N ALA B 174 -16.38 -25.38 -28.36
CA ALA B 174 -17.64 -25.41 -29.06
C ALA B 174 -18.78 -24.97 -28.11
N PHE B 175 -18.74 -25.32 -26.85
CA PHE B 175 -19.72 -24.89 -25.88
C PHE B 175 -19.59 -23.38 -25.72
N ALA B 176 -18.41 -22.81 -25.59
CA ALA B 176 -18.17 -21.41 -25.39
C ALA B 176 -18.71 -20.63 -26.59
N VAL B 177 -18.33 -21.08 -27.80
CA VAL B 177 -18.87 -20.38 -29.00
C VAL B 177 -20.38 -20.46 -29.08
N ALA B 178 -21.01 -21.59 -28.78
CA ALA B 178 -22.49 -21.58 -28.85
C ALA B 178 -23.08 -20.67 -27.75
N SER B 179 -22.43 -20.49 -26.58
CA SER B 179 -22.92 -19.63 -25.51
C SER B 179 -22.91 -18.20 -26.05
N GLN B 180 -21.80 -17.83 -26.69
CA GLN B 180 -21.79 -16.50 -27.30
C GLN B 180 -22.85 -16.31 -28.41
N ASN B 181 -22.99 -17.21 -29.33
CA ASN B 181 -23.92 -17.14 -30.46
C ASN B 181 -25.38 -17.12 -29.98
N LYS B 182 -25.63 -17.85 -28.91
CA LYS B 182 -27.03 -17.84 -28.40
C LYS B 182 -27.33 -16.49 -27.67
N ALA B 183 -26.35 -15.92 -26.93
CA ALA B 183 -26.62 -14.73 -26.18
C ALA B 183 -26.73 -13.60 -27.18
N GLU B 184 -25.89 -13.65 -28.22
CA GLU B 184 -25.96 -12.60 -29.19
C GLU B 184 -27.28 -12.60 -29.92
N ALA B 185 -27.73 -13.81 -30.26
CA ALA B 185 -29.03 -13.92 -30.99
C ALA B 185 -30.16 -13.44 -30.08
N ALA B 186 -30.12 -13.83 -28.79
CA ALA B 186 -31.15 -13.38 -27.86
C ALA B 186 -31.07 -11.84 -27.68
N GLN B 187 -29.86 -11.27 -27.55
CA GLN B 187 -29.74 -9.82 -27.39
C GLN B 187 -30.29 -9.10 -28.64
N LYS B 188 -29.79 -9.55 -29.80
CA LYS B 188 -30.35 -8.93 -31.05
C LYS B 188 -31.86 -9.09 -31.14
N ASP B 189 -32.51 -10.17 -30.81
CA ASP B 189 -33.96 -10.28 -30.87
C ASP B 189 -34.68 -9.54 -29.76
N GLY B 190 -34.09 -8.87 -28.75
CA GLY B 190 -34.82 -8.16 -27.72
C GLY B 190 -35.17 -9.10 -26.54
N ARG B 191 -34.62 -10.32 -26.49
CA ARG B 191 -35.03 -11.17 -25.35
C ARG B 191 -34.44 -10.70 -24.01
N PHE B 192 -33.40 -9.88 -23.97
CA PHE B 192 -32.95 -9.47 -22.61
C PHE B 192 -33.69 -8.20 -22.17
N LYS B 193 -34.45 -7.56 -23.01
CA LYS B 193 -35.09 -6.25 -22.68
C LYS B 193 -36.07 -6.32 -21.53
N ASP B 194 -36.92 -7.37 -21.42
CA ASP B 194 -37.88 -7.39 -20.31
C ASP B 194 -37.11 -7.50 -19.01
N GLU B 195 -36.06 -8.35 -18.91
CA GLU B 195 -35.40 -8.46 -17.63
C GLU B 195 -34.48 -7.31 -17.28
N ILE B 196 -33.89 -6.63 -18.25
CA ILE B 196 -32.95 -5.57 -17.92
C ILE B 196 -33.75 -4.29 -17.59
N VAL B 197 -33.23 -3.62 -16.53
CA VAL B 197 -33.72 -2.30 -16.21
C VAL B 197 -32.49 -1.44 -16.55
N PRO B 198 -32.60 -0.40 -17.36
CA PRO B 198 -31.48 0.47 -17.72
C PRO B 198 -30.87 1.17 -16.50
N PHE B 199 -29.55 1.21 -16.42
CA PHE B 199 -28.81 1.81 -15.30
C PHE B 199 -28.12 3.09 -15.85
N ILE B 200 -28.35 4.18 -15.11
CA ILE B 200 -27.74 5.46 -15.59
C ILE B 200 -26.40 5.70 -14.95
N VAL B 201 -25.30 5.72 -15.65
CA VAL B 201 -23.98 5.93 -15.04
C VAL B 201 -23.85 7.44 -14.90
N LYS B 202 -24.02 7.94 -13.68
CA LYS B 202 -23.98 9.38 -13.50
C LYS B 202 -22.55 9.84 -13.78
N GLY B 203 -22.48 10.66 -14.81
CA GLY B 203 -21.22 11.25 -15.22
C GLY B 203 -21.22 12.73 -14.82
N ARG B 204 -20.14 13.36 -15.24
CA ARG B 204 -19.85 14.77 -15.02
C ARG B 204 -19.99 15.45 -16.38
N LYS B 205 -19.25 14.84 -17.30
CA LYS B 205 -19.23 15.21 -18.70
C LYS B 205 -20.24 14.40 -19.49
N GLY B 206 -21.42 14.10 -18.93
CA GLY B 206 -22.46 13.33 -19.57
C GLY B 206 -22.92 12.06 -18.85
N ASP B 207 -24.22 11.86 -18.76
CA ASP B 207 -24.82 10.71 -18.10
C ASP B 207 -24.92 9.63 -19.19
N ILE B 208 -24.61 8.38 -18.83
CA ILE B 208 -24.70 7.35 -19.88
C ILE B 208 -25.71 6.31 -19.43
N THR B 209 -26.61 5.97 -20.30
CA THR B 209 -27.57 4.91 -19.98
C THR B 209 -27.04 3.58 -20.49
N VAL B 210 -27.00 2.61 -19.57
CA VAL B 210 -26.48 1.27 -19.94
C VAL B 210 -27.62 0.26 -19.95
N ASP B 211 -28.02 -0.25 -21.14
CA ASP B 211 -29.12 -1.23 -21.09
C ASP B 211 -28.91 -2.50 -21.89
N ALA B 212 -27.65 -2.73 -22.26
CA ALA B 212 -27.17 -3.83 -23.02
C ALA B 212 -25.99 -4.54 -22.34
N ASP B 213 -26.08 -5.87 -22.37
CA ASP B 213 -25.03 -6.69 -21.77
C ASP B 213 -23.72 -6.42 -22.50
N GLU B 214 -22.68 -5.79 -21.99
CA GLU B 214 -21.59 -5.45 -22.89
C GLU B 214 -20.50 -6.49 -23.04
N TYR B 215 -20.53 -7.52 -22.24
CA TYR B 215 -19.53 -8.58 -22.38
C TYR B 215 -19.80 -9.59 -23.50
N ILE B 216 -21.01 -9.76 -23.97
CA ILE B 216 -21.36 -10.70 -25.04
C ILE B 216 -20.52 -10.26 -26.28
N ARG B 217 -19.82 -11.20 -26.88
CA ARG B 217 -19.10 -10.89 -28.10
C ARG B 217 -19.92 -11.26 -29.33
N HIS B 218 -19.94 -10.35 -30.28
CA HIS B 218 -20.65 -10.50 -31.54
C HIS B 218 -19.76 -11.21 -32.55
N GLY B 219 -20.31 -12.18 -33.24
CA GLY B 219 -19.62 -12.91 -34.28
C GLY B 219 -18.42 -13.70 -33.79
N ALA B 220 -18.55 -14.20 -32.54
CA ALA B 220 -17.45 -14.97 -31.93
C ALA B 220 -17.05 -16.12 -32.84
N THR B 221 -15.80 -16.39 -33.08
CA THR B 221 -15.40 -17.46 -34.01
C THR B 221 -14.74 -18.59 -33.26
N LEU B 222 -14.90 -19.80 -33.78
CA LEU B 222 -14.23 -20.96 -33.19
C LEU B 222 -12.70 -20.80 -33.36
N ASP B 223 -12.27 -20.34 -34.51
CA ASP B 223 -10.83 -20.11 -34.74
C ASP B 223 -10.25 -19.25 -33.64
N SER B 224 -10.85 -18.11 -33.29
CA SER B 224 -10.31 -17.23 -32.27
C SER B 224 -10.32 -17.88 -30.89
N MET B 225 -11.21 -18.80 -30.63
CA MET B 225 -11.27 -19.51 -29.35
C MET B 225 -10.14 -20.53 -29.21
N ALA B 226 -9.94 -21.24 -30.33
CA ALA B 226 -8.94 -22.26 -30.50
C ALA B 226 -7.51 -21.74 -30.40
N LYS B 227 -7.22 -20.50 -30.69
CA LYS B 227 -5.86 -20.03 -30.67
C LYS B 227 -5.44 -19.51 -29.31
N LEU B 228 -6.40 -19.32 -28.42
CA LEU B 228 -6.11 -18.78 -27.09
C LEU B 228 -5.21 -19.70 -26.33
N ARG B 229 -4.39 -19.21 -25.43
CA ARG B 229 -3.58 -20.12 -24.63
C ARG B 229 -4.34 -20.29 -23.29
N PRO B 230 -4.12 -21.44 -22.69
CA PRO B 230 -4.66 -21.82 -21.39
C PRO B 230 -4.25 -20.78 -20.36
N ALA B 231 -5.21 -20.39 -19.54
CA ALA B 231 -5.05 -19.30 -18.59
C ALA B 231 -4.59 -19.69 -17.20
N PHE B 232 -4.77 -20.96 -16.84
CA PHE B 232 -4.50 -21.44 -15.50
C PHE B 232 -3.52 -22.57 -15.41
N ASP B 233 -3.59 -23.47 -16.37
CA ASP B 233 -2.59 -24.56 -16.39
C ASP B 233 -1.78 -24.30 -17.65
N LYS B 234 -0.52 -23.86 -17.58
CA LYS B 234 0.23 -23.61 -18.81
C LYS B 234 0.01 -24.70 -19.86
N GLU B 235 -0.25 -25.97 -19.59
CA GLU B 235 -0.56 -26.92 -20.66
C GLU B 235 -1.99 -27.45 -20.43
N GLY B 236 -2.87 -26.52 -20.02
CA GLY B 236 -4.25 -26.89 -19.76
C GLY B 236 -5.21 -26.90 -20.93
N THR B 237 -6.48 -26.72 -20.56
CA THR B 237 -7.58 -26.74 -21.53
C THR B 237 -8.55 -25.59 -21.31
N VAL B 238 -8.53 -24.93 -20.19
CA VAL B 238 -9.35 -23.80 -19.85
C VAL B 238 -8.69 -22.53 -20.30
N THR B 239 -9.49 -21.70 -21.00
CA THR B 239 -8.85 -20.44 -21.45
C THR B 239 -9.76 -19.30 -21.03
N ALA B 240 -9.35 -18.09 -21.40
CA ALA B 240 -10.13 -16.90 -21.17
C ALA B 240 -11.39 -16.98 -22.06
N GLY B 241 -11.32 -17.69 -23.22
CA GLY B 241 -12.51 -17.70 -24.05
C GLY B 241 -13.53 -18.75 -23.59
N ASN B 242 -13.10 -19.85 -22.96
CA ASN B 242 -14.05 -20.83 -22.53
C ASN B 242 -14.39 -20.72 -21.01
N ALA B 243 -13.95 -19.64 -20.34
CA ALA B 243 -14.24 -19.42 -18.97
C ALA B 243 -15.19 -18.19 -18.97
N SER B 244 -15.88 -17.99 -17.85
CA SER B 244 -16.74 -16.86 -17.67
C SER B 244 -15.83 -15.66 -17.41
N GLY B 245 -16.36 -14.43 -17.31
CA GLY B 245 -15.37 -13.35 -17.11
C GLY B 245 -15.42 -12.75 -15.69
N LEU B 246 -14.90 -11.54 -15.53
CA LEU B 246 -14.95 -10.81 -14.26
C LEU B 246 -15.88 -9.70 -14.63
N ASN B 247 -16.96 -9.48 -13.93
CA ASN B 247 -17.99 -8.55 -14.31
C ASN B 247 -18.73 -7.85 -13.21
N ASP B 248 -19.47 -6.81 -13.62
CA ASP B 248 -20.30 -6.05 -12.59
C ASP B 248 -21.79 -6.12 -12.90
N GLY B 249 -22.58 -6.15 -11.82
CA GLY B 249 -24.01 -6.15 -12.04
C GLY B 249 -24.84 -6.37 -10.76
N ALA B 250 -26.17 -6.22 -10.89
CA ALA B 250 -27.08 -6.52 -9.79
C ALA B 250 -28.33 -7.17 -10.39
N ALA B 251 -29.06 -7.87 -9.55
CA ALA B 251 -30.29 -8.53 -10.00
C ALA B 251 -31.07 -8.92 -8.74
N ALA B 252 -32.38 -8.87 -8.87
CA ALA B 252 -33.30 -9.19 -7.76
C ALA B 252 -34.66 -9.60 -8.26
N ALA B 253 -35.39 -10.01 -7.23
CA ALA B 253 -36.74 -10.48 -7.27
C ALA B 253 -37.47 -9.91 -6.07
N LEU B 254 -38.77 -9.64 -6.32
CA LEU B 254 -39.68 -9.17 -5.24
C LEU B 254 -40.53 -10.38 -4.84
N LEU B 255 -40.50 -10.73 -3.55
CA LEU B 255 -41.25 -11.87 -3.05
C LEU B 255 -42.41 -11.61 -2.10
N MET B 256 -43.48 -12.40 -2.22
CA MET B 256 -44.64 -12.30 -1.34
C MET B 256 -45.38 -13.61 -1.44
N SER B 257 -46.26 -13.85 -0.44
CA SER B 257 -47.07 -15.07 -0.52
C SER B 257 -47.87 -15.02 -1.79
N GLU B 258 -48.22 -16.23 -2.25
CA GLU B 258 -49.13 -16.34 -3.40
C GLU B 258 -50.46 -15.68 -3.03
N ALA B 259 -50.97 -15.87 -1.82
CA ALA B 259 -52.23 -15.24 -1.43
C ALA B 259 -52.22 -13.72 -1.42
N GLU B 260 -51.08 -13.15 -1.07
CA GLU B 260 -50.89 -11.70 -1.07
C GLU B 260 -50.77 -11.24 -2.52
N ALA B 261 -50.12 -11.89 -3.44
CA ALA B 261 -50.00 -11.51 -4.86
C ALA B 261 -51.44 -11.44 -5.40
N SER B 262 -52.21 -12.50 -5.09
CA SER B 262 -53.61 -12.59 -5.44
C SER B 262 -54.46 -11.45 -4.90
N ARG B 263 -54.33 -11.02 -3.65
CA ARG B 263 -55.00 -9.87 -3.12
C ARG B 263 -54.66 -8.67 -3.95
N ARG B 264 -53.41 -8.46 -4.38
CA ARG B 264 -53.02 -7.32 -5.16
C ARG B 264 -53.30 -7.37 -6.67
N GLY B 265 -53.79 -8.44 -7.22
CA GLY B 265 -54.05 -8.55 -8.69
C GLY B 265 -52.72 -8.73 -9.44
N ILE B 266 -51.70 -9.26 -8.75
CA ILE B 266 -50.42 -9.44 -9.42
C ILE B 266 -50.30 -10.79 -10.13
N GLN B 267 -49.88 -10.86 -11.34
CA GLN B 267 -49.59 -12.05 -12.12
C GLN B 267 -48.09 -12.31 -11.90
N PRO B 268 -47.80 -13.24 -11.02
CA PRO B 268 -46.41 -13.49 -10.65
C PRO B 268 -45.62 -14.21 -11.74
N LEU B 269 -44.33 -13.97 -11.65
CA LEU B 269 -43.38 -14.68 -12.59
C LEU B 269 -43.22 -16.18 -12.21
N GLY B 270 -43.65 -16.54 -10.99
CA GLY B 270 -43.56 -18.00 -10.75
C GLY B 270 -43.68 -18.24 -9.24
N ARG B 271 -43.87 -19.50 -8.95
CA ARG B 271 -44.00 -20.02 -7.58
C ARG B 271 -42.73 -20.75 -7.26
N ILE B 272 -42.12 -20.46 -6.09
CA ILE B 272 -40.86 -21.07 -5.72
C ILE B 272 -41.32 -22.46 -5.20
N VAL B 273 -41.04 -23.50 -5.96
CA VAL B 273 -41.51 -24.79 -5.45
C VAL B 273 -40.51 -25.45 -4.56
N SER B 274 -39.18 -25.21 -4.70
CA SER B 274 -38.27 -25.79 -3.80
C SER B 274 -36.89 -25.19 -4.10
N TRP B 275 -35.98 -25.44 -3.21
CA TRP B 275 -34.58 -25.04 -3.46
C TRP B 275 -33.67 -26.07 -2.74
N ALA B 276 -32.36 -26.08 -2.99
CA ALA B 276 -31.50 -26.98 -2.23
C ALA B 276 -30.05 -26.46 -2.36
N THR B 277 -29.23 -26.82 -1.37
CA THR B 277 -27.83 -26.45 -1.38
C THR B 277 -27.07 -27.67 -0.89
N VAL B 278 -26.05 -28.11 -1.57
CA VAL B 278 -25.33 -29.33 -1.14
C VAL B 278 -23.86 -29.06 -1.40
N GLY B 279 -22.96 -29.69 -0.65
CA GLY B 279 -21.54 -29.53 -0.86
C GLY B 279 -20.94 -30.69 -1.65
N VAL B 280 -19.77 -30.39 -2.19
CA VAL B 280 -18.97 -31.30 -3.01
C VAL B 280 -17.51 -30.98 -2.69
N ASP B 281 -16.59 -31.83 -3.12
CA ASP B 281 -15.17 -31.59 -2.95
C ASP B 281 -14.78 -30.23 -3.47
N PRO B 282 -14.10 -29.35 -2.79
CA PRO B 282 -13.65 -28.06 -3.28
C PRO B 282 -12.85 -28.18 -4.57
N LYS B 283 -12.01 -29.26 -4.72
CA LYS B 283 -11.24 -29.40 -5.93
C LYS B 283 -12.10 -29.56 -7.19
N VAL B 284 -13.34 -30.02 -7.12
CA VAL B 284 -14.17 -30.17 -8.27
C VAL B 284 -15.45 -29.35 -8.01
N MET B 285 -15.32 -28.12 -7.52
CA MET B 285 -16.46 -27.27 -7.15
C MET B 285 -17.56 -27.11 -8.19
N GLY B 286 -17.10 -27.24 -9.44
CA GLY B 286 -17.87 -27.10 -10.62
C GLY B 286 -18.99 -28.11 -10.74
N THR B 287 -18.83 -29.24 -10.05
CA THR B 287 -19.83 -30.28 -10.05
C THR B 287 -20.94 -29.98 -9.07
N GLY B 288 -20.84 -28.92 -8.24
CA GLY B 288 -21.87 -28.51 -7.32
C GLY B 288 -23.31 -28.70 -7.77
N PRO B 289 -23.64 -28.18 -8.95
CA PRO B 289 -24.98 -28.24 -9.51
C PRO B 289 -25.56 -29.63 -9.63
N ILE B 290 -24.82 -30.72 -9.76
CA ILE B 290 -25.39 -32.03 -9.83
C ILE B 290 -26.21 -32.41 -8.61
N PRO B 291 -25.61 -32.61 -7.42
CA PRO B 291 -26.38 -32.94 -6.22
C PRO B 291 -27.37 -31.83 -5.83
N ALA B 292 -27.05 -30.56 -5.96
CA ALA B 292 -28.07 -29.51 -5.60
C ALA B 292 -29.25 -29.58 -6.51
N SER B 293 -29.13 -29.73 -7.86
CA SER B 293 -30.33 -29.77 -8.66
C SER B 293 -31.12 -31.06 -8.36
N ARG B 294 -30.43 -32.21 -8.24
CA ARG B 294 -31.08 -33.46 -7.92
C ARG B 294 -31.81 -33.34 -6.61
N LYS B 295 -31.21 -32.71 -5.57
CA LYS B 295 -31.98 -32.51 -4.33
C LYS B 295 -33.20 -31.59 -4.42
N ALA B 296 -33.06 -30.51 -5.20
CA ALA B 296 -34.16 -29.54 -5.42
C ALA B 296 -35.33 -30.22 -6.15
N LEU B 297 -35.04 -31.05 -7.14
CA LEU B 297 -36.10 -31.73 -7.93
C LEU B 297 -36.79 -32.72 -6.97
N GLU B 298 -35.95 -33.48 -6.27
CA GLU B 298 -36.54 -34.42 -5.27
C GLU B 298 -37.54 -33.72 -4.33
N ARG B 299 -37.07 -32.60 -3.77
CA ARG B 299 -37.94 -31.81 -2.89
C ARG B 299 -39.17 -31.30 -3.54
N ALA B 300 -39.10 -30.97 -4.87
CA ALA B 300 -40.21 -30.51 -5.64
C ALA B 300 -41.17 -31.68 -5.99
N GLY B 301 -40.68 -32.91 -6.05
CA GLY B 301 -41.48 -34.06 -6.51
C GLY B 301 -41.34 -34.19 -8.04
N TRP B 302 -40.35 -33.57 -8.68
CA TRP B 302 -40.16 -33.57 -10.09
C TRP B 302 -39.02 -34.49 -10.53
N LYS B 303 -39.13 -34.99 -11.74
CA LYS B 303 -38.09 -35.84 -12.33
C LYS B 303 -37.34 -34.82 -13.19
N ILE B 304 -36.15 -35.06 -13.62
CA ILE B 304 -35.40 -34.20 -14.47
C ILE B 304 -36.15 -33.91 -15.77
N GLY B 305 -36.79 -34.94 -16.33
CA GLY B 305 -37.55 -34.82 -17.55
C GLY B 305 -38.76 -33.89 -17.39
N ASP B 306 -39.22 -33.59 -16.17
CA ASP B 306 -40.36 -32.70 -16.05
C ASP B 306 -39.93 -31.25 -16.35
N LEU B 307 -38.64 -30.85 -16.25
CA LEU B 307 -38.37 -29.42 -16.48
C LEU B 307 -38.59 -28.99 -17.92
N ASP B 308 -39.02 -27.78 -18.12
CA ASP B 308 -39.28 -27.22 -19.39
C ASP B 308 -38.15 -26.25 -19.79
N LEU B 309 -37.43 -25.73 -18.81
CA LEU B 309 -36.38 -24.76 -19.12
C LEU B 309 -35.37 -24.79 -17.96
N VAL B 310 -34.09 -24.62 -18.20
CA VAL B 310 -33.04 -24.61 -17.21
C VAL B 310 -32.01 -23.52 -17.48
N GLU B 311 -31.59 -22.91 -16.40
CA GLU B 311 -30.53 -21.92 -16.36
C GLU B 311 -29.40 -22.64 -15.59
N ALA B 312 -28.31 -23.13 -16.10
CA ALA B 312 -27.27 -23.74 -15.24
C ALA B 312 -26.07 -22.81 -15.47
N ASN B 313 -25.64 -22.06 -14.52
CA ASN B 313 -24.57 -21.06 -14.71
C ASN B 313 -23.28 -21.61 -15.26
N GLU B 314 -22.77 -20.93 -16.27
CA GLU B 314 -21.53 -21.26 -16.96
C GLU B 314 -20.29 -20.55 -16.36
N ALA B 315 -19.86 -21.06 -15.21
CA ALA B 315 -18.63 -20.54 -14.60
C ALA B 315 -17.51 -20.85 -15.61
N PHE B 316 -17.47 -22.16 -16.01
CA PHE B 316 -16.47 -22.62 -17.00
C PHE B 316 -17.09 -23.60 -17.98
N ALA B 317 -16.73 -23.65 -19.30
CA ALA B 317 -17.36 -24.65 -20.17
C ALA B 317 -17.08 -26.05 -19.66
N ALA B 318 -15.88 -26.30 -19.08
CA ALA B 318 -15.65 -27.65 -18.55
C ALA B 318 -16.72 -28.12 -17.53
N GLN B 319 -17.00 -27.24 -16.54
CA GLN B 319 -17.97 -27.69 -15.50
C GLN B 319 -19.36 -27.70 -16.02
N ALA B 320 -19.78 -26.75 -16.88
CA ALA B 320 -21.12 -26.72 -17.47
C ALA B 320 -21.31 -27.95 -18.36
N CYS B 321 -20.32 -28.37 -19.10
CA CYS B 321 -20.48 -29.66 -19.83
C CYS B 321 -20.61 -30.86 -18.89
N ALA B 322 -19.86 -30.88 -17.79
CA ALA B 322 -19.91 -32.02 -16.86
C ALA B 322 -21.30 -32.10 -16.27
N VAL B 323 -21.80 -30.97 -15.79
CA VAL B 323 -23.16 -30.89 -15.22
C VAL B 323 -24.21 -31.45 -16.19
N ASN B 324 -24.16 -30.89 -17.40
CA ASN B 324 -25.12 -31.29 -18.40
C ASN B 324 -25.02 -32.78 -18.67
N LYS B 325 -23.77 -33.28 -18.77
CA LYS B 325 -23.55 -34.71 -19.10
C LYS B 325 -24.15 -35.55 -17.98
N ASP B 326 -23.80 -35.25 -16.74
CA ASP B 326 -24.31 -36.02 -15.62
C ASP B 326 -25.80 -36.03 -15.44
N LEU B 327 -26.42 -34.84 -15.38
CA LEU B 327 -27.83 -34.62 -15.21
C LEU B 327 -28.58 -35.18 -16.43
N GLY B 328 -28.05 -34.98 -17.65
CA GLY B 328 -28.74 -35.58 -18.80
C GLY B 328 -29.97 -34.85 -19.26
N TRP B 329 -30.19 -33.60 -18.81
CA TRP B 329 -31.38 -32.92 -19.35
C TRP B 329 -31.11 -32.56 -20.80
N ASP B 330 -32.15 -32.35 -21.56
CA ASP B 330 -31.99 -31.98 -22.99
C ASP B 330 -31.24 -30.65 -23.02
N PRO B 331 -30.07 -30.65 -23.61
CA PRO B 331 -29.30 -29.43 -23.69
C PRO B 331 -30.00 -28.30 -24.40
N SER B 332 -31.03 -28.53 -25.27
CA SER B 332 -31.65 -27.48 -26.01
C SER B 332 -32.60 -26.66 -25.10
N ILE B 333 -32.92 -27.16 -23.89
CA ILE B 333 -33.72 -26.34 -22.97
C ILE B 333 -32.77 -25.73 -21.91
N VAL B 334 -31.44 -25.71 -22.15
CA VAL B 334 -30.56 -25.10 -21.10
C VAL B 334 -29.85 -23.86 -21.60
N ASN B 335 -29.93 -22.78 -20.81
CA ASN B 335 -29.30 -21.53 -21.21
C ASN B 335 -29.65 -21.27 -22.69
N VAL B 336 -30.93 -21.16 -22.89
CA VAL B 336 -31.45 -21.01 -24.29
C VAL B 336 -31.11 -19.64 -24.80
N ASN B 337 -30.84 -18.69 -23.89
CA ASN B 337 -30.42 -17.36 -24.39
C ASN B 337 -28.94 -17.09 -24.13
N GLY B 338 -28.08 -18.10 -24.00
CA GLY B 338 -26.69 -17.98 -23.76
C GLY B 338 -26.48 -17.96 -22.26
N GLY B 339 -25.23 -18.06 -21.86
CA GLY B 339 -24.98 -18.10 -20.40
C GLY B 339 -23.79 -17.27 -19.98
N ALA B 340 -23.28 -17.44 -18.79
CA ALA B 340 -22.21 -16.57 -18.29
C ALA B 340 -20.93 -16.48 -19.08
N ILE B 341 -20.53 -17.47 -19.89
CA ILE B 341 -19.28 -17.27 -20.68
C ILE B 341 -19.47 -16.02 -21.58
N ALA B 342 -20.67 -15.84 -22.10
CA ALA B 342 -20.99 -14.69 -22.94
C ALA B 342 -21.47 -13.47 -22.16
N ILE B 343 -22.34 -13.71 -21.20
CA ILE B 343 -23.01 -12.61 -20.48
C ILE B 343 -22.18 -12.04 -19.35
N GLY B 344 -21.44 -12.94 -18.69
CA GLY B 344 -20.57 -12.39 -17.64
C GLY B 344 -20.89 -13.08 -16.33
N HIS B 345 -20.05 -12.80 -15.35
CA HIS B 345 -20.26 -13.44 -14.03
C HIS B 345 -19.98 -12.61 -12.79
N PRO B 346 -20.85 -11.63 -12.48
CA PRO B 346 -20.69 -10.76 -11.35
C PRO B 346 -21.00 -11.59 -10.11
N ILE B 347 -20.00 -12.25 -9.60
CA ILE B 347 -20.16 -13.23 -8.52
C ILE B 347 -21.42 -13.20 -7.68
N GLY B 348 -21.54 -12.23 -6.74
CA GLY B 348 -22.71 -12.16 -5.83
C GLY B 348 -24.04 -12.02 -6.55
N ALA B 349 -24.05 -11.41 -7.71
CA ALA B 349 -25.28 -11.22 -8.45
C ALA B 349 -25.69 -12.31 -9.42
N SER B 350 -24.78 -13.15 -9.84
CA SER B 350 -25.05 -14.12 -10.86
C SER B 350 -26.24 -14.99 -10.62
N GLY B 351 -26.48 -15.47 -9.41
CA GLY B 351 -27.56 -16.39 -9.17
C GLY B 351 -28.91 -15.75 -9.38
N ALA B 352 -28.98 -14.45 -9.13
CA ALA B 352 -30.21 -13.69 -9.33
C ALA B 352 -30.28 -13.27 -10.80
N ARG B 353 -29.04 -13.15 -11.35
CA ARG B 353 -29.09 -12.74 -12.81
C ARG B 353 -29.66 -13.93 -13.60
N ILE B 354 -29.18 -15.19 -13.37
CA ILE B 354 -29.71 -16.27 -14.16
C ILE B 354 -31.15 -16.56 -13.76
N LEU B 355 -31.58 -16.28 -12.50
CA LEU B 355 -32.98 -16.46 -12.13
C LEU B 355 -33.82 -15.47 -12.98
N ASN B 356 -33.40 -14.22 -13.15
CA ASN B 356 -34.11 -13.27 -13.99
C ASN B 356 -34.24 -13.86 -15.38
N THR B 357 -33.14 -14.37 -16.00
CA THR B 357 -33.16 -14.97 -17.36
C THR B 357 -34.16 -16.10 -17.36
N LEU B 358 -34.11 -17.00 -16.36
CA LEU B 358 -35.09 -18.08 -16.42
C LEU B 358 -36.52 -17.58 -16.42
N LEU B 359 -36.82 -16.75 -15.38
CA LEU B 359 -38.18 -16.26 -15.27
C LEU B 359 -38.78 -15.60 -16.50
N PHE B 360 -37.95 -14.73 -17.12
CA PHE B 360 -38.53 -13.95 -18.25
C PHE B 360 -38.65 -14.81 -19.47
N GLU B 361 -37.83 -15.86 -19.64
CA GLU B 361 -37.91 -16.78 -20.78
C GLU B 361 -39.06 -17.74 -20.50
N MET B 362 -39.26 -18.19 -19.27
CA MET B 362 -40.40 -19.04 -18.95
C MET B 362 -41.69 -18.30 -19.28
N LYS B 363 -41.80 -17.01 -18.92
CA LYS B 363 -42.98 -16.28 -19.25
C LYS B 363 -43.05 -16.12 -20.78
N ARG B 364 -41.98 -15.75 -21.50
CA ARG B 364 -42.17 -15.63 -22.97
C ARG B 364 -42.60 -16.84 -23.74
N ARG B 365 -42.01 -18.07 -23.45
CA ARG B 365 -42.35 -19.22 -24.22
C ARG B 365 -43.49 -19.99 -23.59
N GLY B 366 -43.91 -19.64 -22.41
CA GLY B 366 -44.97 -20.39 -21.70
C GLY B 366 -44.44 -21.67 -21.08
N ALA B 367 -43.22 -21.74 -20.61
CA ALA B 367 -42.58 -22.84 -19.98
C ALA B 367 -43.21 -22.94 -18.57
N ARG B 368 -43.58 -24.15 -18.19
CA ARG B 368 -44.24 -24.31 -16.90
C ARG B 368 -43.27 -24.56 -15.79
N LYS B 369 -42.24 -25.43 -16.00
CA LYS B 369 -41.38 -25.71 -14.87
C LYS B 369 -39.94 -25.32 -15.23
N GLY B 370 -39.30 -24.61 -14.32
CA GLY B 370 -37.89 -24.32 -14.54
C GLY B 370 -36.99 -24.57 -13.35
N LEU B 371 -35.68 -24.50 -13.60
CA LEU B 371 -34.69 -24.72 -12.53
C LEU B 371 -33.46 -23.87 -12.84
N ALA B 372 -32.93 -23.23 -11.83
CA ALA B 372 -31.74 -22.40 -11.87
C ALA B 372 -30.74 -22.99 -10.93
N THR B 373 -29.48 -23.14 -11.35
CA THR B 373 -28.51 -23.73 -10.43
C THR B 373 -27.16 -23.12 -10.77
N LEU B 374 -26.29 -23.03 -9.79
CA LEU B 374 -24.92 -22.54 -9.91
C LEU B 374 -23.90 -23.39 -9.11
N CYS B 375 -22.68 -23.47 -9.57
CA CYS B 375 -21.58 -24.14 -8.88
C CYS B 375 -21.03 -23.10 -7.95
N ILE B 376 -20.38 -23.41 -6.87
CA ILE B 376 -19.88 -22.44 -5.89
C ILE B 376 -18.46 -22.80 -5.41
N GLY B 377 -17.56 -21.84 -5.38
CA GLY B 377 -16.18 -21.95 -4.92
C GLY B 377 -16.14 -22.46 -3.47
N GLY B 378 -15.25 -23.41 -3.25
CA GLY B 378 -15.23 -24.02 -1.89
C GLY B 378 -16.00 -25.33 -1.98
N GLY B 379 -16.57 -25.62 -3.16
CA GLY B 379 -17.22 -26.96 -3.26
C GLY B 379 -18.66 -26.95 -2.85
N MET B 380 -19.53 -26.20 -3.46
CA MET B 380 -20.96 -26.20 -3.16
C MET B 380 -21.72 -26.00 -4.46
N GLY B 381 -23.05 -26.33 -4.36
CA GLY B 381 -24.00 -26.08 -5.47
C GLY B 381 -25.29 -25.51 -4.80
N VAL B 382 -26.12 -24.71 -5.43
CA VAL B 382 -27.43 -24.24 -5.07
C VAL B 382 -28.35 -24.43 -6.28
N ALA B 383 -29.61 -24.74 -6.07
CA ALA B 383 -30.55 -24.92 -7.18
C ALA B 383 -31.92 -24.46 -6.72
N MET B 384 -32.71 -24.02 -7.67
CA MET B 384 -34.08 -23.59 -7.29
C MET B 384 -35.10 -24.07 -8.28
N CYS B 385 -36.24 -24.63 -7.84
CA CYS B 385 -37.26 -24.99 -8.82
C CYS B 385 -38.39 -23.92 -8.90
N ILE B 386 -38.90 -23.57 -10.03
CA ILE B 386 -39.91 -22.52 -10.18
C ILE B 386 -41.06 -23.04 -11.02
N GLU B 387 -42.30 -22.79 -10.61
CA GLU B 387 -43.39 -23.29 -11.54
C GLU B 387 -44.19 -22.07 -11.92
N SER B 388 -44.65 -21.97 -13.14
CA SER B 388 -45.46 -20.81 -13.51
C SER B 388 -46.91 -20.94 -13.03
N LEU B 389 -47.59 -19.79 -12.92
CA LEU B 389 -48.99 -19.77 -12.47
C LEU B 389 -49.76 -19.09 -13.63
N SER C 1 46.92 22.39 3.38
CA SER C 1 45.87 23.05 2.59
C SER C 1 44.48 22.79 3.13
N ILE C 2 43.81 21.67 3.13
CA ILE C 2 42.43 21.62 3.66
C ILE C 2 42.41 20.85 4.98
N VAL C 3 41.79 21.36 6.02
CA VAL C 3 41.70 20.67 7.28
C VAL C 3 40.24 20.45 7.71
N ILE C 4 40.15 19.54 8.69
CA ILE C 4 38.90 19.18 9.33
C ILE C 4 38.95 19.99 10.62
N ALA C 5 38.31 21.15 10.62
CA ALA C 5 38.33 21.98 11.83
C ALA C 5 37.68 21.30 13.02
N SER C 6 36.50 20.72 12.89
CA SER C 6 35.80 20.05 13.97
C SER C 6 34.95 18.92 13.40
N ALA C 7 34.35 18.16 14.30
CA ALA C 7 33.56 17.01 13.86
C ALA C 7 32.61 16.58 14.97
N ALA C 8 31.51 15.95 14.52
CA ALA C 8 30.51 15.48 15.46
C ALA C 8 29.62 14.45 14.80
N ARG C 9 29.09 13.56 15.64
CA ARG C 9 28.22 12.51 15.15
C ARG C 9 27.13 12.26 16.20
N THR C 10 25.94 11.88 15.80
CA THR C 10 24.97 11.48 16.85
C THR C 10 25.36 10.04 17.28
N ALA C 11 24.79 9.54 18.35
CA ALA C 11 25.00 8.16 18.77
C ALA C 11 24.33 7.37 17.61
N VAL C 12 24.66 6.07 17.48
CA VAL C 12 24.04 5.29 16.43
C VAL C 12 22.83 4.53 16.98
N GLY C 13 21.66 4.82 16.45
CA GLY C 13 20.45 4.15 16.93
C GLY C 13 20.35 2.70 16.44
N SER C 14 19.54 1.90 17.16
CA SER C 14 19.33 0.54 16.72
C SER C 14 18.12 0.59 15.76
N PHE C 15 17.91 -0.39 14.92
CA PHE C 15 16.77 -0.38 13.99
C PHE C 15 15.41 -0.30 14.65
N ASN C 16 14.61 0.71 14.34
CA ASN C 16 13.28 0.84 14.98
C ASN C 16 13.48 0.94 16.48
N GLY C 17 14.56 1.60 16.88
CA GLY C 17 15.02 1.86 18.20
C GLY C 17 14.86 3.30 18.61
N ALA C 18 15.95 3.84 19.18
CA ALA C 18 15.93 5.21 19.68
C ALA C 18 15.41 6.18 18.64
N PHE C 19 15.87 6.13 17.43
CA PHE C 19 15.53 7.04 16.33
C PHE C 19 14.48 6.50 15.36
N ALA C 20 13.79 5.43 15.75
CA ALA C 20 12.72 4.80 14.97
C ALA C 20 11.80 5.73 14.19
N ASN C 21 11.42 6.86 14.75
CA ASN C 21 10.56 7.81 14.04
C ASN C 21 11.22 9.14 13.77
N THR C 22 12.55 9.21 13.75
CA THR C 22 13.28 10.44 13.52
C THR C 22 13.80 10.58 12.08
N PRO C 23 13.39 11.63 11.38
CA PRO C 23 13.80 11.82 10.01
C PRO C 23 15.29 12.11 10.00
N ALA C 24 16.02 11.47 9.10
CA ALA C 24 17.45 11.69 8.97
C ALA C 24 17.86 13.16 9.02
N HIS C 25 17.21 14.09 8.33
CA HIS C 25 17.63 15.48 8.39
C HIS C 25 17.61 16.02 9.81
N GLU C 26 16.77 15.52 10.72
CA GLU C 26 16.75 15.99 12.10
C GLU C 26 18.09 15.59 12.74
N LEU C 27 18.45 14.31 12.58
CA LEU C 27 19.73 13.87 13.08
C LEU C 27 20.85 14.73 12.46
N GLY C 28 20.80 15.01 11.19
CA GLY C 28 21.79 15.85 10.52
C GLY C 28 21.86 17.27 11.07
N ALA C 29 20.73 17.95 11.26
CA ALA C 29 20.68 19.31 11.79
C ALA C 29 21.58 19.43 13.01
N THR C 30 21.29 18.53 13.96
CA THR C 30 22.06 18.51 15.22
C THR C 30 23.54 18.32 14.99
N VAL C 31 23.91 17.53 13.98
CA VAL C 31 25.35 17.36 13.72
C VAL C 31 25.91 18.54 12.98
N ILE C 32 25.08 19.28 12.24
CA ILE C 32 25.56 20.48 11.55
C ILE C 32 25.84 21.54 12.63
N SER C 33 24.91 21.74 13.57
CA SER C 33 25.06 22.70 14.66
C SER C 33 26.23 22.36 15.58
N ALA C 34 26.43 21.09 15.84
CA ALA C 34 27.53 20.64 16.70
C ALA C 34 28.89 20.99 16.11
N VAL C 35 29.07 20.61 14.85
CA VAL C 35 30.36 20.94 14.23
C VAL C 35 30.58 22.45 14.24
N LEU C 36 29.53 23.20 13.92
CA LEU C 36 29.62 24.65 14.00
C LEU C 36 30.01 25.12 15.41
N GLU C 37 29.25 24.75 16.44
CA GLU C 37 29.61 25.21 17.79
C GLU C 37 30.96 24.66 18.23
N ARG C 38 31.40 23.45 17.94
CA ARG C 38 32.69 22.94 18.36
C ARG C 38 33.91 23.60 17.73
N ALA C 39 33.75 24.43 16.73
CA ALA C 39 34.88 25.09 16.08
C ALA C 39 34.76 26.60 16.24
N GLY C 40 33.63 27.00 16.82
CA GLY C 40 33.38 28.42 17.00
C GLY C 40 33.02 29.02 15.65
N VAL C 41 32.35 28.33 14.74
CA VAL C 41 32.02 29.03 13.50
C VAL C 41 30.51 29.21 13.44
N ALA C 42 30.14 30.41 12.95
CA ALA C 42 28.73 30.72 12.86
C ALA C 42 28.11 30.06 11.64
N ALA C 43 26.84 29.63 11.81
CA ALA C 43 26.12 29.01 10.69
C ALA C 43 26.09 29.92 9.47
N GLY C 44 26.05 31.25 9.67
CA GLY C 44 26.04 32.23 8.60
C GLY C 44 27.29 32.18 7.74
N GLU C 45 28.41 31.68 8.23
CA GLU C 45 29.66 31.57 7.50
C GLU C 45 29.73 30.28 6.69
N VAL C 46 28.76 29.38 6.78
CA VAL C 46 28.75 28.17 6.02
C VAL C 46 28.31 28.44 4.58
N ASN C 47 29.17 27.99 3.64
CA ASN C 47 28.81 28.14 2.24
C ASN C 47 27.97 26.95 1.79
N GLU C 48 28.38 25.72 2.07
CA GLU C 48 27.59 24.60 1.59
C GLU C 48 27.60 23.40 2.54
N VAL C 49 26.51 22.63 2.46
CA VAL C 49 26.37 21.42 3.25
C VAL C 49 26.21 20.28 2.24
N ILE C 50 26.96 19.24 2.32
CA ILE C 50 27.01 18.04 1.48
C ILE C 50 26.67 16.83 2.37
N LEU C 51 25.56 16.13 2.11
CA LEU C 51 25.30 15.01 3.02
C LEU C 51 25.01 13.71 2.25
N GLY C 52 25.85 12.72 2.57
CA GLY C 52 25.67 11.39 2.00
C GLY C 52 24.43 10.79 2.66
N GLN C 53 23.51 10.31 1.83
CA GLN C 53 22.25 9.72 2.32
C GLN C 53 21.75 8.84 1.16
N VAL C 54 21.60 7.57 1.52
CA VAL C 54 21.19 6.56 0.55
C VAL C 54 19.71 6.32 0.47
N LEU C 55 18.98 6.52 1.59
CA LEU C 55 17.54 6.25 1.56
C LEU C 55 16.62 7.37 1.94
N PRO C 56 16.47 8.43 1.16
CA PRO C 56 15.61 9.56 1.45
C PRO C 56 14.18 9.50 0.92
N ALA C 57 13.77 8.27 0.49
CA ALA C 57 12.41 8.31 -0.08
C ALA C 57 11.40 8.85 0.90
N GLY C 58 10.57 9.79 0.44
CA GLY C 58 9.53 10.32 1.30
C GLY C 58 9.85 11.38 2.31
N GLU C 59 11.11 11.78 2.43
CA GLU C 59 11.52 12.82 3.37
C GLU C 59 11.36 14.22 2.81
N GLY C 60 10.91 14.29 1.56
CA GLY C 60 10.64 15.53 0.85
C GLY C 60 11.87 16.00 0.04
N GLN C 61 11.76 17.20 -0.51
CA GLN C 61 12.87 17.73 -1.29
C GLN C 61 14.19 17.86 -0.53
N ASN C 62 15.24 17.33 -1.13
CA ASN C 62 16.62 17.37 -0.66
C ASN C 62 16.84 17.60 0.84
N PRO C 63 16.72 16.52 1.61
CA PRO C 63 16.96 16.45 3.02
C PRO C 63 18.24 17.17 3.43
N ALA C 64 19.29 17.18 2.60
CA ALA C 64 20.48 17.92 3.01
C ALA C 64 20.12 19.38 3.22
N ARG C 65 19.43 20.02 2.27
CA ARG C 65 18.99 21.40 2.42
C ARG C 65 18.07 21.54 3.64
N GLN C 66 17.21 20.50 3.90
CA GLN C 66 16.35 20.63 5.06
C GLN C 66 17.21 20.68 6.31
N ALA C 67 18.20 19.78 6.37
CA ALA C 67 19.07 19.70 7.54
C ALA C 67 19.81 20.99 7.79
N ALA C 68 20.39 21.55 6.72
CA ALA C 68 21.10 22.81 6.80
C ALA C 68 20.19 23.94 7.32
N MET C 69 18.99 24.08 6.78
CA MET C 69 18.09 25.17 7.23
C MET C 69 17.66 24.99 8.67
N LYS C 70 17.29 23.74 9.00
CA LYS C 70 16.92 23.47 10.40
C LYS C 70 18.03 23.91 11.32
N ALA C 71 19.30 23.62 11.01
CA ALA C 71 20.42 23.99 11.85
C ALA C 71 20.73 25.49 11.81
N GLY C 72 20.11 26.27 10.93
CA GLY C 72 20.37 27.71 10.94
C GLY C 72 21.30 28.21 9.86
N VAL C 73 21.76 27.34 8.97
CA VAL C 73 22.63 27.81 7.85
C VAL C 73 21.65 28.63 7.01
N PRO C 74 22.00 29.86 6.74
CA PRO C 74 21.15 30.77 6.00
C PRO C 74 20.80 30.18 4.65
N GLN C 75 19.69 30.71 4.16
CA GLN C 75 19.10 30.33 2.89
C GLN C 75 19.99 30.69 1.72
N GLU C 76 20.89 31.62 1.85
CA GLU C 76 21.85 32.03 0.86
C GLU C 76 22.89 30.92 0.66
N ALA C 77 23.11 30.01 1.60
CA ALA C 77 24.06 28.91 1.40
C ALA C 77 23.38 27.87 0.52
N THR C 78 24.04 26.80 0.16
CA THR C 78 23.55 25.72 -0.67
C THR C 78 23.78 24.41 0.08
N ALA C 79 23.03 23.38 -0.33
CA ALA C 79 23.07 22.06 0.20
C ALA C 79 22.65 21.05 -0.86
N TRP C 80 23.22 19.86 -0.74
CA TRP C 80 22.90 18.74 -1.59
C TRP C 80 23.23 17.37 -0.96
N GLY C 81 22.57 16.37 -1.54
CA GLY C 81 22.75 15.01 -1.09
C GLY C 81 23.50 14.22 -2.19
N MET C 82 24.15 13.17 -1.74
CA MET C 82 24.91 12.34 -2.67
C MET C 82 24.91 10.88 -2.23
N ASN C 83 25.01 10.02 -3.25
CA ASN C 83 25.00 8.61 -2.93
C ASN C 83 26.06 7.72 -3.57
N GLN C 84 27.02 7.27 -2.78
CA GLN C 84 27.98 6.28 -3.21
C GLN C 84 27.78 5.16 -2.16
N LEU C 85 26.51 4.84 -1.87
CA LEU C 85 26.10 3.86 -0.91
C LEU C 85 26.90 3.92 0.37
N SCY C 86 27.37 2.78 0.89
CA SCY C 86 28.12 2.86 2.12
CB SCY C 86 28.73 1.54 2.65
SG SCY C 86 27.42 0.32 3.04
CD SCY C 86 27.35 -0.57 1.55
OCD SCY C 86 27.72 -1.65 1.26
CE SCY C 86 26.76 -0.02 0.25
C SCY C 86 29.27 3.82 2.18
O SCY C 86 29.56 4.27 3.30
N GLY C 87 29.92 4.21 1.10
CA GLY C 87 31.05 5.14 1.20
C GLY C 87 30.56 6.58 1.17
N SER C 88 29.26 6.77 1.09
CA SER C 88 28.66 8.11 0.99
C SER C 88 29.17 9.06 2.07
N GLY C 89 29.07 8.69 3.33
CA GLY C 89 29.51 9.53 4.46
C GLY C 89 30.95 10.02 4.33
N LEU C 90 31.86 9.16 3.87
CA LEU C 90 33.26 9.55 3.74
C LEU C 90 33.49 10.33 2.45
N ARG C 91 32.87 9.87 1.37
CA ARG C 91 33.05 10.56 0.07
C ARG C 91 32.58 11.99 0.15
N ALA C 92 31.57 12.31 0.93
CA ALA C 92 31.07 13.67 1.06
C ALA C 92 32.18 14.63 1.49
N VAL C 93 32.90 14.14 2.50
CA VAL C 93 34.02 14.92 3.09
C VAL C 93 35.06 15.15 2.01
N ALA C 94 35.42 14.17 1.22
CA ALA C 94 36.36 14.41 0.14
C ALA C 94 35.79 15.44 -0.84
N LEU C 95 34.56 15.25 -1.31
CA LEU C 95 33.85 16.15 -2.18
C LEU C 95 33.85 17.57 -1.63
N GLY C 96 33.65 17.78 -0.32
CA GLY C 96 33.64 19.03 0.38
C GLY C 96 34.99 19.73 0.37
N MET C 97 36.05 18.97 0.63
CA MET C 97 37.43 19.38 0.52
C MET C 97 37.70 19.91 -0.90
N GLN C 98 37.24 19.15 -1.91
CA GLN C 98 37.46 19.61 -3.29
C GLN C 98 36.82 20.97 -3.49
N GLN C 99 35.61 21.21 -2.89
CA GLN C 99 35.01 22.51 -3.05
C GLN C 99 35.99 23.64 -2.64
N ILE C 100 36.64 23.54 -1.49
CA ILE C 100 37.58 24.55 -1.04
C ILE C 100 38.85 24.51 -1.91
N ALA C 101 39.30 23.35 -2.31
CA ALA C 101 40.52 23.17 -3.08
C ALA C 101 40.44 23.88 -4.41
N THR C 102 39.26 23.92 -5.03
CA THR C 102 39.11 24.60 -6.33
C THR C 102 38.71 26.05 -6.12
N GLY C 103 38.69 26.49 -4.88
CA GLY C 103 38.36 27.87 -4.56
C GLY C 103 36.91 28.21 -4.76
N ASP C 104 36.00 27.25 -4.82
CA ASP C 104 34.58 27.55 -5.01
C ASP C 104 33.85 27.75 -3.70
N ALA C 105 34.51 27.46 -2.59
CA ALA C 105 33.96 27.59 -1.28
C ALA C 105 35.11 27.73 -0.28
N SER C 106 34.76 28.25 0.88
CA SER C 106 35.66 28.48 1.99
C SER C 106 35.43 27.57 3.20
N ILE C 107 34.13 27.45 3.51
CA ILE C 107 33.72 26.66 4.64
C ILE C 107 32.58 25.71 4.25
N ILE C 108 32.80 24.42 4.56
CA ILE C 108 31.83 23.41 4.21
C ILE C 108 31.53 22.44 5.35
N VAL C 109 30.31 21.92 5.43
CA VAL C 109 29.95 20.92 6.41
C VAL C 109 29.54 19.72 5.52
N ALA C 110 30.20 18.63 5.76
CA ALA C 110 30.05 17.42 4.94
C ALA C 110 30.08 16.23 5.90
N GLY C 111 29.41 15.17 5.48
CA GLY C 111 29.32 13.95 6.29
C GLY C 111 28.16 13.16 5.66
N GLY C 112 27.40 12.49 6.54
CA GLY C 112 26.29 11.74 5.93
C GLY C 112 25.18 11.58 6.97
N MET C 113 24.03 11.14 6.45
CA MET C 113 22.92 10.94 7.41
C MET C 113 22.06 9.79 6.90
N GLU C 114 21.45 9.09 7.86
CA GLU C 114 20.57 8.05 7.46
C GLU C 114 19.62 7.62 8.58
N SER C 115 18.41 7.34 8.09
CA SER C 115 17.36 6.82 8.96
C SER C 115 16.92 5.56 8.18
N MET C 116 17.52 4.43 8.54
CA MET C 116 17.12 3.19 7.91
C MET C 116 15.71 2.84 8.46
N SER C 117 15.47 3.15 9.73
CA SER C 117 14.15 2.96 10.29
C SER C 117 13.04 3.67 9.51
N MET C 118 13.25 4.92 9.11
CA MET C 118 12.25 5.68 8.42
C MET C 118 12.16 5.35 6.92
N ALA C 119 13.00 4.45 6.38
CA ALA C 119 12.83 4.19 4.96
C ALA C 119 11.45 3.52 4.71
N PRO C 120 10.69 4.08 3.76
CA PRO C 120 9.37 3.58 3.42
C PRO C 120 9.29 2.38 2.50
N HIS C 121 8.07 1.89 2.32
CA HIS C 121 7.75 0.82 1.42
C HIS C 121 7.20 1.53 0.16
N CYS C 122 7.50 1.06 -1.04
CA CYS C 122 7.00 1.73 -2.22
C CYS C 122 6.56 0.76 -3.31
N ALA C 123 5.75 1.33 -4.16
CA ALA C 123 5.26 0.61 -5.34
C ALA C 123 5.03 1.54 -6.52
N HIS C 124 5.44 1.15 -7.75
CA HIS C 124 5.12 2.02 -8.90
C HIS C 124 3.68 1.71 -9.30
N LEU C 125 2.79 2.67 -9.14
CA LEU C 125 1.37 2.46 -9.34
C LEU C 125 0.65 3.44 -10.25
N ARG C 126 1.41 4.17 -11.07
CA ARG C 126 0.80 5.10 -12.00
C ARG C 126 -0.03 4.43 -13.08
N GLY C 127 0.35 3.26 -13.56
CA GLY C 127 -0.49 2.63 -14.60
C GLY C 127 -1.83 2.20 -13.98
N GLY C 128 -1.77 1.68 -12.76
CA GLY C 128 -2.94 1.16 -12.03
C GLY C 128 -2.74 -0.35 -12.09
N VAL C 129 -3.30 -1.14 -11.18
CA VAL C 129 -3.05 -2.61 -11.34
C VAL C 129 -4.42 -3.14 -11.76
N LYS C 130 -4.64 -3.55 -12.99
CA LYS C 130 -5.96 -4.07 -13.36
C LYS C 130 -6.31 -5.32 -12.51
N MET C 131 -5.42 -6.30 -12.38
CA MET C 131 -5.81 -7.43 -11.53
C MET C 131 -4.57 -8.08 -10.93
N GLY C 132 -4.66 -8.69 -9.75
CA GLY C 132 -3.46 -9.36 -9.24
C GLY C 132 -2.82 -8.59 -8.10
N ASP C 133 -2.14 -9.37 -7.28
CA ASP C 133 -1.39 -8.80 -6.15
C ASP C 133 -0.20 -8.05 -6.73
N PHE C 134 0.29 -7.10 -5.95
CA PHE C 134 1.49 -6.38 -6.31
C PHE C 134 2.32 -6.28 -5.01
N LYS C 135 3.61 -6.01 -5.26
CA LYS C 135 4.57 -5.87 -4.17
C LYS C 135 4.74 -4.44 -3.72
N MET C 136 4.83 -4.23 -2.42
CA MET C 136 5.13 -2.99 -1.73
C MET C 136 6.61 -3.30 -1.34
N ILE C 137 7.49 -2.59 -2.01
CA ILE C 137 8.92 -2.86 -1.81
C ILE C 137 9.61 -2.09 -0.69
N ASP C 138 10.40 -2.85 0.10
CA ASP C 138 11.12 -2.14 1.19
C ASP C 138 12.29 -1.39 0.58
N THR C 139 12.29 -0.09 0.46
CA THR C 139 13.37 0.63 -0.13
C THR C 139 14.70 0.40 0.60
N MET C 140 14.69 0.11 1.89
CA MET C 140 15.88 -0.17 2.63
C MET C 140 16.59 -1.39 2.06
N ILE C 141 15.81 -2.44 1.76
CA ILE C 141 16.41 -3.66 1.22
C ILE C 141 16.75 -3.50 -0.25
N LYS C 142 15.75 -3.04 -0.99
CA LYS C 142 15.93 -2.87 -2.43
C LYS C 142 16.96 -1.82 -2.78
N ASP C 143 16.88 -0.61 -2.23
CA ASP C 143 17.79 0.47 -2.62
C ASP C 143 19.06 0.61 -1.81
N GLY C 144 19.09 -0.05 -0.62
CA GLY C 144 20.30 0.03 0.15
C GLY C 144 21.07 -1.25 0.33
N LEU C 145 20.44 -2.40 0.35
CA LEU C 145 21.21 -3.62 0.63
C LEU C 145 21.20 -4.74 -0.37
N THR C 146 20.63 -4.54 -1.54
CA THR C 146 20.54 -5.62 -2.53
C THR C 146 21.45 -5.31 -3.71
N ASP C 147 22.23 -6.28 -4.11
CA ASP C 147 23.12 -6.01 -5.26
C ASP C 147 22.22 -5.92 -6.49
N ALA C 148 22.26 -4.83 -7.22
CA ALA C 148 21.47 -4.56 -8.40
C ALA C 148 21.87 -5.41 -9.60
N PHE C 149 23.02 -6.07 -9.62
CA PHE C 149 23.42 -6.86 -10.77
C PHE C 149 23.21 -8.34 -10.55
N TYR C 150 23.38 -8.81 -9.32
CA TYR C 150 23.16 -10.22 -9.02
C TYR C 150 21.89 -10.48 -8.25
N GLY C 151 21.12 -9.47 -7.91
CA GLY C 151 19.88 -9.57 -7.19
C GLY C 151 19.94 -10.06 -5.76
N TYR C 152 21.13 -10.39 -5.25
CA TYR C 152 21.19 -10.90 -3.88
C TYR C 152 21.65 -9.81 -2.90
N HIS C 153 21.51 -10.16 -1.62
CA HIS C 153 21.84 -9.23 -0.55
C HIS C 153 23.34 -9.15 -0.33
N MET C 154 23.72 -8.06 0.34
CA MET C 154 25.11 -7.78 0.69
C MET C 154 25.69 -8.97 1.42
N GLY C 155 24.97 -9.58 2.35
CA GLY C 155 25.37 -10.75 3.13
C GLY C 155 25.87 -11.85 2.19
N THR C 156 25.24 -12.07 1.03
CA THR C 156 25.74 -13.06 0.08
C THR C 156 27.12 -12.64 -0.44
N THR C 157 27.29 -11.35 -0.77
CA THR C 157 28.57 -10.84 -1.24
C THR C 157 29.63 -11.19 -0.19
N ALA C 158 29.31 -11.05 1.10
CA ALA C 158 30.18 -11.35 2.21
C ALA C 158 30.49 -12.85 2.21
N GLU C 159 29.45 -13.67 1.94
CA GLU C 159 29.65 -15.11 1.84
C GLU C 159 30.66 -15.40 0.73
N ASN C 160 30.60 -14.73 -0.41
CA ASN C 160 31.51 -14.89 -1.55
C ASN C 160 32.94 -14.62 -1.08
N VAL C 161 33.07 -13.56 -0.27
CA VAL C 161 34.40 -13.19 0.22
C VAL C 161 34.88 -14.15 1.29
N ALA C 162 33.98 -14.72 2.08
CA ALA C 162 34.44 -15.67 3.09
C ALA C 162 34.98 -16.91 2.36
N LYS C 163 34.21 -17.49 1.46
CA LYS C 163 34.59 -18.66 0.70
C LYS C 163 35.93 -18.40 0.03
N GLN C 164 35.99 -17.32 -0.74
CA GLN C 164 37.18 -16.91 -1.46
C GLN C 164 38.43 -16.82 -0.61
N TRP C 165 38.31 -16.20 0.57
CA TRP C 165 39.39 -16.02 1.51
C TRP C 165 39.51 -17.15 2.52
N GLN C 166 38.65 -18.14 2.44
CA GLN C 166 38.61 -19.30 3.32
C GLN C 166 38.48 -18.92 4.79
N LEU C 167 37.58 -17.99 5.05
CA LEU C 167 37.33 -17.48 6.39
C LEU C 167 36.20 -18.29 7.04
N SER C 168 36.61 -19.06 8.03
CA SER C 168 35.71 -19.91 8.79
C SER C 168 34.78 -19.14 9.70
N ARG C 169 33.73 -19.86 10.13
CA ARG C 169 32.71 -19.36 11.03
C ARG C 169 33.34 -18.84 12.32
N ASP C 170 34.18 -19.69 12.90
CA ASP C 170 34.83 -19.36 14.16
C ASP C 170 35.70 -18.11 14.11
N GLU C 171 36.39 -17.92 12.99
CA GLU C 171 37.27 -16.80 12.75
C GLU C 171 36.42 -15.54 12.47
N GLN C 172 35.24 -15.65 11.90
CA GLN C 172 34.40 -14.49 11.68
C GLN C 172 33.75 -14.17 13.05
N ASP C 173 33.37 -15.21 13.79
CA ASP C 173 32.76 -15.04 15.11
C ASP C 173 33.72 -14.44 16.11
N ALA C 174 34.99 -14.84 16.05
CA ALA C 174 36.04 -14.35 16.94
C ALA C 174 36.23 -12.85 16.72
N PHE C 175 36.27 -12.40 15.48
CA PHE C 175 36.39 -10.99 15.13
C PHE C 175 35.16 -10.26 15.65
N ALA C 176 33.96 -10.69 15.43
CA ALA C 176 32.76 -10.03 15.92
C ALA C 176 32.78 -9.80 17.44
N VAL C 177 33.10 -10.86 18.21
CA VAL C 177 33.14 -10.74 19.65
C VAL C 177 34.18 -9.68 20.03
N ALA C 178 35.39 -9.73 19.40
CA ALA C 178 36.35 -8.71 19.78
C ALA C 178 35.77 -7.35 19.44
N SER C 179 35.09 -7.20 18.30
CA SER C 179 34.55 -5.87 17.96
C SER C 179 33.61 -5.38 19.04
N GLN C 180 32.72 -6.27 19.52
CA GLN C 180 31.79 -5.94 20.58
C GLN C 180 32.55 -5.57 21.85
N ASN C 181 33.51 -6.42 22.21
CA ASN C 181 34.27 -6.14 23.44
C ASN C 181 35.02 -4.84 23.32
N LYS C 182 35.67 -4.55 22.19
CA LYS C 182 36.35 -3.23 22.13
C LYS C 182 35.35 -2.08 22.18
N ALA C 183 34.16 -2.23 21.59
CA ALA C 183 33.20 -1.10 21.56
C ALA C 183 32.66 -0.88 22.96
N GLU C 184 32.33 -2.00 23.59
CA GLU C 184 31.84 -1.90 24.97
C GLU C 184 32.91 -1.23 25.84
N ALA C 185 34.18 -1.66 25.79
CA ALA C 185 35.21 -1.06 26.62
C ALA C 185 35.26 0.44 26.35
N ALA C 186 35.44 0.81 25.12
CA ALA C 186 35.42 2.17 24.66
C ALA C 186 34.27 2.97 25.29
N GLN C 187 33.03 2.53 25.14
CA GLN C 187 31.86 3.21 25.68
C GLN C 187 31.94 3.38 27.20
N LYS C 188 32.26 2.35 27.97
CA LYS C 188 32.39 2.43 29.41
C LYS C 188 33.45 3.46 29.81
N ASP C 189 34.54 3.47 29.06
CA ASP C 189 35.66 4.40 29.30
C ASP C 189 35.45 5.82 28.78
N GLY C 190 34.25 6.22 28.36
CA GLY C 190 33.97 7.54 27.91
C GLY C 190 34.66 7.87 26.58
N ARG C 191 35.17 6.90 25.86
CA ARG C 191 35.85 7.14 24.61
C ARG C 191 34.97 7.60 23.47
N PHE C 192 33.64 7.47 23.55
CA PHE C 192 32.79 7.95 22.47
C PHE C 192 32.19 9.31 22.82
N LYS C 193 32.36 9.78 24.04
CA LYS C 193 31.80 11.05 24.50
C LYS C 193 32.20 12.26 23.66
N ASP C 194 33.47 12.53 23.41
CA ASP C 194 33.84 13.69 22.61
C ASP C 194 33.12 13.73 21.25
N GLU C 195 33.23 12.62 20.50
CA GLU C 195 32.65 12.62 19.16
C GLU C 195 31.13 12.70 19.13
N ILE C 196 30.45 12.20 20.15
CA ILE C 196 29.00 12.23 20.17
C ILE C 196 28.45 13.57 20.66
N VAL C 197 27.44 13.97 19.90
CA VAL C 197 26.65 15.14 20.23
C VAL C 197 25.31 14.53 20.64
N PRO C 198 24.85 14.67 21.88
CA PRO C 198 23.58 14.09 22.29
C PRO C 198 22.47 14.65 21.41
N PHE C 199 21.51 13.84 20.99
CA PHE C 199 20.37 14.22 20.16
C PHE C 199 19.05 14.18 20.95
N ILE C 200 18.22 15.20 20.88
CA ILE C 200 16.97 15.15 21.67
C ILE C 200 15.79 14.57 20.91
N VAL C 201 15.33 13.37 21.25
CA VAL C 201 14.19 12.78 20.53
C VAL C 201 12.94 13.51 21.02
N LYS C 202 12.50 14.53 20.28
CA LYS C 202 11.35 15.33 20.65
C LYS C 202 10.14 14.43 20.84
N GLY C 203 9.72 14.32 22.09
CA GLY C 203 8.57 13.51 22.42
C GLY C 203 7.34 14.39 22.69
N ARG C 204 6.30 13.71 23.15
CA ARG C 204 5.01 14.30 23.46
C ARG C 204 4.77 14.06 24.95
N LYS C 205 4.97 12.78 25.29
CA LYS C 205 4.82 12.27 26.64
C LYS C 205 6.18 12.34 27.34
N GLY C 206 7.06 13.22 26.86
CA GLY C 206 8.39 13.46 27.37
C GLY C 206 9.47 13.44 26.31
N ASP C 207 10.53 14.22 26.55
CA ASP C 207 11.66 14.27 25.63
C ASP C 207 12.68 13.22 26.13
N ILE C 208 13.44 12.70 25.15
CA ILE C 208 14.47 11.71 25.48
C ILE C 208 15.78 12.12 24.83
N THR C 209 16.81 12.26 25.64
CA THR C 209 18.12 12.66 25.16
C THR C 209 18.90 11.40 24.87
N VAL C 210 19.37 11.25 23.63
CA VAL C 210 20.15 10.04 23.34
C VAL C 210 21.62 10.42 23.12
N ASP C 211 22.51 9.88 23.95
CA ASP C 211 23.92 10.20 23.85
C ASP C 211 24.78 8.94 23.88
N ALA C 212 24.16 7.78 23.73
CA ALA C 212 24.92 6.52 23.75
C ALA C 212 24.54 5.62 22.59
N ASP C 213 25.57 5.01 21.99
CA ASP C 213 25.42 4.08 20.89
C ASP C 213 24.61 2.88 21.42
N GLU C 214 23.30 2.78 21.08
CA GLU C 214 22.52 1.72 21.66
C GLU C 214 22.61 0.33 21.09
N TYR C 215 23.32 0.18 19.99
CA TYR C 215 23.39 -1.14 19.38
C TYR C 215 24.54 -1.98 19.87
N ILE C 216 25.50 -1.42 20.59
CA ILE C 216 26.62 -2.20 21.10
C ILE C 216 26.05 -3.22 22.07
N ARG C 217 26.48 -4.48 22.02
CA ARG C 217 25.94 -5.38 23.05
C ARG C 217 26.99 -5.62 24.14
N HIS C 218 26.57 -5.43 25.37
CA HIS C 218 27.39 -5.62 26.55
C HIS C 218 27.53 -7.11 26.84
N GLY C 219 28.73 -7.57 27.18
CA GLY C 219 29.03 -8.93 27.52
C GLY C 219 28.83 -9.98 26.44
N ALA C 220 29.02 -9.57 25.20
CA ALA C 220 28.87 -10.47 24.06
C ALA C 220 29.70 -11.73 24.33
N THR C 221 29.10 -12.88 24.15
CA THR C 221 29.77 -14.16 24.38
C THR C 221 30.10 -14.78 23.01
N LEU C 222 31.02 -15.72 23.04
CA LEU C 222 31.39 -16.47 21.86
C LEU C 222 30.37 -17.59 21.67
N ASP C 223 29.82 -18.08 22.78
CA ASP C 223 28.82 -19.12 22.78
C ASP C 223 27.55 -18.67 22.09
N SER C 224 27.04 -17.50 22.48
CA SER C 224 25.80 -16.97 21.88
C SER C 224 26.00 -16.71 20.39
N MET C 225 27.19 -16.28 20.04
CA MET C 225 27.64 -16.01 18.70
C MET C 225 27.67 -17.24 17.80
N ALA C 226 28.13 -18.35 18.36
CA ALA C 226 28.26 -19.64 17.70
C ALA C 226 26.95 -20.42 17.59
N LYS C 227 25.91 -19.99 18.29
CA LYS C 227 24.61 -20.63 18.24
C LYS C 227 23.71 -20.06 17.15
N LEU C 228 24.02 -18.86 16.68
CA LEU C 228 23.20 -18.21 15.67
C LEU C 228 23.19 -18.95 14.34
N ARG C 229 22.11 -18.80 13.58
CA ARG C 229 22.01 -19.43 12.26
C ARG C 229 22.45 -18.42 11.21
N PRO C 230 22.96 -18.92 10.10
CA PRO C 230 23.40 -18.10 8.99
C PRO C 230 22.18 -17.34 8.47
N ALA C 231 22.33 -16.06 8.21
CA ALA C 231 21.27 -15.18 7.78
C ALA C 231 20.95 -15.11 6.30
N PHE C 232 21.96 -15.34 5.46
CA PHE C 232 21.78 -15.19 4.01
C PHE C 232 21.89 -16.51 3.28
N ASP C 233 22.97 -17.23 3.58
CA ASP C 233 23.16 -18.53 2.94
C ASP C 233 22.67 -19.56 3.93
N LYS C 234 21.60 -20.29 3.64
CA LYS C 234 21.05 -21.30 4.52
C LYS C 234 22.08 -22.21 5.15
N GLU C 235 23.15 -22.58 4.48
CA GLU C 235 24.22 -23.38 5.05
C GLU C 235 25.49 -22.53 4.95
N GLY C 236 25.33 -21.24 5.24
CA GLY C 236 26.41 -20.28 5.18
C GLY C 236 27.28 -20.13 6.43
N THR C 237 27.93 -18.97 6.50
CA THR C 237 28.85 -18.64 7.59
C THR C 237 28.67 -17.26 8.18
N VAL C 238 27.94 -16.38 7.51
CA VAL C 238 27.66 -15.03 7.97
C VAL C 238 26.33 -15.12 8.74
N THR C 239 26.31 -14.51 9.91
CA THR C 239 25.18 -14.48 10.80
C THR C 239 24.86 -13.01 11.12
N ALA C 240 23.79 -12.82 11.87
CA ALA C 240 23.35 -11.52 12.34
C ALA C 240 24.44 -11.06 13.33
N GLY C 241 25.07 -12.03 14.03
CA GLY C 241 26.09 -11.71 14.97
C GLY C 241 27.41 -11.28 14.35
N ASN C 242 27.80 -11.78 13.20
CA ASN C 242 29.09 -11.40 12.61
C ASN C 242 28.95 -10.51 11.39
N ALA C 243 27.84 -9.77 11.33
CA ALA C 243 27.52 -8.83 10.29
C ALA C 243 27.09 -7.54 11.05
N SER C 244 27.26 -6.40 10.40
CA SER C 244 26.81 -5.15 11.01
C SER C 244 25.27 -5.18 11.00
N GLY C 245 24.60 -4.16 11.56
CA GLY C 245 23.17 -4.15 11.59
C GLY C 245 22.53 -3.12 10.68
N LEU C 246 21.26 -2.89 10.97
CA LEU C 246 20.44 -1.91 10.26
C LEU C 246 20.38 -0.77 11.24
N ASN C 247 20.76 0.48 10.96
CA ASN C 247 20.76 1.52 11.95
C ASN C 247 20.56 2.93 11.40
N ASP C 248 20.41 3.86 12.35
CA ASP C 248 20.14 5.27 12.06
C ASP C 248 21.22 6.16 12.70
N GLY C 249 21.54 7.28 12.06
CA GLY C 249 22.49 8.21 12.61
C GLY C 249 23.01 9.22 11.61
N ALA C 250 23.79 10.16 12.14
CA ALA C 250 24.35 11.20 11.27
C ALA C 250 25.72 11.54 11.85
N ALA C 251 26.63 12.04 11.04
CA ALA C 251 27.98 12.45 11.43
C ALA C 251 28.42 13.42 10.33
N ALA C 252 29.26 14.37 10.74
CA ALA C 252 29.80 15.35 9.86
C ALA C 252 31.14 15.90 10.42
N ALA C 253 31.67 16.72 9.55
CA ALA C 253 32.90 17.45 9.73
C ALA C 253 32.83 18.85 9.12
N LEU C 254 33.45 19.84 9.78
CA LEU C 254 33.55 21.22 9.35
C LEU C 254 34.94 21.35 8.70
N LEU C 255 34.90 21.74 7.44
CA LEU C 255 36.13 21.82 6.64
C LEU C 255 36.48 23.25 6.26
N MET C 256 37.76 23.51 6.15
CA MET C 256 38.18 24.87 5.75
C MET C 256 39.67 24.79 5.43
N SER C 257 40.22 25.84 4.84
CA SER C 257 41.65 25.75 4.56
C SER C 257 42.40 25.76 5.87
N GLU C 258 43.60 25.18 5.89
CA GLU C 258 44.48 25.20 7.04
C GLU C 258 44.72 26.66 7.48
N ALA C 259 44.87 27.55 6.51
CA ALA C 259 45.09 28.97 6.78
C ALA C 259 43.93 29.57 7.56
N GLU C 260 42.74 29.35 7.00
CA GLU C 260 41.49 29.81 7.62
C GLU C 260 41.36 29.34 9.06
N ALA C 261 41.64 28.07 9.34
CA ALA C 261 41.55 27.55 10.71
C ALA C 261 42.50 28.34 11.58
N SER C 262 43.72 28.55 11.03
CA SER C 262 44.75 29.29 11.70
C SER C 262 44.31 30.71 12.00
N ARG C 263 43.70 31.39 11.02
CA ARG C 263 43.21 32.75 11.20
C ARG C 263 42.20 32.78 12.38
N ARG C 264 41.41 31.74 12.53
CA ARG C 264 40.40 31.63 13.54
C ARG C 264 40.83 31.12 14.92
N GLY C 265 42.01 30.58 15.13
CA GLY C 265 42.42 30.08 16.42
C GLY C 265 41.92 28.65 16.63
N ILE C 266 41.41 28.02 15.57
CA ILE C 266 40.92 26.66 15.68
C ILE C 266 42.10 25.69 15.62
N GLN C 267 42.06 24.62 16.45
CA GLN C 267 43.12 23.60 16.43
C GLN C 267 42.50 22.40 15.73
N PRO C 268 42.82 22.21 14.47
CA PRO C 268 42.14 21.17 13.70
C PRO C 268 42.42 19.78 14.17
N LEU C 269 41.46 18.89 13.82
CA LEU C 269 41.45 17.50 14.11
C LEU C 269 42.34 16.74 13.14
N GLY C 270 42.60 17.38 12.01
CA GLY C 270 43.48 16.75 11.03
C GLY C 270 43.46 17.45 9.69
N ARG C 271 44.47 17.12 8.91
CA ARG C 271 44.65 17.62 7.55
C ARG C 271 44.37 16.44 6.60
N ILE C 272 43.49 16.72 5.65
CA ILE C 272 43.08 15.67 4.69
C ILE C 272 44.24 15.51 3.71
N VAL C 273 45.07 14.49 3.87
CA VAL C 273 46.21 14.41 2.99
C VAL C 273 45.84 13.80 1.66
N SER C 274 44.97 12.78 1.69
CA SER C 274 44.53 12.21 0.42
C SER C 274 43.21 11.43 0.54
N TRP C 275 42.70 11.06 -0.64
CA TRP C 275 41.51 10.20 -0.56
C TRP C 275 41.53 9.43 -1.85
N ALA C 276 40.80 8.33 -1.90
CA ALA C 276 40.76 7.52 -3.12
C ALA C 276 39.51 6.63 -3.14
N THR C 277 39.04 6.44 -4.35
CA THR C 277 37.87 5.58 -4.61
C THR C 277 38.22 4.65 -5.74
N VAL C 278 37.88 3.36 -5.68
CA VAL C 278 38.18 2.40 -6.72
C VAL C 278 37.06 1.35 -6.83
N GLY C 279 36.88 0.78 -8.02
CA GLY C 279 35.80 -0.22 -8.19
C GLY C 279 36.37 -1.64 -8.16
N VAL C 280 35.51 -2.61 -7.82
CA VAL C 280 35.89 -4.02 -7.82
C VAL C 280 34.66 -4.79 -8.24
N ASP C 281 34.75 -6.10 -8.29
CA ASP C 281 33.63 -6.92 -8.68
C ASP C 281 32.51 -6.80 -7.64
N PRO C 282 31.33 -6.44 -8.10
CA PRO C 282 30.15 -6.38 -7.24
C PRO C 282 30.02 -7.64 -6.38
N LYS C 283 30.19 -8.84 -6.92
CA LYS C 283 30.07 -10.06 -6.16
C LYS C 283 30.98 -10.06 -4.92
N VAL C 284 32.17 -9.47 -4.97
CA VAL C 284 33.09 -9.49 -3.83
C VAL C 284 33.40 -8.05 -3.38
N MET C 285 32.33 -7.26 -3.29
CA MET C 285 32.32 -5.87 -2.96
C MET C 285 33.05 -5.54 -1.66
N GLY C 286 33.13 -6.48 -0.74
CA GLY C 286 33.80 -6.35 0.53
C GLY C 286 35.32 -6.24 0.45
N THR C 287 35.95 -6.48 -0.70
CA THR C 287 37.35 -6.37 -0.95
C THR C 287 37.70 -4.95 -1.36
N GLY C 288 36.66 -4.14 -1.57
CA GLY C 288 36.71 -2.75 -1.95
C GLY C 288 37.85 -1.94 -1.31
N PRO C 289 37.96 -1.96 0.02
CA PRO C 289 38.96 -1.25 0.76
C PRO C 289 40.42 -1.58 0.41
N ILE C 290 40.68 -2.78 -0.11
CA ILE C 290 42.06 -3.13 -0.43
C ILE C 290 42.66 -2.13 -1.41
N PRO C 291 42.18 -2.09 -2.66
CA PRO C 291 42.65 -1.19 -3.65
C PRO C 291 42.46 0.27 -3.25
N ALA C 292 41.31 0.57 -2.63
CA ALA C 292 41.08 1.98 -2.24
C ALA C 292 42.11 2.49 -1.23
N SER C 293 42.34 1.69 -0.17
CA SER C 293 43.33 2.10 0.85
C SER C 293 44.70 2.27 0.20
N ARG C 294 45.11 1.28 -0.60
CA ARG C 294 46.39 1.33 -1.28
C ARG C 294 46.53 2.58 -2.14
N LYS C 295 45.51 2.94 -2.91
CA LYS C 295 45.50 4.11 -3.78
C LYS C 295 45.63 5.40 -2.96
N ALA C 296 44.87 5.43 -1.86
CA ALA C 296 44.97 6.65 -1.03
C ALA C 296 46.33 6.75 -0.34
N LEU C 297 46.98 5.67 0.04
CA LEU C 297 48.32 5.74 0.64
C LEU C 297 49.32 6.26 -0.39
N GLU C 298 49.18 5.75 -1.63
CA GLU C 298 49.96 6.11 -2.79
C GLU C 298 49.90 7.63 -2.99
N ARG C 299 48.66 8.14 -3.06
CA ARG C 299 48.44 9.57 -3.26
C ARG C 299 48.98 10.42 -2.12
N ALA C 300 49.00 9.91 -0.91
CA ALA C 300 49.53 10.62 0.23
C ALA C 300 51.05 10.47 0.30
N GLY C 301 51.61 9.45 -0.36
CA GLY C 301 53.05 9.19 -0.33
C GLY C 301 53.42 8.44 0.93
N TRP C 302 52.47 7.76 1.55
CA TRP C 302 52.63 7.00 2.74
C TRP C 302 52.76 5.49 2.41
N LYS C 303 53.42 4.80 3.36
CA LYS C 303 53.59 3.37 3.32
C LYS C 303 52.51 2.82 4.26
N ILE C 304 51.99 1.61 4.12
CA ILE C 304 51.01 1.11 5.08
C ILE C 304 51.61 1.24 6.50
N GLY C 305 52.89 0.90 6.67
CA GLY C 305 53.59 0.95 7.94
C GLY C 305 53.52 2.30 8.63
N ASP C 306 53.42 3.41 7.91
CA ASP C 306 53.32 4.75 8.44
C ASP C 306 52.05 5.02 9.24
N LEU C 307 50.98 4.24 9.01
CA LEU C 307 49.77 4.52 9.77
C LEU C 307 49.87 4.26 11.25
N ASP C 308 49.33 5.13 12.06
CA ASP C 308 49.28 4.96 13.51
C ASP C 308 47.89 4.52 13.97
N LEU C 309 46.89 4.77 13.12
CA LEU C 309 45.53 4.39 13.49
C LEU C 309 44.73 4.10 12.21
N VAL C 310 43.88 3.09 12.28
CA VAL C 310 43.02 2.75 11.15
C VAL C 310 41.57 2.50 11.62
N GLU C 311 40.67 2.94 10.75
CA GLU C 311 39.23 2.68 10.86
C GLU C 311 38.84 2.05 9.51
N ALA C 312 38.59 0.76 9.51
CA ALA C 312 38.19 0.00 8.32
C ALA C 312 36.83 -0.58 8.71
N ASN C 313 35.79 -0.02 8.12
CA ASN C 313 34.40 -0.33 8.43
C ASN C 313 34.07 -1.80 8.36
N GLU C 314 33.41 -2.26 9.43
CA GLU C 314 33.04 -3.68 9.48
C GLU C 314 31.62 -3.92 8.99
N ALA C 315 31.48 -4.04 7.66
CA ALA C 315 30.15 -4.35 7.11
C ALA C 315 29.84 -5.77 7.52
N PHE C 316 30.84 -6.65 7.39
CA PHE C 316 30.78 -8.08 7.70
C PHE C 316 32.13 -8.56 8.17
N ALA C 317 32.19 -9.40 9.19
CA ALA C 317 33.46 -9.91 9.69
C ALA C 317 34.27 -10.53 8.58
N ALA C 318 33.68 -11.34 7.73
CA ALA C 318 34.39 -11.98 6.64
C ALA C 318 35.05 -10.92 5.77
N GLN C 319 34.39 -9.80 5.44
CA GLN C 319 35.09 -8.82 4.60
C GLN C 319 36.13 -8.06 5.42
N ALA C 320 35.86 -7.74 6.68
CA ALA C 320 36.82 -7.02 7.52
C ALA C 320 38.08 -7.88 7.72
N CYS C 321 37.95 -9.18 7.95
CA CYS C 321 39.11 -10.07 8.08
C CYS C 321 39.92 -10.13 6.80
N ALA C 322 39.25 -10.36 5.67
CA ALA C 322 39.89 -10.38 4.37
C ALA C 322 40.78 -9.12 4.21
N VAL C 323 40.19 -7.95 4.40
CA VAL C 323 40.85 -6.66 4.25
C VAL C 323 42.13 -6.59 5.05
N ASN C 324 42.00 -6.88 6.35
CA ASN C 324 43.12 -6.81 7.30
C ASN C 324 44.22 -7.81 6.92
N LYS C 325 43.75 -9.01 6.62
CA LYS C 325 44.64 -10.07 6.20
C LYS C 325 45.41 -9.60 4.98
N ASP C 326 44.68 -9.06 4.02
CA ASP C 326 45.33 -8.65 2.78
C ASP C 326 46.30 -7.52 3.03
N LEU C 327 45.78 -6.40 3.51
CA LEU C 327 46.63 -5.23 3.75
C LEU C 327 47.75 -5.55 4.73
N GLY C 328 47.56 -6.40 5.74
CA GLY C 328 48.62 -6.71 6.68
C GLY C 328 48.85 -5.65 7.73
N TRP C 329 48.02 -4.61 7.82
CA TRP C 329 48.25 -3.60 8.87
C TRP C 329 48.11 -4.29 10.23
N ASP C 330 48.72 -3.72 11.26
CA ASP C 330 48.64 -4.28 12.61
C ASP C 330 47.21 -4.24 13.15
N PRO C 331 46.61 -5.42 13.32
CA PRO C 331 45.25 -5.51 13.84
C PRO C 331 45.04 -4.60 15.04
N SER C 332 46.00 -4.48 15.97
CA SER C 332 45.89 -3.65 17.14
C SER C 332 45.64 -2.17 16.85
N ILE C 333 45.88 -1.62 15.68
CA ILE C 333 45.62 -0.21 15.41
C ILE C 333 44.39 -0.01 14.53
N VAL C 334 43.58 -1.03 14.32
CA VAL C 334 42.37 -1.01 13.50
C VAL C 334 41.11 -1.17 14.36
N ASN C 335 40.21 -0.19 14.27
CA ASN C 335 38.97 -0.21 15.03
C ASN C 335 39.22 -0.45 16.52
N VAL C 336 40.13 0.36 17.04
CA VAL C 336 40.57 0.33 18.45
C VAL C 336 39.39 0.39 19.41
N ASN C 337 38.37 1.20 19.15
CA ASN C 337 37.20 1.32 19.99
C ASN C 337 36.01 0.52 19.48
N GLY C 338 36.23 -0.50 18.63
CA GLY C 338 35.11 -1.31 18.15
C GLY C 338 34.70 -0.83 16.76
N GLY C 339 33.98 -1.66 16.03
CA GLY C 339 33.56 -1.30 14.68
C GLY C 339 32.06 -1.50 14.50
N ALA C 340 31.59 -1.36 13.27
CA ALA C 340 30.24 -1.41 12.84
C ALA C 340 29.47 -2.65 13.30
N ILE C 341 30.13 -3.77 13.53
CA ILE C 341 29.44 -4.96 14.02
C ILE C 341 28.79 -4.64 15.36
N ALA C 342 29.54 -3.84 16.14
CA ALA C 342 29.03 -3.47 17.47
C ALA C 342 28.26 -2.17 17.38
N ILE C 343 28.89 -1.16 16.80
CA ILE C 343 28.32 0.18 16.69
C ILE C 343 27.16 0.36 15.75
N GLY C 344 27.13 -0.44 14.68
CA GLY C 344 25.98 -0.31 13.77
C GLY C 344 26.43 0.28 12.45
N HIS C 345 25.51 0.31 11.48
CA HIS C 345 25.95 0.86 10.17
C HIS C 345 24.89 1.63 9.42
N PRO C 346 24.67 2.89 9.81
CA PRO C 346 23.64 3.75 9.20
C PRO C 346 24.21 4.10 7.82
N ILE C 347 23.77 3.36 6.82
CA ILE C 347 24.38 3.43 5.50
C ILE C 347 25.08 4.70 5.07
N GLY C 348 24.33 5.72 4.71
CA GLY C 348 24.94 6.95 4.20
C GLY C 348 25.76 7.72 5.20
N ALA C 349 25.55 7.51 6.50
CA ALA C 349 26.32 8.20 7.50
C ALA C 349 27.55 7.42 7.91
N SER C 350 27.60 6.11 7.69
CA SER C 350 28.71 5.30 8.17
C SER C 350 30.12 5.78 7.86
N GLY C 351 30.46 6.40 6.73
CA GLY C 351 31.83 6.85 6.49
C GLY C 351 32.18 8.07 7.35
N ALA C 352 31.16 8.92 7.60
CA ALA C 352 31.44 10.11 8.40
C ALA C 352 31.51 9.67 9.86
N ARG C 353 30.77 8.60 10.20
CA ARG C 353 30.74 8.06 11.56
C ARG C 353 32.14 7.54 11.90
N ILE C 354 32.69 6.74 10.97
CA ILE C 354 34.03 6.18 11.25
C ILE C 354 35.11 7.26 11.19
N LEU C 355 34.94 8.34 10.44
CA LEU C 355 35.94 9.43 10.38
C LEU C 355 36.01 10.14 11.73
N ASN C 356 34.83 10.29 12.34
CA ASN C 356 34.71 10.87 13.66
C ASN C 356 35.49 9.98 14.63
N THR C 357 35.22 8.69 14.58
CA THR C 357 35.89 7.76 15.49
C THR C 357 37.40 7.88 15.36
N LEU C 358 37.92 7.78 14.15
CA LEU C 358 39.31 7.90 13.85
C LEU C 358 39.86 9.23 14.41
N LEU C 359 39.29 10.33 13.96
CA LEU C 359 39.72 11.66 14.36
C LEU C 359 39.78 11.88 15.87
N PHE C 360 38.74 11.54 16.65
CA PHE C 360 38.81 11.77 18.08
C PHE C 360 39.79 10.78 18.70
N GLU C 361 39.98 9.59 18.15
CA GLU C 361 40.95 8.67 18.77
C GLU C 361 42.37 9.14 18.46
N MET C 362 42.64 9.68 17.27
CA MET C 362 43.99 10.18 16.94
C MET C 362 44.33 11.32 17.89
N LYS C 363 43.41 12.25 18.15
CA LYS C 363 43.73 13.31 19.10
C LYS C 363 43.98 12.73 20.50
N ARG C 364 43.10 11.87 20.99
CA ARG C 364 43.26 11.34 22.35
C ARG C 364 44.49 10.48 22.56
N ARG C 365 44.97 9.72 21.58
CA ARG C 365 46.18 8.92 21.81
C ARG C 365 47.38 9.66 21.22
N GLY C 366 47.14 10.75 20.50
CA GLY C 366 48.26 11.49 19.90
C GLY C 366 48.79 10.84 18.63
N ALA C 367 48.00 10.01 17.94
CA ALA C 367 48.45 9.40 16.69
C ALA C 367 48.71 10.46 15.61
N ARG C 368 49.66 10.25 14.71
CA ARG C 368 49.88 11.26 13.69
C ARG C 368 49.21 10.97 12.35
N LYS C 369 49.31 9.73 11.87
CA LYS C 369 48.75 9.39 10.56
C LYS C 369 47.59 8.41 10.71
N GLY C 370 46.46 8.72 10.10
CA GLY C 370 45.32 7.81 10.22
C GLY C 370 44.68 7.57 8.86
N LEU C 371 43.89 6.49 8.75
CA LEU C 371 43.17 6.17 7.52
C LEU C 371 41.81 5.57 7.85
N ALA C 372 40.81 6.03 7.10
CA ALA C 372 39.43 5.56 7.23
C ALA C 372 39.05 4.93 5.88
N THR C 373 38.47 3.74 5.90
CA THR C 373 38.10 3.12 4.64
C THR C 373 36.81 2.32 4.79
N LEU C 374 36.09 2.16 3.67
CA LEU C 374 34.86 1.38 3.71
C LEU C 374 34.64 0.61 2.39
N CYS C 375 34.07 -0.60 2.48
CA CYS C 375 33.69 -1.33 1.28
C CYS C 375 32.37 -0.69 0.81
N ILE C 376 31.98 -0.81 -0.47
CA ILE C 376 30.76 -0.22 -0.98
C ILE C 376 29.97 -1.25 -1.82
N GLY C 377 28.67 -1.38 -1.59
CA GLY C 377 27.82 -2.30 -2.38
C GLY C 377 27.85 -1.86 -3.82
N GLY C 378 27.87 -2.81 -4.77
CA GLY C 378 27.96 -2.44 -6.17
C GLY C 378 29.43 -2.70 -6.59
N GLY C 379 30.32 -2.87 -5.63
CA GLY C 379 31.73 -3.20 -5.90
C GLY C 379 32.65 -2.01 -5.90
N MET C 380 32.72 -1.31 -4.77
CA MET C 380 33.62 -0.14 -4.74
C MET C 380 34.26 -0.04 -3.36
N GLY C 381 35.32 0.77 -3.29
CA GLY C 381 35.96 1.03 -1.98
C GLY C 381 36.21 2.55 -1.96
N VAL C 382 36.41 3.09 -0.78
CA VAL C 382 36.76 4.50 -0.63
C VAL C 382 37.66 4.53 0.61
N ALA C 383 38.63 5.42 0.58
CA ALA C 383 39.58 5.53 1.66
C ALA C 383 40.04 7.00 1.74
N MET C 384 40.48 7.38 2.94
CA MET C 384 40.93 8.73 3.16
C MET C 384 42.11 8.74 4.14
N CYS C 385 43.16 9.52 3.84
CA CYS C 385 44.28 9.59 4.80
C CYS C 385 44.27 10.93 5.52
N ILE C 386 44.43 10.95 6.83
CA ILE C 386 44.42 12.13 7.66
C ILE C 386 45.70 12.21 8.50
N GLU C 387 46.30 13.39 8.58
CA GLU C 387 47.51 13.64 9.33
C GLU C 387 47.21 14.70 10.40
N SER C 388 47.63 14.41 11.62
CA SER C 388 47.35 15.40 12.67
C SER C 388 48.21 16.63 12.56
N LEU C 389 47.78 17.72 13.18
CA LEU C 389 48.57 18.97 13.19
C LEU C 389 49.07 19.20 14.64
N SER D 1 42.06 24.32 -19.30
CA SER D 1 42.12 23.32 -18.21
C SER D 1 41.10 22.20 -18.35
N ILE D 2 39.82 22.29 -18.00
CA ILE D 2 38.92 21.14 -18.15
C ILE D 2 37.96 21.39 -19.31
N VAL D 3 37.79 20.42 -20.21
CA VAL D 3 36.93 20.58 -21.39
C VAL D 3 35.88 19.46 -21.47
N ILE D 4 34.78 19.71 -22.16
CA ILE D 4 33.71 18.74 -22.38
C ILE D 4 34.05 18.14 -23.72
N ALA D 5 34.59 16.92 -23.75
CA ALA D 5 35.04 16.33 -25.02
C ALA D 5 33.90 16.07 -25.95
N SER D 6 32.82 15.55 -25.40
CA SER D 6 31.63 15.21 -26.14
C SER D 6 30.44 15.27 -25.18
N ALA D 7 29.28 15.12 -25.77
CA ALA D 7 28.03 15.15 -25.00
C ALA D 7 26.90 14.47 -25.77
N ALA D 8 25.87 14.07 -25.05
CA ALA D 8 24.71 13.40 -25.68
C ALA D 8 23.57 13.38 -24.65
N ARG D 9 22.34 13.33 -25.15
CA ARG D 9 21.19 13.34 -24.27
C ARG D 9 20.14 12.48 -24.95
N THR D 10 19.23 11.87 -24.19
CA THR D 10 18.19 11.17 -24.94
C THR D 10 17.15 12.27 -25.28
N ALA D 11 16.17 11.82 -26.04
CA ALA D 11 15.02 12.70 -26.29
C ALA D 11 14.37 12.77 -24.88
N VAL D 12 13.59 13.81 -24.64
CA VAL D 12 12.90 13.98 -23.38
C VAL D 12 11.48 13.45 -23.61
N GLY D 13 11.10 12.49 -22.76
CA GLY D 13 9.82 11.84 -22.87
C GLY D 13 8.74 12.58 -22.10
N SER D 14 7.49 12.37 -22.47
CA SER D 14 6.38 12.99 -21.76
C SER D 14 6.02 12.09 -20.59
N PHE D 15 5.27 12.52 -19.62
CA PHE D 15 4.92 11.75 -18.44
C PHE D 15 4.05 10.52 -18.66
N ASN D 16 4.63 9.33 -18.42
CA ASN D 16 3.93 8.09 -18.61
C ASN D 16 3.78 7.86 -20.13
N GLY D 17 4.70 8.46 -20.88
CA GLY D 17 4.64 8.33 -22.35
C GLY D 17 5.66 7.33 -22.87
N ALA D 18 6.53 7.76 -23.76
CA ALA D 18 7.49 6.83 -24.36
C ALA D 18 8.41 6.19 -23.34
N PHE D 19 8.76 6.81 -22.22
CA PHE D 19 9.68 6.16 -21.28
C PHE D 19 8.96 5.75 -20.00
N ALA D 20 7.63 5.77 -20.00
CA ALA D 20 6.74 5.37 -18.90
C ALA D 20 7.19 4.22 -18.05
N ASN D 21 7.74 3.13 -18.57
CA ASN D 21 8.20 2.03 -17.73
C ASN D 21 9.70 1.82 -17.91
N THR D 22 10.44 2.88 -18.22
CA THR D 22 11.89 2.76 -18.40
C THR D 22 12.60 3.37 -17.20
N PRO D 23 13.33 2.52 -16.48
CA PRO D 23 14.09 2.98 -15.32
C PRO D 23 15.09 4.02 -15.79
N ALA D 24 15.41 5.05 -15.02
CA ALA D 24 16.36 6.06 -15.49
C ALA D 24 17.76 5.51 -15.77
N HIS D 25 18.28 4.47 -15.14
CA HIS D 25 19.60 3.98 -15.39
C HIS D 25 19.71 3.40 -16.80
N GLU D 26 18.62 2.93 -17.41
CA GLU D 26 18.68 2.45 -18.78
C GLU D 26 18.87 3.65 -19.69
N LEU D 27 18.13 4.76 -19.46
CA LEU D 27 18.42 5.89 -20.37
C LEU D 27 19.84 6.40 -20.05
N GLY D 28 20.25 6.36 -18.79
CA GLY D 28 21.60 6.79 -18.41
C GLY D 28 22.66 6.02 -19.18
N ALA D 29 22.60 4.69 -19.23
CA ALA D 29 23.56 3.86 -19.93
C ALA D 29 23.67 4.26 -21.39
N THR D 30 22.52 4.39 -22.07
CA THR D 30 22.57 4.81 -23.47
C THR D 30 23.38 6.10 -23.63
N VAL D 31 23.10 7.10 -22.83
CA VAL D 31 23.79 8.40 -22.90
C VAL D 31 25.27 8.31 -22.57
N ILE D 32 25.64 7.45 -21.62
CA ILE D 32 27.05 7.21 -21.28
C ILE D 32 27.83 6.55 -22.42
N SER D 33 27.27 5.57 -23.09
CA SER D 33 27.94 4.95 -24.24
C SER D 33 28.00 5.97 -25.39
N ALA D 34 26.96 6.77 -25.54
CA ALA D 34 26.91 7.75 -26.61
C ALA D 34 28.11 8.67 -26.50
N VAL D 35 28.29 9.30 -25.32
CA VAL D 35 29.40 10.24 -25.15
C VAL D 35 30.74 9.60 -25.48
N LEU D 36 30.96 8.40 -24.97
CA LEU D 36 32.17 7.62 -25.23
C LEU D 36 32.38 7.49 -26.77
N GLU D 37 31.38 6.88 -27.42
CA GLU D 37 31.41 6.67 -28.84
C GLU D 37 31.73 7.99 -29.54
N ARG D 38 30.90 9.00 -29.31
CA ARG D 38 31.11 10.30 -29.91
C ARG D 38 32.51 10.88 -29.81
N ALA D 39 33.23 10.75 -28.69
CA ALA D 39 34.59 11.27 -28.58
C ALA D 39 35.65 10.22 -29.02
N GLY D 40 35.24 8.97 -29.12
CA GLY D 40 36.18 7.93 -29.52
C GLY D 40 36.96 7.42 -28.32
N VAL D 41 36.35 7.53 -27.13
CA VAL D 41 37.00 7.03 -25.93
C VAL D 41 36.37 5.72 -25.51
N ALA D 42 37.22 4.81 -25.04
CA ALA D 42 36.83 3.46 -24.65
C ALA D 42 36.25 3.53 -23.23
N ALA D 43 35.24 2.66 -23.04
CA ALA D 43 34.58 2.63 -21.73
C ALA D 43 35.58 2.43 -20.61
N GLY D 44 36.57 1.57 -20.81
CA GLY D 44 37.59 1.20 -19.84
C GLY D 44 38.47 2.36 -19.42
N GLU D 45 38.41 3.54 -20.03
CA GLU D 45 39.22 4.69 -19.70
C GLU D 45 38.48 5.67 -18.79
N VAL D 46 37.25 5.42 -18.43
CA VAL D 46 36.42 6.23 -17.60
C VAL D 46 36.80 5.90 -16.17
N ASN D 47 37.08 6.94 -15.41
CA ASN D 47 37.42 6.81 -14.01
C ASN D 47 36.13 6.72 -13.20
N GLU D 48 35.24 7.70 -13.50
CA GLU D 48 34.01 7.71 -12.69
C GLU D 48 32.80 8.30 -13.40
N VAL D 49 31.60 7.86 -13.00
CA VAL D 49 30.33 8.30 -13.55
C VAL D 49 29.57 8.95 -12.39
N ILE D 50 29.18 10.19 -12.55
CA ILE D 50 28.52 11.12 -11.71
C ILE D 50 27.19 11.50 -12.35
N LEU D 51 26.11 11.02 -11.71
CA LEU D 51 24.79 11.24 -12.23
C LEU D 51 23.79 11.78 -11.21
N GLY D 52 23.32 13.01 -11.50
CA GLY D 52 22.31 13.64 -10.70
C GLY D 52 21.04 12.82 -10.92
N GLN D 53 20.26 12.65 -9.85
CA GLN D 53 19.01 11.93 -9.95
C GLN D 53 18.24 12.24 -8.67
N VAL D 54 17.12 12.88 -8.81
CA VAL D 54 16.31 13.21 -7.65
C VAL D 54 15.36 12.12 -7.19
N LEU D 55 14.86 11.27 -8.09
CA LEU D 55 13.90 10.24 -7.70
C LEU D 55 14.26 8.80 -8.00
N PRO D 56 15.17 8.22 -7.23
CA PRO D 56 15.61 6.86 -7.42
C PRO D 56 14.84 5.83 -6.60
N ALA D 57 13.86 6.23 -5.82
CA ALA D 57 13.13 5.25 -5.00
C ALA D 57 12.71 4.04 -5.83
N GLY D 58 13.01 2.84 -5.30
CA GLY D 58 12.69 1.61 -5.92
C GLY D 58 13.63 1.11 -7.03
N GLU D 59 14.56 1.94 -7.49
CA GLU D 59 15.43 1.51 -8.59
C GLU D 59 16.51 0.55 -8.14
N GLY D 60 16.80 0.41 -6.85
CA GLY D 60 17.86 -0.52 -6.43
C GLY D 60 19.15 0.24 -6.09
N GLN D 61 20.15 -0.48 -5.54
CA GLN D 61 21.39 0.24 -5.20
C GLN D 61 21.97 1.09 -6.31
N ASN D 62 22.31 2.28 -5.87
CA ASN D 62 22.99 3.30 -6.64
C ASN D 62 22.83 3.09 -8.13
N PRO D 63 21.72 3.60 -8.65
CA PRO D 63 21.44 3.61 -10.09
C PRO D 63 22.55 4.17 -10.93
N ALA D 64 23.37 5.10 -10.45
CA ALA D 64 24.47 5.63 -11.31
C ALA D 64 25.42 4.48 -11.62
N ARG D 65 25.78 3.64 -10.67
CA ARG D 65 26.62 2.45 -10.89
C ARG D 65 25.91 1.48 -11.84
N GLN D 66 24.60 1.27 -11.73
CA GLN D 66 23.88 0.40 -12.67
C GLN D 66 23.99 0.99 -14.08
N ALA D 67 23.89 2.33 -14.22
CA ALA D 67 23.98 2.90 -15.57
C ALA D 67 25.34 2.63 -16.20
N ALA D 68 26.41 2.86 -15.47
CA ALA D 68 27.79 2.66 -15.88
C ALA D 68 28.04 1.20 -16.28
N MET D 69 27.67 0.25 -15.42
CA MET D 69 27.90 -1.15 -15.74
C MET D 69 27.14 -1.60 -16.98
N LYS D 70 25.89 -1.13 -17.10
CA LYS D 70 25.11 -1.49 -18.28
C LYS D 70 25.74 -0.84 -19.52
N ALA D 71 26.42 0.30 -19.40
CA ALA D 71 26.99 0.91 -20.59
C ALA D 71 28.39 0.36 -20.87
N GLY D 72 28.86 -0.68 -20.21
CA GLY D 72 30.19 -1.19 -20.53
C GLY D 72 31.34 -0.63 -19.73
N VAL D 73 31.13 0.38 -18.88
CA VAL D 73 32.23 0.91 -18.08
C VAL D 73 32.59 -0.19 -17.10
N PRO D 74 33.83 -0.63 -17.09
CA PRO D 74 34.25 -1.74 -16.25
C PRO D 74 33.95 -1.55 -14.77
N GLN D 75 34.09 -2.65 -14.03
CA GLN D 75 33.80 -2.66 -12.59
C GLN D 75 34.82 -1.92 -11.76
N GLU D 76 35.97 -1.61 -12.33
CA GLU D 76 37.07 -0.91 -11.72
C GLU D 76 36.79 0.57 -11.53
N ALA D 77 36.11 1.25 -12.44
CA ALA D 77 35.73 2.66 -12.31
C ALA D 77 34.73 2.71 -11.14
N THR D 78 34.30 3.89 -10.75
CA THR D 78 33.35 4.09 -9.68
C THR D 78 32.22 4.90 -10.19
N ALA D 79 31.16 5.03 -9.41
CA ALA D 79 29.96 5.75 -9.81
C ALA D 79 29.15 6.20 -8.59
N TRP D 80 28.49 7.37 -8.75
CA TRP D 80 27.69 7.85 -7.63
C TRP D 80 26.59 8.79 -8.10
N GLY D 81 25.53 8.76 -7.28
CA GLY D 81 24.41 9.68 -7.61
C GLY D 81 24.43 10.86 -6.65
N MET D 82 23.93 12.00 -7.16
CA MET D 82 23.83 13.18 -6.33
C MET D 82 22.51 13.92 -6.61
N ASN D 83 22.10 14.65 -5.54
CA ASN D 83 20.89 15.43 -5.63
C ASN D 83 21.01 16.88 -5.17
N GLN D 84 20.77 17.76 -6.13
CA GLN D 84 20.72 19.21 -5.79
C GLN D 84 19.52 19.70 -6.62
N LEU D 85 18.48 18.87 -6.46
CA LEU D 85 17.21 19.02 -7.17
C LEU D 85 17.33 19.33 -8.65
N SCY D 86 16.65 20.34 -9.17
CA SCY D 86 16.79 20.68 -10.57
CB SCY D 86 15.98 21.93 -10.92
SG SCY D 86 14.28 21.59 -10.46
CD SCY D 86 13.99 22.06 -8.86
OCD SCY D 86 13.64 23.05 -8.21
CE SCY D 86 14.03 20.99 -7.78
C SCY D 86 18.21 21.04 -11.03
O SCY D 86 18.42 20.96 -12.23
N GLY D 87 19.08 21.44 -10.14
CA GLY D 87 20.43 21.78 -10.47
C GLY D 87 21.31 20.54 -10.64
N SER D 88 20.90 19.39 -10.13
CA SER D 88 21.66 18.18 -10.17
C SER D 88 22.38 17.95 -11.48
N GLY D 89 21.67 17.85 -12.59
CA GLY D 89 22.26 17.60 -13.88
C GLY D 89 23.47 18.47 -14.15
N LEU D 90 23.32 19.77 -14.01
CA LEU D 90 24.46 20.67 -14.27
C LEU D 90 25.51 20.54 -13.18
N ARG D 91 25.12 20.49 -11.92
CA ARG D 91 26.03 20.39 -10.79
C ARG D 91 27.00 19.24 -10.96
N ALA D 92 26.43 18.06 -11.31
CA ALA D 92 27.26 16.91 -11.54
C ALA D 92 28.43 17.21 -12.51
N VAL D 93 28.19 18.03 -13.53
CA VAL D 93 29.31 18.31 -14.47
C VAL D 93 30.45 19.05 -13.80
N ALA D 94 30.04 20.01 -12.95
CA ALA D 94 31.03 20.79 -12.21
C ALA D 94 31.79 19.86 -11.26
N LEU D 95 31.06 18.94 -10.63
CA LEU D 95 31.71 17.98 -9.72
C LEU D 95 32.71 17.09 -10.43
N GLY D 96 32.43 16.59 -11.66
CA GLY D 96 33.40 15.80 -12.35
C GLY D 96 34.57 16.68 -12.80
N MET D 97 34.29 17.96 -13.11
CA MET D 97 35.35 18.89 -13.49
C MET D 97 36.31 18.95 -12.30
N GLN D 98 35.77 19.10 -11.10
CA GLN D 98 36.56 19.13 -9.87
C GLN D 98 37.32 17.84 -9.68
N GLN D 99 36.75 16.66 -10.00
CA GLN D 99 37.52 15.43 -9.88
C GLN D 99 38.82 15.54 -10.68
N ILE D 100 38.80 16.05 -11.92
CA ILE D 100 39.96 16.20 -12.75
C ILE D 100 40.85 17.32 -12.26
N ALA D 101 40.32 18.48 -11.90
CA ALA D 101 41.05 19.64 -11.46
C ALA D 101 41.89 19.40 -10.22
N THR D 102 41.53 18.49 -9.34
CA THR D 102 42.30 18.15 -8.15
C THR D 102 43.17 16.95 -8.45
N GLY D 103 43.21 16.43 -9.68
CA GLY D 103 44.05 15.28 -10.01
C GLY D 103 43.63 13.94 -9.49
N ASP D 104 42.33 13.79 -9.16
CA ASP D 104 41.81 12.55 -8.62
C ASP D 104 41.32 11.58 -9.69
N ALA D 105 41.11 12.15 -10.90
CA ALA D 105 40.66 11.40 -12.04
C ALA D 105 41.08 12.09 -13.34
N SER D 106 41.03 11.32 -14.43
CA SER D 106 41.42 11.82 -15.74
C SER D 106 40.22 12.06 -16.63
N ILE D 107 39.33 11.08 -16.56
CA ILE D 107 38.14 11.07 -17.41
C ILE D 107 36.89 10.79 -16.63
N ILE D 108 35.94 11.73 -16.64
CA ILE D 108 34.68 11.53 -15.98
C ILE D 108 33.51 11.64 -16.97
N VAL D 109 32.48 10.81 -16.69
CA VAL D 109 31.26 10.94 -17.45
C VAL D 109 30.31 11.55 -16.41
N ALA D 110 29.74 12.70 -16.73
CA ALA D 110 28.84 13.35 -15.78
C ALA D 110 27.61 13.95 -16.43
N GLY D 111 26.51 13.96 -15.64
CA GLY D 111 25.27 14.56 -16.10
C GLY D 111 24.16 14.18 -15.11
N GLY D 112 23.00 13.80 -15.64
CA GLY D 112 21.92 13.35 -14.79
C GLY D 112 20.94 12.49 -15.58
N MET D 113 20.11 11.77 -14.84
CA MET D 113 19.07 10.94 -15.42
C MET D 113 17.86 11.04 -14.48
N GLU D 114 16.70 10.69 -15.01
CA GLU D 114 15.50 10.75 -14.14
C GLU D 114 14.33 10.09 -14.82
N SER D 115 13.56 9.35 -14.06
CA SER D 115 12.36 8.73 -14.57
C SER D 115 11.25 9.22 -13.65
N MET D 116 10.56 10.30 -14.07
CA MET D 116 9.52 10.72 -13.13
C MET D 116 8.38 9.71 -13.19
N SER D 117 8.14 9.14 -14.39
CA SER D 117 7.13 8.15 -14.61
C SER D 117 7.32 6.97 -13.67
N MET D 118 8.58 6.53 -13.53
CA MET D 118 8.79 5.40 -12.64
C MET D 118 8.83 5.75 -11.17
N ALA D 119 8.63 6.98 -10.74
CA ALA D 119 8.69 7.32 -9.32
C ALA D 119 7.47 6.67 -8.66
N PRO D 120 7.71 5.94 -7.59
CA PRO D 120 6.67 5.22 -6.88
C PRO D 120 5.94 5.94 -5.78
N HIS D 121 4.86 5.27 -5.30
CA HIS D 121 4.11 5.83 -4.17
C HIS D 121 4.62 5.08 -2.94
N CYS D 122 4.66 5.79 -1.80
CA CYS D 122 5.24 5.08 -0.65
C CYS D 122 4.57 5.52 0.64
N ALA D 123 4.95 4.72 1.62
CA ALA D 123 4.46 5.02 2.98
C ALA D 123 5.43 4.42 3.96
N HIS D 124 5.64 5.07 5.10
CA HIS D 124 6.50 4.49 6.13
C HIS D 124 5.61 3.58 6.96
N LEU D 125 5.81 2.30 6.95
CA LEU D 125 4.97 1.32 7.60
C LEU D 125 5.62 0.33 8.53
N ARG D 126 6.85 0.58 9.01
CA ARG D 126 7.52 -0.34 9.94
C ARG D 126 6.87 -0.33 11.31
N GLY D 127 6.40 0.83 11.76
CA GLY D 127 5.69 0.97 13.01
C GLY D 127 4.30 0.35 12.91
N GLY D 128 3.71 0.34 11.72
CA GLY D 128 2.37 -0.20 11.48
C GLY D 128 1.36 0.89 11.69
N VAL D 129 0.13 0.68 11.25
CA VAL D 129 -0.90 1.71 11.42
C VAL D 129 -1.91 1.01 12.28
N LYS D 130 -2.00 1.24 13.59
CA LYS D 130 -2.97 0.47 14.35
C LYS D 130 -4.42 0.75 13.98
N MET D 131 -4.77 2.00 13.70
CA MET D 131 -6.19 2.23 13.36
C MET D 131 -6.27 3.50 12.51
N GLY D 132 -7.11 3.52 11.49
CA GLY D 132 -7.29 4.70 10.70
C GLY D 132 -6.68 4.67 9.30
N ASP D 133 -7.11 5.64 8.54
CA ASP D 133 -6.61 5.77 7.14
C ASP D 133 -5.19 6.32 7.19
N PHE D 134 -4.42 6.13 6.15
CA PHE D 134 -3.07 6.64 5.99
C PHE D 134 -2.88 6.94 4.47
N LYS D 135 -2.00 7.90 4.25
CA LYS D 135 -1.75 8.38 2.91
C LYS D 135 -0.65 7.65 2.17
N MET D 136 -0.91 7.31 0.91
CA MET D 136 0.16 6.72 0.07
C MET D 136 0.75 7.97 -0.62
N ILE D 137 2.03 8.20 -0.39
CA ILE D 137 2.62 9.45 -0.91
C ILE D 137 3.26 9.31 -2.27
N ASP D 138 2.93 10.19 -3.17
CA ASP D 138 3.52 10.14 -4.55
C ASP D 138 4.94 10.68 -4.42
N THR D 139 5.99 9.86 -4.44
CA THR D 139 7.36 10.32 -4.24
C THR D 139 7.74 11.34 -5.30
N MET D 140 7.26 11.22 -6.54
CA MET D 140 7.64 12.35 -7.44
C MET D 140 7.18 13.69 -6.85
N ILE D 141 5.96 13.83 -6.32
CA ILE D 141 5.56 15.13 -5.79
C ILE D 141 6.22 15.48 -4.47
N LYS D 142 6.23 14.55 -3.53
CA LYS D 142 6.80 14.80 -2.22
C LYS D 142 8.30 15.14 -2.24
N ASP D 143 9.07 14.21 -2.82
CA ASP D 143 10.51 14.28 -2.91
C ASP D 143 11.07 15.11 -4.06
N GLY D 144 10.25 15.37 -5.07
CA GLY D 144 10.69 16.19 -6.18
C GLY D 144 10.01 17.52 -6.40
N LEU D 145 8.72 17.70 -6.08
CA LEU D 145 8.10 19.01 -6.43
C LEU D 145 7.43 19.73 -5.29
N THR D 146 7.69 19.38 -4.05
CA THR D 146 7.03 20.04 -2.94
C THR D 146 8.01 20.77 -2.06
N ASP D 147 7.85 22.08 -1.84
CA ASP D 147 8.85 22.71 -0.96
C ASP D 147 8.73 22.11 0.44
N ALA D 148 9.88 21.73 1.02
CA ALA D 148 9.90 21.15 2.35
C ALA D 148 9.75 22.16 3.48
N PHE D 149 9.86 23.44 3.22
CA PHE D 149 9.72 24.44 4.27
C PHE D 149 8.28 24.94 4.34
N TYR D 150 7.67 25.28 3.21
CA TYR D 150 6.32 25.81 3.25
C TYR D 150 5.24 24.79 2.92
N GLY D 151 5.60 23.59 2.53
CA GLY D 151 4.68 22.53 2.21
C GLY D 151 3.96 22.64 0.88
N TYR D 152 4.17 23.74 0.14
CA TYR D 152 3.48 23.88 -1.13
C TYR D 152 4.35 23.44 -2.30
N HIS D 153 3.71 23.40 -3.47
CA HIS D 153 4.35 22.99 -4.70
C HIS D 153 5.22 24.09 -5.31
N MET D 154 6.12 23.62 -6.19
CA MET D 154 7.02 24.55 -6.89
C MET D 154 6.17 25.60 -7.56
N GLY D 155 5.06 25.23 -8.16
CA GLY D 155 4.11 26.09 -8.83
C GLY D 155 3.72 27.28 -7.98
N THR D 156 3.47 27.12 -6.68
CA THR D 156 3.14 28.25 -5.83
C THR D 156 4.34 29.19 -5.73
N THR D 157 5.55 28.62 -5.60
CA THR D 157 6.75 29.46 -5.53
C THR D 157 6.81 30.29 -6.80
N ALA D 158 6.37 29.72 -7.92
CA ALA D 158 6.34 30.45 -9.18
C ALA D 158 5.31 31.58 -9.01
N GLU D 159 4.14 31.29 -8.44
CA GLU D 159 3.16 32.34 -8.20
C GLU D 159 3.78 33.46 -7.37
N ASN D 160 4.56 33.13 -6.33
CA ASN D 160 5.21 34.15 -5.49
C ASN D 160 6.03 35.12 -6.32
N VAL D 161 6.80 34.57 -7.27
CA VAL D 161 7.63 35.38 -8.17
C VAL D 161 6.74 36.14 -9.14
N ALA D 162 5.64 35.58 -9.60
CA ALA D 162 4.74 36.26 -10.50
C ALA D 162 4.26 37.57 -9.86
N LYS D 163 3.64 37.44 -8.69
CA LYS D 163 3.11 38.58 -7.96
C LYS D 163 4.19 39.61 -7.66
N GLN D 164 5.33 39.15 -7.17
CA GLN D 164 6.47 39.99 -6.82
C GLN D 164 7.05 40.77 -8.00
N TRP D 165 7.14 40.13 -9.16
CA TRP D 165 7.67 40.76 -10.37
C TRP D 165 6.56 41.33 -11.25
N GLN D 166 5.32 41.28 -10.79
CA GLN D 166 4.14 41.75 -11.48
C GLN D 166 4.10 41.26 -12.92
N LEU D 167 4.19 39.93 -13.04
CA LEU D 167 4.18 39.26 -14.34
C LEU D 167 2.78 38.72 -14.58
N SER D 168 2.05 39.40 -15.46
CA SER D 168 0.70 39.03 -15.81
C SER D 168 0.62 37.67 -16.52
N ARG D 169 -0.61 37.17 -16.61
CA ARG D 169 -0.93 35.90 -17.22
C ARG D 169 -0.54 35.89 -18.69
N ASP D 170 -0.91 36.98 -19.35
CA ASP D 170 -0.68 37.20 -20.77
C ASP D 170 0.80 37.27 -21.14
N GLU D 171 1.60 37.77 -20.21
CA GLU D 171 3.03 37.87 -20.34
C GLU D 171 3.68 36.50 -20.20
N GLN D 172 3.21 35.67 -19.28
CA GLN D 172 3.76 34.32 -19.09
C GLN D 172 3.30 33.49 -20.28
N ASP D 173 2.01 33.62 -20.61
CA ASP D 173 1.43 32.88 -21.74
C ASP D 173 2.22 33.20 -23.00
N ALA D 174 2.54 34.47 -23.25
CA ALA D 174 3.31 34.86 -24.43
C ALA D 174 4.65 34.12 -24.42
N PHE D 175 5.33 34.13 -23.27
CA PHE D 175 6.62 33.45 -23.13
C PHE D 175 6.48 31.97 -23.47
N ALA D 176 5.45 31.31 -22.98
CA ALA D 176 5.22 29.89 -23.22
C ALA D 176 5.08 29.56 -24.71
N VAL D 177 4.20 30.31 -25.36
CA VAL D 177 3.95 30.13 -26.80
C VAL D 177 5.25 30.22 -27.56
N ALA D 178 6.05 31.25 -27.32
CA ALA D 178 7.36 31.43 -27.96
C ALA D 178 8.28 30.24 -27.73
N SER D 179 8.39 29.73 -26.51
CA SER D 179 9.25 28.56 -26.29
C SER D 179 8.68 27.37 -27.06
N GLN D 180 7.37 27.24 -27.26
CA GLN D 180 6.86 26.11 -28.02
C GLN D 180 7.25 26.23 -29.50
N ASN D 181 6.91 27.37 -30.06
CA ASN D 181 7.18 27.74 -31.43
C ASN D 181 8.67 27.64 -31.70
N LYS D 182 9.50 28.10 -30.76
CA LYS D 182 10.94 27.97 -30.95
C LYS D 182 11.38 26.52 -30.79
N ALA D 183 10.78 25.69 -29.97
CA ALA D 183 11.18 24.30 -29.79
C ALA D 183 10.73 23.48 -31.01
N GLU D 184 9.56 23.88 -31.52
CA GLU D 184 8.99 23.24 -32.68
C GLU D 184 9.81 23.60 -33.93
N ALA D 185 10.22 24.87 -34.00
CA ALA D 185 11.02 25.33 -35.16
C ALA D 185 12.35 24.58 -35.21
N ALA D 186 13.03 24.49 -34.06
CA ALA D 186 14.32 23.83 -33.92
C ALA D 186 14.23 22.35 -34.23
N GLN D 187 13.20 21.67 -33.71
CA GLN D 187 13.05 20.25 -33.98
C GLN D 187 12.79 20.03 -35.47
N LYS D 188 11.96 20.87 -36.10
CA LYS D 188 11.69 20.68 -37.52
C LYS D 188 12.91 20.92 -38.38
N ASP D 189 13.88 21.71 -37.98
CA ASP D 189 15.05 21.98 -38.81
C ASP D 189 16.20 21.01 -38.52
N GLY D 190 15.99 20.07 -37.62
CA GLY D 190 17.00 19.09 -37.26
C GLY D 190 18.03 19.63 -36.27
N ARG D 191 17.72 20.72 -35.60
CA ARG D 191 18.61 21.30 -34.62
C ARG D 191 18.80 20.49 -33.35
N PHE D 192 18.01 19.44 -33.05
CA PHE D 192 18.23 18.68 -31.84
C PHE D 192 18.86 17.34 -32.14
N LYS D 193 19.04 17.05 -33.43
CA LYS D 193 19.57 15.76 -33.83
C LYS D 193 21.00 15.49 -33.41
N ASP D 194 21.94 16.42 -33.33
CA ASP D 194 23.30 16.05 -32.94
C ASP D 194 23.29 15.67 -31.43
N GLU D 195 22.53 16.45 -30.67
CA GLU D 195 22.53 16.22 -29.24
C GLU D 195 21.82 14.92 -28.81
N ILE D 196 20.74 14.58 -29.50
CA ILE D 196 19.96 13.42 -29.20
C ILE D 196 20.69 12.16 -29.68
N VAL D 197 20.55 11.12 -28.91
CA VAL D 197 21.04 9.78 -29.15
C VAL D 197 19.72 8.98 -29.01
N PRO D 198 19.28 8.39 -30.11
CA PRO D 198 18.06 7.60 -30.08
C PRO D 198 18.08 6.60 -28.92
N PHE D 199 16.95 6.36 -28.29
CA PHE D 199 16.89 5.37 -27.21
C PHE D 199 15.92 4.28 -27.61
N ILE D 200 16.35 3.03 -27.56
CA ILE D 200 15.56 1.89 -27.95
C ILE D 200 14.71 1.38 -26.79
N VAL D 201 13.42 1.64 -26.81
CA VAL D 201 12.50 1.18 -25.77
C VAL D 201 12.31 -0.32 -26.00
N LYS D 202 13.04 -1.14 -25.25
CA LYS D 202 12.91 -2.58 -25.42
C LYS D 202 11.48 -3.03 -25.14
N GLY D 203 10.86 -3.52 -26.21
CA GLY D 203 9.50 -4.01 -26.16
C GLY D 203 9.47 -5.54 -26.23
N ARG D 204 8.25 -6.05 -26.31
CA ARG D 204 7.94 -7.47 -26.37
C ARG D 204 7.24 -7.74 -27.71
N LYS D 205 6.22 -6.91 -27.94
CA LYS D 205 5.42 -6.93 -29.15
C LYS D 205 5.89 -5.76 -30.01
N GLY D 206 7.20 -5.58 -30.03
CA GLY D 206 7.89 -4.56 -30.76
C GLY D 206 8.78 -3.61 -29.96
N ASP D 207 9.97 -3.39 -30.49
CA ASP D 207 10.96 -2.47 -29.95
C ASP D 207 10.69 -1.12 -30.61
N ILE D 208 10.79 -0.04 -29.86
CA ILE D 208 10.55 1.28 -30.44
C ILE D 208 11.79 2.16 -30.22
N THR D 209 12.19 2.83 -31.28
CA THR D 209 13.34 3.74 -31.26
C THR D 209 12.78 5.14 -31.01
N VAL D 210 13.21 5.79 -29.94
CA VAL D 210 12.73 7.12 -29.59
C VAL D 210 13.89 8.09 -29.85
N ASP D 211 13.67 9.04 -30.73
CA ASP D 211 14.74 9.99 -31.06
C ASP D 211 14.19 11.40 -31.18
N ALA D 212 12.97 11.65 -30.78
CA ALA D 212 12.39 12.98 -30.86
C ALA D 212 11.74 13.38 -29.53
N ASP D 213 11.95 14.67 -29.22
CA ASP D 213 11.35 15.19 -27.97
C ASP D 213 9.83 15.15 -28.13
N GLU D 214 9.17 14.24 -27.43
CA GLU D 214 7.71 14.07 -27.64
C GLU D 214 6.85 15.05 -26.89
N TYR D 215 7.46 15.75 -25.91
CA TYR D 215 6.72 16.75 -25.17
C TYR D 215 6.51 18.08 -25.88
N ILE D 216 7.23 18.45 -26.94
CA ILE D 216 7.02 19.73 -27.62
C ILE D 216 5.63 19.72 -28.27
N ARG D 217 4.91 20.83 -28.26
CA ARG D 217 3.63 20.79 -28.96
C ARG D 217 3.64 21.67 -30.21
N HIS D 218 3.29 20.99 -31.29
CA HIS D 218 3.21 21.59 -32.62
C HIS D 218 1.95 22.44 -32.73
N GLY D 219 2.13 23.64 -33.28
CA GLY D 219 1.08 24.60 -33.52
C GLY D 219 0.42 25.15 -32.26
N ALA D 220 1.20 25.32 -31.20
CA ALA D 220 0.65 25.86 -29.95
C ALA D 220 0.02 27.23 -30.23
N THR D 221 -1.21 27.43 -29.80
CA THR D 221 -1.90 28.70 -30.03
C THR D 221 -1.98 29.50 -28.74
N LEU D 222 -2.07 30.82 -28.82
CA LEU D 222 -2.20 31.68 -27.65
C LEU D 222 -3.62 31.51 -27.09
N ASP D 223 -4.61 31.31 -27.95
CA ASP D 223 -5.99 31.12 -27.55
C ASP D 223 -6.16 29.94 -26.62
N SER D 224 -5.52 28.82 -26.96
CA SER D 224 -5.60 27.60 -26.14
C SER D 224 -4.89 27.80 -24.81
N MET D 225 -3.83 28.58 -24.85
CA MET D 225 -3.00 28.95 -23.71
C MET D 225 -3.76 29.80 -22.68
N ALA D 226 -4.54 30.75 -23.18
CA ALA D 226 -5.32 31.66 -22.33
C ALA D 226 -6.62 31.08 -21.81
N LYS D 227 -7.02 29.89 -22.24
CA LYS D 227 -8.24 29.26 -21.76
C LYS D 227 -7.95 28.26 -20.64
N LEU D 228 -6.69 27.93 -20.41
CA LEU D 228 -6.32 26.96 -19.37
C LEU D 228 -6.52 27.61 -17.99
N ARG D 229 -6.89 26.81 -17.00
CA ARG D 229 -7.10 27.27 -15.63
C ARG D 229 -5.81 27.11 -14.85
N PRO D 230 -5.62 27.97 -13.85
CA PRO D 230 -4.46 27.96 -12.98
C PRO D 230 -4.37 26.63 -12.25
N ALA D 231 -3.18 26.03 -12.27
CA ALA D 231 -3.00 24.73 -11.64
C ALA D 231 -2.63 24.74 -10.18
N PHE D 232 -2.08 25.82 -9.65
CA PHE D 232 -1.66 25.81 -8.25
C PHE D 232 -2.42 26.78 -7.38
N ASP D 233 -2.62 27.98 -7.89
CA ASP D 233 -3.36 29.00 -7.15
C ASP D 233 -4.72 29.05 -7.83
N LYS D 234 -5.81 28.70 -7.18
CA LYS D 234 -7.13 28.70 -7.80
C LYS D 234 -7.46 29.96 -8.56
N GLU D 235 -7.04 31.14 -8.10
CA GLU D 235 -7.26 32.37 -8.84
C GLU D 235 -5.88 32.91 -9.24
N GLY D 236 -5.00 31.96 -9.58
CA GLY D 236 -3.64 32.23 -9.95
C GLY D 236 -3.37 32.64 -11.39
N THR D 237 -2.08 32.53 -11.73
CA THR D 237 -1.62 32.89 -13.08
C THR D 237 -0.77 31.81 -13.72
N VAL D 238 -0.26 30.85 -12.97
CA VAL D 238 0.55 29.75 -13.52
C VAL D 238 -0.37 28.63 -13.97
N THR D 239 -0.13 28.09 -15.16
CA THR D 239 -0.99 26.99 -15.65
C THR D 239 -0.12 25.84 -16.13
N ALA D 240 -0.76 24.81 -16.68
CA ALA D 240 -0.01 23.68 -17.22
C ALA D 240 0.71 24.10 -18.49
N GLY D 241 0.15 25.07 -19.22
CA GLY D 241 0.75 25.52 -20.48
C GLY D 241 1.93 26.45 -20.31
N ASN D 242 2.04 27.14 -19.16
CA ASN D 242 3.18 28.04 -19.00
C ASN D 242 4.10 27.55 -17.88
N ALA D 243 3.97 26.28 -17.51
CA ALA D 243 4.84 25.67 -16.51
C ALA D 243 5.55 24.51 -17.22
N SER D 244 6.70 24.06 -16.72
CA SER D 244 7.36 22.93 -17.37
C SER D 244 6.47 21.71 -17.07
N GLY D 245 6.81 20.53 -17.58
CA GLY D 245 6.00 19.36 -17.34
C GLY D 245 6.78 18.37 -16.48
N LEU D 246 6.16 17.19 -16.40
CA LEU D 246 6.72 16.05 -15.68
C LEU D 246 7.31 15.22 -16.80
N ASN D 247 8.60 14.91 -16.74
CA ASN D 247 9.18 14.23 -17.91
C ASN D 247 10.31 13.28 -17.55
N ASP D 248 10.66 12.48 -18.57
CA ASP D 248 11.75 11.53 -18.37
C ASP D 248 12.92 11.92 -19.28
N GLY D 249 14.12 11.44 -18.90
CA GLY D 249 15.25 11.82 -19.79
C GLY D 249 16.61 11.61 -19.14
N ALA D 250 17.64 11.68 -19.97
CA ALA D 250 19.01 11.55 -19.41
C ALA D 250 19.93 12.32 -20.35
N ALA D 251 20.97 12.92 -19.78
CA ALA D 251 21.92 13.75 -20.50
C ALA D 251 23.25 13.70 -19.74
N ALA D 252 24.32 13.72 -20.56
CA ALA D 252 25.65 13.59 -19.96
C ALA D 252 26.69 14.25 -20.84
N ALA D 253 27.82 14.42 -20.19
CA ALA D 253 29.00 15.04 -20.84
C ALA D 253 30.22 14.19 -20.61
N LEU D 254 31.17 14.17 -21.53
CA LEU D 254 32.41 13.43 -21.31
C LEU D 254 33.46 14.50 -20.95
N LEU D 255 34.08 14.41 -19.78
CA LEU D 255 35.07 15.39 -19.37
C LEU D 255 36.54 14.90 -19.28
N MET D 256 37.46 15.83 -19.58
CA MET D 256 38.88 15.54 -19.52
C MET D 256 39.68 16.83 -19.61
N SER D 257 40.94 16.79 -19.18
CA SER D 257 41.72 18.02 -19.29
C SER D 257 41.75 18.38 -20.78
N GLU D 258 42.01 19.66 -21.04
CA GLU D 258 42.18 20.20 -22.37
C GLU D 258 43.39 19.52 -23.04
N ALA D 259 44.43 19.31 -22.25
CA ALA D 259 45.63 18.64 -22.81
C ALA D 259 45.29 17.22 -23.23
N GLU D 260 44.58 16.51 -22.37
CA GLU D 260 44.17 15.13 -22.70
C GLU D 260 43.39 15.08 -24.01
N ALA D 261 42.39 15.94 -24.22
CA ALA D 261 41.59 15.97 -25.45
C ALA D 261 42.55 16.24 -26.62
N SER D 262 43.55 17.09 -26.40
CA SER D 262 44.50 17.31 -27.50
C SER D 262 45.32 16.05 -27.74
N ARG D 263 45.80 15.36 -26.70
CA ARG D 263 46.55 14.12 -26.89
C ARG D 263 45.73 13.12 -27.70
N ARG D 264 44.41 13.12 -27.57
CA ARG D 264 43.57 12.20 -28.29
C ARG D 264 42.99 12.71 -29.60
N GLY D 265 43.35 13.90 -30.05
CA GLY D 265 42.82 14.43 -31.29
C GLY D 265 41.32 14.74 -31.29
N ILE D 266 40.78 15.05 -30.11
CA ILE D 266 39.37 15.32 -29.98
C ILE D 266 39.14 16.82 -30.11
N GLN D 267 38.09 17.22 -30.78
CA GLN D 267 37.69 18.62 -30.87
C GLN D 267 36.59 18.84 -29.80
N PRO D 268 36.91 19.47 -28.70
CA PRO D 268 35.97 19.65 -27.62
C PRO D 268 34.81 20.60 -27.88
N LEU D 269 33.66 20.33 -27.21
CA LEU D 269 32.49 21.23 -27.37
C LEU D 269 32.72 22.54 -26.61
N GLY D 270 33.65 22.54 -25.66
CA GLY D 270 33.96 23.77 -24.94
C GLY D 270 34.74 23.48 -23.69
N ARG D 271 35.29 24.55 -23.12
CA ARG D 271 36.07 24.50 -21.90
C ARG D 271 35.19 25.01 -20.78
N ILE D 272 35.28 24.44 -19.59
CA ILE D 272 34.39 24.93 -18.50
C ILE D 272 35.16 26.07 -17.85
N VAL D 273 34.78 27.31 -18.14
CA VAL D 273 35.56 28.43 -17.59
C VAL D 273 35.21 28.68 -16.14
N SER D 274 34.00 28.44 -15.70
CA SER D 274 33.62 28.63 -14.32
C SER D 274 32.24 27.98 -14.04
N TRP D 275 31.86 28.01 -12.78
CA TRP D 275 30.57 27.49 -12.38
C TRP D 275 30.32 28.11 -11.01
N ALA D 276 29.05 28.08 -10.56
CA ALA D 276 28.73 28.62 -9.26
C ALA D 276 27.34 28.18 -8.77
N THR D 277 27.15 28.31 -7.45
CA THR D 277 25.89 27.90 -6.85
C THR D 277 25.63 28.78 -5.66
N VAL D 278 24.45 29.41 -5.62
CA VAL D 278 24.07 30.37 -4.56
C VAL D 278 22.64 30.05 -4.15
N GLY D 279 22.35 30.33 -2.88
CA GLY D 279 21.02 30.04 -2.34
C GLY D 279 20.22 31.36 -2.37
N VAL D 280 18.91 31.14 -2.27
CA VAL D 280 17.95 32.27 -2.22
C VAL D 280 16.76 31.79 -1.37
N ASP D 281 15.81 32.69 -1.18
CA ASP D 281 14.61 32.39 -0.41
C ASP D 281 13.89 31.22 -1.08
N PRO D 282 13.64 30.18 -0.32
CA PRO D 282 12.90 29.03 -0.82
C PRO D 282 11.57 29.46 -1.44
N LYS D 283 10.86 30.41 -0.84
CA LYS D 283 9.61 30.91 -1.38
C LYS D 283 9.74 31.37 -2.84
N VAL D 284 10.83 32.06 -3.21
CA VAL D 284 11.00 32.53 -4.58
C VAL D 284 12.24 31.86 -5.21
N MET D 285 12.29 30.52 -5.12
CA MET D 285 13.38 29.71 -5.64
C MET D 285 13.70 29.91 -7.11
N GLY D 286 12.68 30.35 -7.86
CA GLY D 286 12.72 30.65 -9.27
C GLY D 286 13.74 31.73 -9.58
N THR D 287 14.09 32.58 -8.64
CA THR D 287 15.07 33.63 -8.82
C THR D 287 16.48 33.07 -8.72
N GLY D 288 16.65 31.82 -8.28
CA GLY D 288 17.89 31.10 -8.17
C GLY D 288 18.97 31.52 -9.15
N PRO D 289 18.70 31.40 -10.46
CA PRO D 289 19.63 31.76 -11.49
C PRO D 289 20.22 33.16 -11.47
N ILE D 290 19.56 34.16 -10.86
CA ILE D 290 20.12 35.50 -10.85
C ILE D 290 21.48 35.55 -10.18
N PRO D 291 21.54 35.28 -8.86
CA PRO D 291 22.78 35.28 -8.11
C PRO D 291 23.80 34.31 -8.68
N ALA D 292 23.36 33.08 -8.92
CA ALA D 292 24.30 32.08 -9.46
C ALA D 292 24.94 32.48 -10.77
N SER D 293 24.19 32.90 -11.78
CA SER D 293 24.76 33.29 -13.08
C SER D 293 25.81 34.39 -12.91
N ARG D 294 25.41 35.42 -12.12
CA ARG D 294 26.24 36.59 -11.84
C ARG D 294 27.57 36.09 -11.29
N LYS D 295 27.50 35.28 -10.23
CA LYS D 295 28.69 34.70 -9.62
C LYS D 295 29.54 33.97 -10.65
N ALA D 296 28.92 33.08 -11.42
CA ALA D 296 29.61 32.32 -12.47
C ALA D 296 30.34 33.26 -13.42
N LEU D 297 29.69 34.36 -13.85
CA LEU D 297 30.26 35.35 -14.73
C LEU D 297 31.43 36.06 -14.04
N GLU D 298 31.24 36.39 -12.77
CA GLU D 298 32.30 37.02 -11.99
C GLU D 298 33.54 36.12 -11.92
N ARG D 299 33.30 34.83 -11.66
CA ARG D 299 34.40 33.88 -11.55
C ARG D 299 35.09 33.62 -12.89
N ALA D 300 34.37 33.78 -14.00
CA ALA D 300 34.95 33.58 -15.31
C ALA D 300 35.64 34.85 -15.83
N GLY D 301 35.38 36.00 -15.21
CA GLY D 301 35.93 37.28 -15.61
C GLY D 301 35.13 37.84 -16.78
N TRP D 302 33.88 37.43 -16.98
CA TRP D 302 33.07 37.90 -18.08
C TRP D 302 31.95 38.83 -17.64
N LYS D 303 31.45 39.61 -18.59
CA LYS D 303 30.34 40.52 -18.28
C LYS D 303 29.08 39.87 -18.84
N ILE D 304 27.90 40.27 -18.47
CA ILE D 304 26.68 39.68 -19.04
C ILE D 304 26.70 39.82 -20.56
N GLY D 305 27.09 41.01 -21.04
CA GLY D 305 27.16 41.30 -22.46
C GLY D 305 28.14 40.43 -23.23
N ASP D 306 29.10 39.78 -22.60
CA ASP D 306 30.07 38.94 -23.28
C ASP D 306 29.44 37.66 -23.81
N LEU D 307 28.39 37.18 -23.13
CA LEU D 307 27.71 35.96 -23.50
C LEU D 307 27.11 36.01 -24.89
N ASP D 308 27.39 34.99 -25.69
CA ASP D 308 26.87 34.86 -27.03
C ASP D 308 25.64 33.98 -27.06
N LEU D 309 25.53 33.04 -26.13
CA LEU D 309 24.41 32.12 -26.08
C LEU D 309 24.12 31.82 -24.61
N VAL D 310 22.85 31.65 -24.29
CA VAL D 310 22.41 31.38 -22.90
C VAL D 310 21.29 30.32 -22.92
N GLU D 311 21.30 29.41 -21.94
CA GLU D 311 20.28 28.42 -21.70
C GLU D 311 19.83 28.61 -20.24
N ALA D 312 18.69 29.28 -20.02
CA ALA D 312 18.22 29.49 -18.65
C ALA D 312 16.95 28.66 -18.52
N ASN D 313 17.03 27.58 -17.75
CA ASN D 313 15.97 26.65 -17.53
C ASN D 313 14.59 27.21 -17.23
N GLU D 314 13.65 26.75 -18.07
CA GLU D 314 12.26 27.15 -18.02
C GLU D 314 11.39 26.33 -17.07
N ALA D 315 11.59 26.47 -15.78
CA ALA D 315 10.78 25.74 -14.79
C ALA D 315 9.34 26.22 -14.95
N PHE D 316 9.18 27.54 -14.90
CA PHE D 316 7.91 28.22 -15.01
C PHE D 316 8.13 29.48 -15.83
N ALA D 317 7.11 29.92 -16.59
CA ALA D 317 7.23 31.16 -17.37
C ALA D 317 7.48 32.33 -16.42
N ALA D 318 6.79 32.38 -15.28
CA ALA D 318 6.97 33.46 -14.34
C ALA D 318 8.44 33.59 -13.92
N GLN D 319 9.08 32.46 -13.58
CA GLN D 319 10.49 32.55 -13.15
C GLN D 319 11.44 32.90 -14.28
N ALA D 320 11.21 32.38 -15.47
CA ALA D 320 12.04 32.64 -16.63
C ALA D 320 12.01 34.13 -16.94
N CYS D 321 10.83 34.74 -17.07
CA CYS D 321 10.76 36.17 -17.33
C CYS D 321 11.44 37.00 -16.25
N ALA D 322 11.28 36.62 -14.99
CA ALA D 322 11.93 37.36 -13.89
C ALA D 322 13.44 37.26 -14.01
N VAL D 323 13.98 36.11 -14.37
CA VAL D 323 15.39 35.87 -14.57
C VAL D 323 15.95 36.83 -15.63
N ASN D 324 15.32 36.74 -16.81
CA ASN D 324 15.74 37.57 -17.94
C ASN D 324 15.55 39.06 -17.67
N LYS D 325 14.44 39.42 -17.03
CA LYS D 325 14.17 40.80 -16.70
C LYS D 325 15.31 41.36 -15.85
N ASP D 326 15.64 40.66 -14.76
CA ASP D 326 16.69 41.10 -13.86
C ASP D 326 18.08 41.11 -14.50
N LEU D 327 18.52 39.98 -15.04
CA LEU D 327 19.85 39.90 -15.65
C LEU D 327 19.99 40.86 -16.83
N GLY D 328 18.94 41.03 -17.62
CA GLY D 328 18.95 41.92 -18.76
C GLY D 328 19.62 41.43 -20.02
N TRP D 329 20.07 40.18 -20.04
CA TRP D 329 20.71 39.68 -21.26
C TRP D 329 19.71 39.75 -22.41
N ASP D 330 20.24 39.88 -23.64
CA ASP D 330 19.40 39.95 -24.84
C ASP D 330 18.58 38.68 -24.97
N PRO D 331 17.26 38.82 -24.91
CA PRO D 331 16.35 37.69 -25.03
C PRO D 331 16.57 36.80 -26.23
N SER D 332 16.94 37.32 -27.39
CA SER D 332 17.15 36.54 -28.60
C SER D 332 18.23 35.46 -28.51
N ILE D 333 19.18 35.55 -27.60
CA ILE D 333 20.23 34.55 -27.44
C ILE D 333 19.98 33.62 -26.26
N VAL D 334 18.78 33.60 -25.71
CA VAL D 334 18.39 32.77 -24.57
C VAL D 334 17.35 31.73 -24.93
N ASN D 335 17.65 30.45 -24.86
CA ASN D 335 16.75 29.35 -25.18
C ASN D 335 16.31 29.46 -26.63
N VAL D 336 17.31 29.74 -27.48
CA VAL D 336 17.09 29.91 -28.91
C VAL D 336 16.30 28.76 -29.54
N ASN D 337 16.54 27.52 -29.07
CA ASN D 337 15.79 26.41 -29.59
C ASN D 337 14.60 26.02 -28.71
N GLY D 338 14.10 26.95 -27.86
CA GLY D 338 12.94 26.54 -27.05
C GLY D 338 13.43 26.12 -25.65
N GLY D 339 12.59 25.96 -24.67
CA GLY D 339 13.06 25.57 -23.35
C GLY D 339 12.19 24.44 -22.77
N ALA D 340 12.37 24.17 -21.50
CA ALA D 340 11.71 23.16 -20.71
C ALA D 340 10.19 23.23 -20.74
N ILE D 341 9.57 24.40 -20.96
CA ILE D 341 8.12 24.44 -21.05
C ILE D 341 7.71 23.57 -22.24
N ALA D 342 8.38 23.73 -23.38
CA ALA D 342 8.09 22.88 -24.54
C ALA D 342 8.81 21.52 -24.46
N ILE D 343 10.15 21.60 -24.27
CA ILE D 343 10.95 20.38 -24.23
C ILE D 343 10.68 19.37 -23.12
N GLY D 344 10.48 19.86 -21.92
CA GLY D 344 10.20 19.00 -20.77
C GLY D 344 11.20 19.30 -19.65
N HIS D 345 10.94 18.75 -18.48
CA HIS D 345 11.81 18.97 -17.33
C HIS D 345 12.11 17.79 -16.44
N PRO D 346 12.88 16.83 -16.93
CA PRO D 346 13.22 15.59 -16.19
C PRO D 346 14.24 16.03 -15.14
N ILE D 347 13.64 16.42 -13.98
CA ILE D 347 14.38 17.07 -12.92
C ILE D 347 15.86 16.83 -12.86
N GLY D 348 16.26 15.62 -12.44
CA GLY D 348 17.67 15.32 -12.24
C GLY D 348 18.52 15.35 -13.49
N ALA D 349 17.92 15.30 -14.67
CA ALA D 349 18.60 15.32 -15.94
C ALA D 349 18.60 16.72 -16.58
N SER D 350 17.58 17.52 -16.33
CA SER D 350 17.48 18.84 -16.91
C SER D 350 18.74 19.73 -16.96
N GLY D 351 19.55 19.82 -15.95
CA GLY D 351 20.76 20.68 -16.00
C GLY D 351 21.74 20.23 -17.06
N ALA D 352 21.79 18.91 -17.31
CA ALA D 352 22.67 18.37 -18.34
C ALA D 352 21.95 18.46 -19.69
N ARG D 353 20.63 18.50 -19.64
CA ARG D 353 19.89 18.52 -20.94
C ARG D 353 20.10 19.90 -21.55
N ILE D 354 19.97 20.94 -20.73
CA ILE D 354 20.18 22.30 -21.18
C ILE D 354 21.68 22.55 -21.48
N LEU D 355 22.59 21.73 -20.98
CA LEU D 355 24.02 21.95 -21.31
C LEU D 355 24.27 21.39 -22.71
N ASN D 356 23.65 20.26 -23.04
CA ASN D 356 23.71 19.66 -24.35
C ASN D 356 23.18 20.65 -25.39
N THR D 357 21.96 21.17 -25.19
CA THR D 357 21.41 22.12 -26.15
C THR D 357 22.36 23.32 -26.28
N LEU D 358 22.86 23.88 -25.17
CA LEU D 358 23.82 24.95 -25.26
C LEU D 358 25.05 24.57 -26.12
N LEU D 359 25.64 23.45 -25.75
CA LEU D 359 26.85 22.95 -26.35
C LEU D 359 26.68 22.76 -27.85
N PHE D 360 25.67 22.02 -28.31
CA PHE D 360 25.49 21.82 -29.73
C PHE D 360 25.02 23.06 -30.46
N GLU D 361 24.41 24.03 -29.82
CA GLU D 361 23.97 25.25 -30.50
C GLU D 361 25.19 26.14 -30.71
N MET D 362 26.06 26.19 -29.71
CA MET D 362 27.27 26.97 -29.73
C MET D 362 28.16 26.48 -30.86
N LYS D 363 28.21 25.16 -31.07
CA LYS D 363 29.05 24.67 -32.17
C LYS D 363 28.40 25.02 -33.50
N ARG D 364 27.12 24.73 -33.65
CA ARG D 364 26.33 25.03 -34.83
C ARG D 364 26.33 26.50 -35.27
N ARG D 365 26.24 27.48 -34.38
CA ARG D 365 26.24 28.87 -34.81
C ARG D 365 27.58 29.53 -34.57
N GLY D 366 28.56 28.75 -34.12
CA GLY D 366 29.88 29.32 -33.86
C GLY D 366 29.94 30.34 -32.75
N ALA D 367 29.09 30.23 -31.72
CA ALA D 367 29.13 31.18 -30.61
C ALA D 367 30.33 30.80 -29.75
N ARG D 368 31.02 31.77 -29.19
CA ARG D 368 32.19 31.47 -28.37
C ARG D 368 31.86 31.30 -26.88
N LYS D 369 31.10 32.22 -26.30
CA LYS D 369 30.79 32.20 -24.89
C LYS D 369 29.35 31.84 -24.56
N GLY D 370 29.21 30.89 -23.65
CA GLY D 370 27.90 30.41 -23.26
C GLY D 370 27.70 30.27 -21.76
N LEU D 371 26.44 30.14 -21.35
CA LEU D 371 26.14 29.97 -19.92
C LEU D 371 24.80 29.23 -19.83
N ALA D 372 24.77 28.25 -18.95
CA ALA D 372 23.59 27.43 -18.64
C ALA D 372 23.31 27.69 -17.15
N THR D 373 22.01 27.85 -16.85
CA THR D 373 21.65 28.12 -15.45
C THR D 373 20.30 27.54 -15.12
N LEU D 374 20.08 27.09 -13.87
CA LEU D 374 18.78 26.55 -13.48
C LEU D 374 18.41 27.09 -12.09
N CYS D 375 17.09 27.19 -11.84
CA CYS D 375 16.60 27.57 -10.52
C CYS D 375 16.54 26.24 -9.79
N ILE D 376 16.54 26.08 -8.50
CA ILE D 376 16.50 24.83 -7.76
C ILE D 376 15.54 24.91 -6.56
N GLY D 377 14.64 23.92 -6.41
CA GLY D 377 13.68 23.88 -5.29
C GLY D 377 14.39 23.98 -3.94
N GLY D 378 13.91 24.69 -2.95
CA GLY D 378 14.58 24.85 -1.67
C GLY D 378 15.32 26.22 -1.65
N GLY D 379 15.30 26.86 -2.82
CA GLY D 379 15.87 28.17 -2.96
C GLY D 379 17.35 28.10 -3.27
N MET D 380 17.66 27.78 -4.51
CA MET D 380 19.05 27.68 -4.91
C MET D 380 19.19 27.89 -6.42
N GLY D 381 20.37 28.32 -6.88
CA GLY D 381 20.58 28.46 -8.33
C GLY D 381 21.93 27.82 -8.65
N VAL D 382 22.11 27.33 -9.87
CA VAL D 382 23.40 26.78 -10.32
C VAL D 382 23.69 27.32 -11.74
N ALA D 383 24.93 27.73 -12.01
CA ALA D 383 25.29 28.28 -13.31
C ALA D 383 26.70 27.85 -13.72
N MET D 384 26.89 27.77 -15.03
CA MET D 384 28.22 27.40 -15.52
C MET D 384 28.50 28.18 -16.79
N CYS D 385 29.73 28.65 -16.98
CA CYS D 385 30.10 29.36 -18.20
C CYS D 385 30.99 28.44 -19.05
N ILE D 386 30.70 28.28 -20.33
CA ILE D 386 31.46 27.47 -21.26
C ILE D 386 32.02 28.31 -22.40
N GLU D 387 33.24 28.01 -22.84
CA GLU D 387 33.87 28.79 -23.91
C GLU D 387 34.30 27.82 -24.99
N SER D 388 33.99 28.11 -26.26
CA SER D 388 34.41 27.15 -27.28
C SER D 388 35.91 27.29 -27.52
N LEU D 389 36.46 26.32 -28.22
CA LEU D 389 37.89 26.30 -28.54
C LEU D 389 38.00 26.21 -30.08
S SO4 E . -38.08 -33.65 13.30
O1 SO4 E . -38.70 -32.28 13.30
O2 SO4 E . -36.90 -33.76 14.17
O3 SO4 E . -37.68 -34.07 11.94
O4 SO4 E . -39.12 -34.62 13.83
S SO4 F . -45.83 -9.43 12.68
O1 SO4 F . -46.59 -10.63 12.22
O2 SO4 F . -44.85 -8.97 11.68
O3 SO4 F . -45.20 -9.69 14.00
O4 SO4 F . -46.79 -8.27 12.84
S SO4 G . -14.86 -27.03 26.38
O1 SO4 G . -15.83 -27.34 25.24
O2 SO4 G . -13.46 -27.48 26.03
O3 SO4 G . -15.34 -27.86 27.55
O4 SO4 G . -14.91 -25.63 26.82
N1A ACO H . -10.89 3.24 32.80
C2A ACO H . -9.69 3.90 32.57
N3A ACO H . -9.07 4.10 31.39
C4A ACO H . -9.80 3.55 30.42
C5A ACO H . -11.04 2.86 30.46
C6A ACO H . -11.63 2.69 31.80
N6A ACO H . -12.75 2.08 32.00
N7A ACO H . -11.46 2.46 29.24
C8A ACO H . -10.49 2.91 28.40
N9A ACO H . -9.47 3.57 29.06
C1B ACO H . -8.23 4.16 28.49
C2B ACO H . -7.38 3.07 27.86
O2B ACO H . -6.70 2.38 28.88
C3B ACO H . -6.34 3.94 27.11
O3B ACO H . -5.38 4.39 27.98
P3B ACO H . -3.93 4.75 27.23
O7A ACO H . -3.52 3.46 26.40
O8A ACO H . -4.00 5.93 26.16
O9A ACO H . -2.83 5.00 28.36
C4B ACO H . -7.26 5.04 26.55
O4B ACO H . -8.55 4.99 27.33
C5B ACO H . -7.60 5.06 25.10
O5B ACO H . -8.50 3.97 24.74
P1A ACO H . -7.93 2.93 23.60
O1A ACO H . -6.57 3.43 23.17
O2A ACO H . -7.97 1.46 24.01
O3A ACO H . -8.87 3.20 22.44
P2A ACO H . -8.76 4.12 21.07
O4A ACO H . -8.60 5.61 21.28
O5A ACO H . -7.70 3.65 20.11
O6A ACO H . -10.30 3.77 20.55
CBP ACO H . -12.63 4.09 20.71
CCP ACO H . -11.33 4.05 21.54
CDP ACO H . -12.59 5.19 19.60
CEP ACO H . -13.71 4.47 21.71
CAP ACO H . -12.76 2.63 20.10
OAP ACO H . -12.59 1.61 21.10
C9P ACO H . -14.11 2.38 19.43
O9P ACO H . -14.30 3.05 18.24
N8P ACO H . -14.93 1.54 19.99
C7P ACO H . -16.37 1.64 19.86
C6P ACO H . -16.58 1.65 18.39
C5P ACO H . -17.83 0.98 17.93
O5P ACO H . -18.77 1.79 17.49
N4P ACO H . -18.05 -0.31 17.92
C3P ACO H . -19.32 -0.82 17.20
C2P ACO H . -20.36 0.07 17.88
S1P ACO H . -21.79 0.29 16.80
C ACO H . -23.20 -0.58 17.37
O ACO H . -22.74 -1.42 18.14
CH3 ACO H . -24.56 -0.47 16.97
S SO4 I . -34.59 -33.49 2.61
O1 SO4 I . -34.73 -33.40 1.10
O2 SO4 I . -34.13 -32.16 3.13
O3 SO4 I . -33.60 -34.52 3.01
O4 SO4 I . -35.94 -33.77 3.20
S SO4 J . -50.61 -14.26 3.67
O1 SO4 J . -52.04 -13.82 3.38
O2 SO4 J . -49.78 -13.46 2.76
O3 SO4 J . -50.48 -15.74 3.49
O4 SO4 J . -50.43 -13.93 5.10
S SO4 K . -37.90 -0.84 -16.64
O1 SO4 K . -39.32 -0.94 -17.21
O2 SO4 K . -37.14 -1.85 -17.38
O3 SO4 K . -38.02 -1.22 -15.15
O4 SO4 K . -37.54 0.60 -16.84
N1A ACO L . -13.04 -14.95 -28.62
C2A ACO L . -11.85 -14.26 -28.85
N3A ACO L . -11.05 -13.67 -27.96
C4A ACO L . -11.54 -13.83 -26.74
C5A ACO L . -12.71 -14.51 -26.30
C6A ACO L . -13.54 -15.10 -27.37
N6A ACO L . -14.64 -15.73 -27.12
N7A ACO L . -12.89 -14.44 -24.96
C8A ACO L . -11.81 -13.75 -24.52
N9A ACO L . -10.96 -13.36 -25.56
C1B ACO L . -9.70 -12.56 -25.50
C2B ACO L . -10.01 -11.16 -25.00
O2B ACO L . -10.60 -10.52 -26.11
C3B ACO L . -8.58 -10.65 -24.74
O3B ACO L . -8.00 -10.28 -25.94
P3B ACO L . -6.78 -9.17 -25.69
O7A ACO L . -7.37 -8.11 -24.65
O8A ACO L . -5.55 -9.86 -24.93
O9A ACO L . -6.41 -8.54 -27.11
C4B ACO L . -7.94 -11.90 -24.09
O4B ACO L . -8.84 -13.07 -24.46
C5B ACO L . -7.64 -11.97 -22.63
O5B ACO L . -8.87 -12.09 -21.86
P1A ACO L . -9.16 -10.88 -20.80
O1A ACO L . -7.98 -9.92 -20.96
O2A ACO L . -10.51 -10.22 -20.95
O3A ACO L . -9.05 -11.56 -19.44
P2A ACO L . -7.80 -11.73 -18.37
O4A ACO L . -6.57 -12.40 -18.96
O5A ACO L . -7.39 -10.40 -17.75
O6A ACO L . -8.65 -12.74 -17.36
CBP ACO L . -9.56 -14.87 -16.87
CCP ACO L . -9.20 -13.89 -18.04
CDP ACO L . -8.28 -15.15 -16.01
CEP ACO L . -10.01 -16.12 -17.60
CAP ACO L . -10.68 -14.12 -16.06
OAP ACO L . -11.79 -13.73 -16.90
C9P ACO L . -11.32 -14.97 -14.96
O9P ACO L . -10.46 -15.19 -13.93
N8P ACO L . -12.56 -15.31 -15.18
C7P ACO L . -13.29 -16.39 -14.55
C6P ACO L . -12.81 -16.39 -13.13
C5P ACO L . -13.80 -16.99 -12.19
O5P ACO L . -13.37 -18.13 -11.69
N4P ACO L . -14.96 -16.46 -11.88
C3P ACO L . -15.77 -17.17 -10.76
C2P ACO L . -15.74 -18.63 -11.20
S1P ACO L . -15.91 -19.85 -9.87
C ACO L . -17.55 -20.50 -9.76
O ACO L . -18.30 -19.97 -10.58
CH3 ACO L . -18.06 -21.50 -8.80
N1A ACO M . 25.58 -12.32 20.44
C2A ACO M . 24.35 -12.92 20.66
N3A ACO M . 23.22 -12.76 19.96
C4A ACO M . 23.41 -11.90 18.96
C5A ACO M . 24.57 -11.19 18.57
C6A ACO M . 25.76 -11.44 19.43
N6A ACO M . 26.87 -10.82 19.18
N7A ACO M . 24.38 -10.40 17.48
C8A ACO M . 23.08 -10.60 17.15
N9A ACO M . 22.46 -11.50 18.00
C1B ACO M . 21.04 -11.97 17.99
C2B ACO M . 20.11 -10.79 18.23
O2B ACO M . 20.19 -10.35 19.56
C3B ACO M . 18.77 -11.48 17.90
O3B ACO M . 18.32 -12.26 18.95
P3B ACO M . 16.66 -12.47 18.96
O7A ACO M . 16.06 -10.99 18.76
O8A ACO M . 16.13 -13.31 17.69
O9A ACO M . 16.20 -13.04 20.36
C4B ACO M . 19.15 -12.29 16.64
O4B ACO M . 20.64 -12.32 16.63
C5B ACO M . 18.67 -11.82 15.31
O5B ACO M . 19.42 -10.66 14.85
P1A ACO M . 18.51 -9.32 14.57
O1A ACO M . 17.09 -9.72 14.82
O2A ACO M . 19.06 -8.15 15.35
O3A ACO M . 18.71 -9.16 13.07
P2A ACO M . 17.83 -9.60 11.76
O4A ACO M . 17.53 -11.09 11.66
O5A ACO M . 16.52 -8.84 11.62
O6A ACO M . 18.92 -9.08 10.63
CBP ACO M . 20.99 -9.19 9.50
CCP ACO M . 20.27 -9.56 10.82
CDP ACO M . 20.24 -9.81 8.28
CEP ACO M . 22.36 -9.83 9.64
CAP ACO M . 20.96 -7.62 9.38
OAP ACO M . 21.36 -6.91 10.59
C9P ACO M . 21.82 -7.09 8.24
O9P ACO M . 21.40 -7.21 6.95
N8P ACO M . 22.95 -6.53 8.56
C7P ACO M . 24.05 -6.57 7.58
C6P ACO M . 23.47 -5.80 6.45
C5P ACO M . 24.38 -5.03 5.58
O5P ACO M . 24.88 -5.51 4.48
N4P ACO M . 24.67 -3.77 5.86
C3P ACO M . 25.48 -3.08 4.71
C2P ACO M . 26.63 -4.08 4.53
S1P ACO M . 27.42 -4.02 2.89
C ACO M . 28.92 -3.10 2.94
O ACO M . 29.05 -2.55 3.97
CH3 ACO M . 29.91 -2.69 1.74
N1A ACO N . -0.67 24.55 -24.96
C2A ACO N . -1.90 23.91 -24.78
N3A ACO N . -2.19 23.00 -23.84
C4A ACO N . -1.17 22.77 -23.02
C5A ACO N . 0.14 23.34 -23.05
C6A ACO N . 0.38 24.33 -24.12
N6A ACO N . 1.52 24.90 -24.27
N7A ACO N . 0.93 22.85 -22.05
C8A ACO N . 0.14 21.98 -21.38
N9A ACO N . -1.14 21.91 -21.93
C1B ACO N . -2.28 21.05 -21.49
C2B ACO N . -1.94 19.59 -21.65
O2B ACO N . -2.05 19.32 -23.03
C3B ACO N . -3.12 18.96 -20.89
O3B ACO N . -4.23 18.94 -21.69
P3B ACO N . -5.32 17.75 -21.21
O7A ACO N . -4.44 16.45 -20.91
O8A ACO N . -5.98 18.17 -19.81
O9A ACO N . -6.35 17.53 -22.40
C4B ACO N . -3.22 19.89 -19.66
O4B ACO N . -2.43 21.12 -20.04
C5B ACO N . -2.79 19.40 -18.33
O5B ACO N . -1.33 19.42 -18.21
P1A ACO N . -0.70 17.93 -17.89
O1A ACO N . -1.89 17.04 -17.72
O2A ACO N . 0.32 17.61 -18.96
O3A ACO N . -0.09 18.19 -16.53
P2A ACO N . -0.59 17.93 -14.99
O4A ACO N . -1.86 18.63 -14.59
O5A ACO N . -0.69 16.46 -14.63
O6A ACO N . 0.72 18.63 -14.25
CBP ACO N . 2.04 20.51 -13.69
CCP ACO N . 1.00 19.97 -14.72
CDP ACO N . 1.49 20.50 -12.22
CEP ACO N . 2.23 21.94 -14.19
CAP ACO N . 3.33 19.60 -13.79
OAP ACO N . 3.75 19.45 -15.18
C9P ACO N . 4.50 20.12 -12.97
O9P ACO N . 4.56 20.10 -11.61
N8P ACO N . 5.47 20.62 -13.68
C7P ACO N . 6.45 21.54 -13.11
C6P ACO N . 6.90 20.86 -11.86
C5P ACO N . 8.21 21.30 -11.36
O5P ACO N . 8.32 22.17 -10.39
N4P ACO N . 9.30 20.71 -11.83
C3P ACO N . 10.61 21.11 -11.07
C2P ACO N . 10.36 22.62 -11.00
S1P ACO N . 11.30 23.51 -9.73
C ACO N . 12.70 24.27 -10.45
O ACO N . 12.98 24.03 -11.56
CH3 ACO N . 13.66 25.13 -9.56
#